data_4PXV
# 
_entry.id   4PXV 
# 
_audit_conform.dict_name       mmcif_pdbx.dic 
_audit_conform.dict_version    5.398 
_audit_conform.dict_location   http://mmcif.pdb.org/dictionaries/ascii/mmcif_pdbx.dic 
# 
loop_
_database_2.database_id 
_database_2.database_code 
_database_2.pdbx_database_accession 
_database_2.pdbx_DOI 
PDB   4PXV         pdb_00004pxv 10.2210/pdb4pxv/pdb 
RCSB  RCSB085355   ?            ?                   
WWPDB D_1000085355 ?            ?                   
# 
loop_
_pdbx_audit_revision_history.ordinal 
_pdbx_audit_revision_history.data_content_type 
_pdbx_audit_revision_history.major_revision 
_pdbx_audit_revision_history.minor_revision 
_pdbx_audit_revision_history.revision_date 
1 'Structure model' 1 0 2015-03-25 
2 'Structure model' 1 1 2024-10-30 
# 
_pdbx_audit_revision_details.ordinal             1 
_pdbx_audit_revision_details.revision_ordinal    1 
_pdbx_audit_revision_details.data_content_type   'Structure model' 
_pdbx_audit_revision_details.provider            repository 
_pdbx_audit_revision_details.type                'Initial release' 
_pdbx_audit_revision_details.description         ? 
_pdbx_audit_revision_details.details             ? 
# 
loop_
_pdbx_audit_revision_group.ordinal 
_pdbx_audit_revision_group.revision_ordinal 
_pdbx_audit_revision_group.data_content_type 
_pdbx_audit_revision_group.group 
1 2 'Structure model' 'Data collection'      
2 2 'Structure model' 'Database references'  
3 2 'Structure model' 'Derived calculations' 
4 2 'Structure model' 'Structure summary'    
# 
loop_
_pdbx_audit_revision_category.ordinal 
_pdbx_audit_revision_category.revision_ordinal 
_pdbx_audit_revision_category.data_content_type 
_pdbx_audit_revision_category.category 
1 2 'Structure model' chem_comp_atom            
2 2 'Structure model' chem_comp_bond            
3 2 'Structure model' database_2                
4 2 'Structure model' pdbx_entry_details        
5 2 'Structure model' pdbx_modification_feature 
6 2 'Structure model' pdbx_struct_conn_angle    
7 2 'Structure model' struct_conn               
8 2 'Structure model' struct_ref_seq_dif        
9 2 'Structure model' struct_site               
# 
loop_
_pdbx_audit_revision_item.ordinal 
_pdbx_audit_revision_item.revision_ordinal 
_pdbx_audit_revision_item.data_content_type 
_pdbx_audit_revision_item.item 
1  2 'Structure model' '_database_2.pdbx_DOI'                        
2  2 'Structure model' '_database_2.pdbx_database_accession'         
3  2 'Structure model' '_pdbx_struct_conn_angle.ptnr1_auth_asym_id'  
4  2 'Structure model' '_pdbx_struct_conn_angle.ptnr1_auth_comp_id'  
5  2 'Structure model' '_pdbx_struct_conn_angle.ptnr1_auth_seq_id'   
6  2 'Structure model' '_pdbx_struct_conn_angle.ptnr1_label_asym_id' 
7  2 'Structure model' '_pdbx_struct_conn_angle.ptnr1_label_atom_id' 
8  2 'Structure model' '_pdbx_struct_conn_angle.ptnr1_label_comp_id' 
9  2 'Structure model' '_pdbx_struct_conn_angle.ptnr1_label_seq_id'  
10 2 'Structure model' '_pdbx_struct_conn_angle.ptnr2_auth_asym_id'  
11 2 'Structure model' '_pdbx_struct_conn_angle.ptnr2_auth_seq_id'   
12 2 'Structure model' '_pdbx_struct_conn_angle.ptnr2_label_asym_id' 
13 2 'Structure model' '_pdbx_struct_conn_angle.ptnr3_auth_asym_id'  
14 2 'Structure model' '_pdbx_struct_conn_angle.ptnr3_auth_comp_id'  
15 2 'Structure model' '_pdbx_struct_conn_angle.ptnr3_auth_seq_id'   
16 2 'Structure model' '_pdbx_struct_conn_angle.ptnr3_label_asym_id' 
17 2 'Structure model' '_pdbx_struct_conn_angle.ptnr3_label_atom_id' 
18 2 'Structure model' '_pdbx_struct_conn_angle.ptnr3_label_comp_id' 
19 2 'Structure model' '_pdbx_struct_conn_angle.ptnr3_label_seq_id'  
20 2 'Structure model' '_pdbx_struct_conn_angle.value'               
21 2 'Structure model' '_struct_conn.pdbx_dist_value'                
22 2 'Structure model' '_struct_conn.ptnr1_auth_asym_id'             
23 2 'Structure model' '_struct_conn.ptnr1_auth_comp_id'             
24 2 'Structure model' '_struct_conn.ptnr1_auth_seq_id'              
25 2 'Structure model' '_struct_conn.ptnr1_label_asym_id'            
26 2 'Structure model' '_struct_conn.ptnr1_label_atom_id'            
27 2 'Structure model' '_struct_conn.ptnr1_label_comp_id'            
28 2 'Structure model' '_struct_conn.ptnr1_label_seq_id'             
29 2 'Structure model' '_struct_conn.ptnr2_auth_asym_id'             
30 2 'Structure model' '_struct_conn.ptnr2_auth_comp_id'             
31 2 'Structure model' '_struct_conn.ptnr2_auth_seq_id'              
32 2 'Structure model' '_struct_conn.ptnr2_label_asym_id'            
33 2 'Structure model' '_struct_conn.ptnr2_label_atom_id'            
34 2 'Structure model' '_struct_conn.ptnr2_label_comp_id'            
35 2 'Structure model' '_struct_conn.ptnr2_label_seq_id'             
36 2 'Structure model' '_struct_ref_seq_dif.details'                 
37 2 'Structure model' '_struct_site.pdbx_auth_asym_id'              
38 2 'Structure model' '_struct_site.pdbx_auth_comp_id'              
39 2 'Structure model' '_struct_site.pdbx_auth_seq_id'               
# 
_pdbx_database_status.status_code                     REL 
_pdbx_database_status.entry_id                        4PXV 
_pdbx_database_status.recvd_initial_deposition_date   2014-03-25 
_pdbx_database_status.deposit_site                    RCSB 
_pdbx_database_status.process_site                    PDBJ 
_pdbx_database_status.methods_development_category    ? 
_pdbx_database_status.status_code_sf                  REL 
_pdbx_database_status.status_code_mr                  ? 
_pdbx_database_status.SG_entry                        ? 
_pdbx_database_status.status_code_cs                  ? 
_pdbx_database_status.pdb_format_compatible           Y 
_pdbx_database_status.status_code_nmr_data            ? 
# 
loop_
_audit_author.name 
_audit_author.pdbx_ordinal 
'Ohnuma, T.'   1 
'Umemoto, N.'  2 
'Numata, T.'   3 
'Fukamizo, T.' 4 
# 
_citation.id                        primary 
_citation.title                     'Crystal Structure of LysM domain from pteris ryukyuensis chitinase A' 
_citation.journal_abbrev            'To be Published' 
_citation.journal_volume            ? 
_citation.page_first                ? 
_citation.page_last                 ? 
_citation.year                      ? 
_citation.journal_id_ASTM           ? 
_citation.country                   ? 
_citation.journal_id_ISSN           ? 
_citation.journal_id_CSD            0353 
_citation.book_publisher            ? 
_citation.pdbx_database_id_PubMed   ? 
_citation.pdbx_database_id_DOI      ? 
# 
loop_
_citation_author.citation_id 
_citation_author.name 
_citation_author.ordinal 
_citation_author.identifier_ORCID 
primary 'Ohnuma, T.'   1 ? 
primary 'Numata, T.'   2 ? 
primary 'Taira, T.'    3 ? 
primary 'Fukamizo, T.' 4 ? 
# 
loop_
_entity.id 
_entity.type 
_entity.src_method 
_entity.pdbx_description 
_entity.formula_weight 
_entity.pdbx_number_of_molecules 
_entity.pdbx_ec 
_entity.pdbx_mutation 
_entity.pdbx_fragment 
_entity.details 
1 polymer     man 'Chitinase A' 5295.958 4   ? ? 'LysM domain, UNP RESIDUES 88-135' ? 
2 non-polymer syn 'ZINC ION'    65.409   4   ? ? ?                                  ? 
3 water       nat water         18.015   165 ? ? ?                                  ? 
# 
_entity_poly.entity_id                      1 
_entity_poly.type                           'polypeptide(L)' 
_entity_poly.nstd_linkage                   no 
_entity_poly.nstd_monomer                   no 
_entity_poly.pdbx_seq_one_letter_code       MCTTYTIKSGDTCYAISQARGISLSDFESWNAGIDCNNLQIGQVVCVSK 
_entity_poly.pdbx_seq_one_letter_code_can   MCTTYTIKSGDTCYAISQARGISLSDFESWNAGIDCNNLQIGQVVCVSK 
_entity_poly.pdbx_strand_id                 A,B,C,D 
_entity_poly.pdbx_target_identifier         ? 
# 
loop_
_pdbx_entity_nonpoly.entity_id 
_pdbx_entity_nonpoly.name 
_pdbx_entity_nonpoly.comp_id 
2 'ZINC ION' ZN  
3 water      HOH 
# 
loop_
_entity_poly_seq.entity_id 
_entity_poly_seq.num 
_entity_poly_seq.mon_id 
_entity_poly_seq.hetero 
1 1  MET n 
1 2  CYS n 
1 3  THR n 
1 4  THR n 
1 5  TYR n 
1 6  THR n 
1 7  ILE n 
1 8  LYS n 
1 9  SER n 
1 10 GLY n 
1 11 ASP n 
1 12 THR n 
1 13 CYS n 
1 14 TYR n 
1 15 ALA n 
1 16 ILE n 
1 17 SER n 
1 18 GLN n 
1 19 ALA n 
1 20 ARG n 
1 21 GLY n 
1 22 ILE n 
1 23 SER n 
1 24 LEU n 
1 25 SER n 
1 26 ASP n 
1 27 PHE n 
1 28 GLU n 
1 29 SER n 
1 30 TRP n 
1 31 ASN n 
1 32 ALA n 
1 33 GLY n 
1 34 ILE n 
1 35 ASP n 
1 36 CYS n 
1 37 ASN n 
1 38 ASN n 
1 39 LEU n 
1 40 GLN n 
1 41 ILE n 
1 42 GLY n 
1 43 GLN n 
1 44 VAL n 
1 45 VAL n 
1 46 CYS n 
1 47 VAL n 
1 48 SER n 
1 49 LYS n 
# 
_entity_src_gen.entity_id                          1 
_entity_src_gen.pdbx_src_id                        1 
_entity_src_gen.pdbx_alt_source_flag               sample 
_entity_src_gen.pdbx_seq_type                      ? 
_entity_src_gen.pdbx_beg_seq_num                   ? 
_entity_src_gen.pdbx_end_seq_num                   ? 
_entity_src_gen.gene_src_common_name               ? 
_entity_src_gen.gene_src_genus                     ? 
_entity_src_gen.pdbx_gene_src_gene                 prchiA 
_entity_src_gen.gene_src_species                   ? 
_entity_src_gen.gene_src_strain                    ? 
_entity_src_gen.gene_src_tissue                    ? 
_entity_src_gen.gene_src_tissue_fraction           ? 
_entity_src_gen.gene_src_details                   ? 
_entity_src_gen.pdbx_gene_src_fragment             ? 
_entity_src_gen.pdbx_gene_src_scientific_name      'Pteris ryukyuensis' 
_entity_src_gen.pdbx_gene_src_ncbi_taxonomy_id     367335 
_entity_src_gen.pdbx_gene_src_variant              ? 
_entity_src_gen.pdbx_gene_src_cell_line            ? 
_entity_src_gen.pdbx_gene_src_atcc                 ? 
_entity_src_gen.pdbx_gene_src_organ                ? 
_entity_src_gen.pdbx_gene_src_organelle            ? 
_entity_src_gen.pdbx_gene_src_cell                 ? 
_entity_src_gen.pdbx_gene_src_cellular_location    ? 
_entity_src_gen.host_org_common_name               ? 
_entity_src_gen.pdbx_host_org_scientific_name      'Escherichia coli' 
_entity_src_gen.pdbx_host_org_ncbi_taxonomy_id     562 
_entity_src_gen.host_org_genus                     ? 
_entity_src_gen.pdbx_host_org_gene                 ? 
_entity_src_gen.pdbx_host_org_organ                ? 
_entity_src_gen.host_org_species                   ? 
_entity_src_gen.pdbx_host_org_tissue               ? 
_entity_src_gen.pdbx_host_org_tissue_fraction      ? 
_entity_src_gen.pdbx_host_org_strain               'BL21(DE3)' 
_entity_src_gen.pdbx_host_org_variant              ? 
_entity_src_gen.pdbx_host_org_cell_line            ? 
_entity_src_gen.pdbx_host_org_atcc                 ? 
_entity_src_gen.pdbx_host_org_culture_collection   ? 
_entity_src_gen.pdbx_host_org_cell                 ? 
_entity_src_gen.pdbx_host_org_organelle            ? 
_entity_src_gen.pdbx_host_org_cellular_location    ? 
_entity_src_gen.pdbx_host_org_vector_type          plasmid 
_entity_src_gen.pdbx_host_org_vector               ? 
_entity_src_gen.host_org_details                   ? 
_entity_src_gen.expression_system_id               ? 
_entity_src_gen.plasmid_name                       pET-22b 
_entity_src_gen.plasmid_details                    ? 
_entity_src_gen.pdbx_description                   ? 
# 
loop_
_chem_comp.id 
_chem_comp.type 
_chem_comp.mon_nstd_flag 
_chem_comp.name 
_chem_comp.pdbx_synonyms 
_chem_comp.formula 
_chem_comp.formula_weight 
ALA 'L-peptide linking' y ALANINE         ? 'C3 H7 N O2'     89.093  
ARG 'L-peptide linking' y ARGININE        ? 'C6 H15 N4 O2 1' 175.209 
ASN 'L-peptide linking' y ASPARAGINE      ? 'C4 H8 N2 O3'    132.118 
ASP 'L-peptide linking' y 'ASPARTIC ACID' ? 'C4 H7 N O4'     133.103 
CYS 'L-peptide linking' y CYSTEINE        ? 'C3 H7 N O2 S'   121.158 
GLN 'L-peptide linking' y GLUTAMINE       ? 'C5 H10 N2 O3'   146.144 
GLU 'L-peptide linking' y 'GLUTAMIC ACID' ? 'C5 H9 N O4'     147.129 
GLY 'peptide linking'   y GLYCINE         ? 'C2 H5 N O2'     75.067  
HOH non-polymer         . WATER           ? 'H2 O'           18.015  
ILE 'L-peptide linking' y ISOLEUCINE      ? 'C6 H13 N O2'    131.173 
LEU 'L-peptide linking' y LEUCINE         ? 'C6 H13 N O2'    131.173 
LYS 'L-peptide linking' y LYSINE          ? 'C6 H15 N2 O2 1' 147.195 
MET 'L-peptide linking' y METHIONINE      ? 'C5 H11 N O2 S'  149.211 
PHE 'L-peptide linking' y PHENYLALANINE   ? 'C9 H11 N O2'    165.189 
SER 'L-peptide linking' y SERINE          ? 'C3 H7 N O3'     105.093 
THR 'L-peptide linking' y THREONINE       ? 'C4 H9 N O3'     119.119 
TRP 'L-peptide linking' y TRYPTOPHAN      ? 'C11 H12 N2 O2'  204.225 
TYR 'L-peptide linking' y TYROSINE        ? 'C9 H11 N O3'    181.189 
VAL 'L-peptide linking' y VALINE          ? 'C5 H11 N O2'    117.146 
ZN  non-polymer         . 'ZINC ION'      ? 'Zn 2'           65.409  
# 
loop_
_pdbx_poly_seq_scheme.asym_id 
_pdbx_poly_seq_scheme.entity_id 
_pdbx_poly_seq_scheme.seq_id 
_pdbx_poly_seq_scheme.mon_id 
_pdbx_poly_seq_scheme.ndb_seq_num 
_pdbx_poly_seq_scheme.pdb_seq_num 
_pdbx_poly_seq_scheme.auth_seq_num 
_pdbx_poly_seq_scheme.pdb_mon_id 
_pdbx_poly_seq_scheme.auth_mon_id 
_pdbx_poly_seq_scheme.pdb_strand_id 
_pdbx_poly_seq_scheme.pdb_ins_code 
_pdbx_poly_seq_scheme.hetero 
A 1 1  MET 1  1  ?  ?   ?   A . n 
A 1 2  CYS 2  2  2  CYS CYS A . n 
A 1 3  THR 3  3  3  THR THR A . n 
A 1 4  THR 4  4  4  THR THR A . n 
A 1 5  TYR 5  5  5  TYR TYR A . n 
A 1 6  THR 6  6  6  THR THR A . n 
A 1 7  ILE 7  7  7  ILE ILE A . n 
A 1 8  LYS 8  8  8  LYS ALA A . n 
A 1 9  SER 9  9  9  SER SER A . n 
A 1 10 GLY 10 10 10 GLY GLY A . n 
A 1 11 ASP 11 11 11 ASP ASP A . n 
A 1 12 THR 12 12 12 THR THR A . n 
A 1 13 CYS 13 13 13 CYS CYS A . n 
A 1 14 TYR 14 14 14 TYR TYR A . n 
A 1 15 ALA 15 15 15 ALA ALA A . n 
A 1 16 ILE 16 16 16 ILE ILE A . n 
A 1 17 SER 17 17 17 SER SER A . n 
A 1 18 GLN 18 18 18 GLN GLN A . n 
A 1 19 ALA 19 19 19 ALA ALA A . n 
A 1 20 ARG 20 20 20 ARG ARG A . n 
A 1 21 GLY 21 21 21 GLY GLY A . n 
A 1 22 ILE 22 22 22 ILE ILE A . n 
A 1 23 SER 23 23 23 SER SER A . n 
A 1 24 LEU 24 24 24 LEU LEU A . n 
A 1 25 SER 25 25 25 SER SER A . n 
A 1 26 ASP 26 26 26 ASP ASP A . n 
A 1 27 PHE 27 27 27 PHE PHE A . n 
A 1 28 GLU 28 28 28 GLU GLU A . n 
A 1 29 SER 29 29 29 SER SER A . n 
A 1 30 TRP 30 30 30 TRP TRP A . n 
A 1 31 ASN 31 31 31 ASN ASN A . n 
A 1 32 ALA 32 32 32 ALA ALA A . n 
A 1 33 GLY 33 33 33 GLY GLY A . n 
A 1 34 ILE 34 34 34 ILE ILE A . n 
A 1 35 ASP 35 35 35 ASP ASP A . n 
A 1 36 CYS 36 36 36 CYS CYS A . n 
A 1 37 ASN 37 37 37 ASN ASN A . n 
A 1 38 ASN 38 38 38 ASN ASN A . n 
A 1 39 LEU 39 39 39 LEU LEU A . n 
A 1 40 GLN 40 40 40 GLN GLN A . n 
A 1 41 ILE 41 41 41 ILE ILE A . n 
A 1 42 GLY 42 42 42 GLY GLY A . n 
A 1 43 GLN 43 43 43 GLN GLN A . n 
A 1 44 VAL 44 44 44 VAL VAL A . n 
A 1 45 VAL 45 45 45 VAL VAL A . n 
A 1 46 CYS 46 46 46 CYS CYS A . n 
A 1 47 VAL 47 47 47 VAL VAL A . n 
A 1 48 SER 48 48 48 SER SER A . n 
A 1 49 LYS 49 49 ?  ?   ?   A . n 
B 1 1  MET 1  1  ?  ?   ?   B . n 
B 1 2  CYS 2  2  2  CYS CYS B . n 
B 1 3  THR 3  3  3  THR THR B . n 
B 1 4  THR 4  4  4  THR THR B . n 
B 1 5  TYR 5  5  5  TYR TYR B . n 
B 1 6  THR 6  6  6  THR THR B . n 
B 1 7  ILE 7  7  7  ILE ILE B . n 
B 1 8  LYS 8  8  8  LYS LYS B . n 
B 1 9  SER 9  9  9  SER SER B . n 
B 1 10 GLY 10 10 10 GLY GLY B . n 
B 1 11 ASP 11 11 11 ASP ASP B . n 
B 1 12 THR 12 12 12 THR THR B . n 
B 1 13 CYS 13 13 13 CYS CYS B . n 
B 1 14 TYR 14 14 14 TYR TYR B . n 
B 1 15 ALA 15 15 15 ALA ALA B . n 
B 1 16 ILE 16 16 16 ILE ILE B . n 
B 1 17 SER 17 17 17 SER SER B . n 
B 1 18 GLN 18 18 18 GLN GLN B . n 
B 1 19 ALA 19 19 19 ALA ALA B . n 
B 1 20 ARG 20 20 20 ARG ARG B . n 
B 1 21 GLY 21 21 21 GLY GLY B . n 
B 1 22 ILE 22 22 22 ILE ILE B . n 
B 1 23 SER 23 23 23 SER SER B . n 
B 1 24 LEU 24 24 24 LEU LEU B . n 
B 1 25 SER 25 25 25 SER SER B . n 
B 1 26 ASP 26 26 26 ASP ASP B . n 
B 1 27 PHE 27 27 27 PHE PHE B . n 
B 1 28 GLU 28 28 28 GLU GLU B . n 
B 1 29 SER 29 29 29 SER SER B . n 
B 1 30 TRP 30 30 30 TRP TRP B . n 
B 1 31 ASN 31 31 31 ASN ASN B . n 
B 1 32 ALA 32 32 32 ALA ALA B . n 
B 1 33 GLY 33 33 33 GLY GLY B . n 
B 1 34 ILE 34 34 34 ILE ILE B . n 
B 1 35 ASP 35 35 35 ASP ASP B . n 
B 1 36 CYS 36 36 36 CYS CYS B . n 
B 1 37 ASN 37 37 37 ASN ASN B . n 
B 1 38 ASN 38 38 38 ASN ASN B . n 
B 1 39 LEU 39 39 39 LEU LEU B . n 
B 1 40 GLN 40 40 40 GLN GLN B . n 
B 1 41 ILE 41 41 41 ILE ILE B . n 
B 1 42 GLY 42 42 42 GLY GLY B . n 
B 1 43 GLN 43 43 43 GLN GLN B . n 
B 1 44 VAL 44 44 44 VAL VAL B . n 
B 1 45 VAL 45 45 45 VAL VAL B . n 
B 1 46 CYS 46 46 46 CYS CYS B . n 
B 1 47 VAL 47 47 47 VAL VAL B . n 
B 1 48 SER 48 48 48 SER SER B . n 
B 1 49 LYS 49 49 ?  ?   ?   B . n 
C 1 1  MET 1  1  ?  ?   ?   C . n 
C 1 2  CYS 2  2  2  CYS CYS C . n 
C 1 3  THR 3  3  3  THR THR C . n 
C 1 4  THR 4  4  4  THR THR C . n 
C 1 5  TYR 5  5  5  TYR TYR C . n 
C 1 6  THR 6  6  6  THR THR C . n 
C 1 7  ILE 7  7  7  ILE ILE C . n 
C 1 8  LYS 8  8  8  LYS ALA C . n 
C 1 9  SER 9  9  9  SER SER C . n 
C 1 10 GLY 10 10 10 GLY GLY C . n 
C 1 11 ASP 11 11 11 ASP ASP C . n 
C 1 12 THR 12 12 12 THR THR C . n 
C 1 13 CYS 13 13 13 CYS CYS C . n 
C 1 14 TYR 14 14 14 TYR TYR C . n 
C 1 15 ALA 15 15 15 ALA ALA C . n 
C 1 16 ILE 16 16 16 ILE ILE C . n 
C 1 17 SER 17 17 17 SER SER C . n 
C 1 18 GLN 18 18 18 GLN ALA C . n 
C 1 19 ALA 19 19 19 ALA ALA C . n 
C 1 20 ARG 20 20 20 ARG ARG C . n 
C 1 21 GLY 21 21 21 GLY GLY C . n 
C 1 22 ILE 22 22 22 ILE ILE C . n 
C 1 23 SER 23 23 23 SER SER C . n 
C 1 24 LEU 24 24 24 LEU LEU C . n 
C 1 25 SER 25 25 25 SER SER C . n 
C 1 26 ASP 26 26 26 ASP ASP C . n 
C 1 27 PHE 27 27 27 PHE PHE C . n 
C 1 28 GLU 28 28 28 GLU GLU C . n 
C 1 29 SER 29 29 29 SER SER C . n 
C 1 30 TRP 30 30 30 TRP TRP C . n 
C 1 31 ASN 31 31 31 ASN ASN C . n 
C 1 32 ALA 32 32 32 ALA ALA C . n 
C 1 33 GLY 33 33 33 GLY GLY C . n 
C 1 34 ILE 34 34 34 ILE ILE C . n 
C 1 35 ASP 35 35 35 ASP ASP C . n 
C 1 36 CYS 36 36 36 CYS CYS C . n 
C 1 37 ASN 37 37 37 ASN ASN C . n 
C 1 38 ASN 38 38 38 ASN ASN C . n 
C 1 39 LEU 39 39 39 LEU LEU C . n 
C 1 40 GLN 40 40 40 GLN GLN C . n 
C 1 41 ILE 41 41 41 ILE ILE C . n 
C 1 42 GLY 42 42 42 GLY GLY C . n 
C 1 43 GLN 43 43 43 GLN GLN C . n 
C 1 44 VAL 44 44 44 VAL VAL C . n 
C 1 45 VAL 45 45 45 VAL VAL C . n 
C 1 46 CYS 46 46 46 CYS CYS C . n 
C 1 47 VAL 47 47 47 VAL VAL C . n 
C 1 48 SER 48 48 48 SER SER C . n 
C 1 49 LYS 49 49 49 LYS ALA C . n 
D 1 1  MET 1  1  ?  ?   ?   D . n 
D 1 2  CYS 2  2  2  CYS CYS D . n 
D 1 3  THR 3  3  3  THR THR D . n 
D 1 4  THR 4  4  4  THR THR D . n 
D 1 5  TYR 5  5  5  TYR TYR D . n 
D 1 6  THR 6  6  6  THR THR D . n 
D 1 7  ILE 7  7  7  ILE ILE D . n 
D 1 8  LYS 8  8  8  LYS ALA D . n 
D 1 9  SER 9  9  9  SER SER D . n 
D 1 10 GLY 10 10 10 GLY GLY D . n 
D 1 11 ASP 11 11 11 ASP ASP D . n 
D 1 12 THR 12 12 12 THR THR D . n 
D 1 13 CYS 13 13 13 CYS CYS D . n 
D 1 14 TYR 14 14 14 TYR TYR D . n 
D 1 15 ALA 15 15 15 ALA ALA D . n 
D 1 16 ILE 16 16 16 ILE ILE D . n 
D 1 17 SER 17 17 17 SER SER D . n 
D 1 18 GLN 18 18 18 GLN ALA D . n 
D 1 19 ALA 19 19 19 ALA ALA D . n 
D 1 20 ARG 20 20 20 ARG ARG D . n 
D 1 21 GLY 21 21 21 GLY GLY D . n 
D 1 22 ILE 22 22 22 ILE ILE D . n 
D 1 23 SER 23 23 23 SER SER D . n 
D 1 24 LEU 24 24 24 LEU LEU D . n 
D 1 25 SER 25 25 25 SER SER D . n 
D 1 26 ASP 26 26 26 ASP ASP D . n 
D 1 27 PHE 27 27 27 PHE PHE D . n 
D 1 28 GLU 28 28 28 GLU GLU D . n 
D 1 29 SER 29 29 29 SER SER D . n 
D 1 30 TRP 30 30 30 TRP TRP D . n 
D 1 31 ASN 31 31 31 ASN ASN D . n 
D 1 32 ALA 32 32 32 ALA ALA D . n 
D 1 33 GLY 33 33 33 GLY GLY D . n 
D 1 34 ILE 34 34 34 ILE ILE D . n 
D 1 35 ASP 35 35 35 ASP ASP D . n 
D 1 36 CYS 36 36 36 CYS CYS D . n 
D 1 37 ASN 37 37 37 ASN ASN D . n 
D 1 38 ASN 38 38 38 ASN ASN D . n 
D 1 39 LEU 39 39 39 LEU LEU D . n 
D 1 40 GLN 40 40 40 GLN GLN D . n 
D 1 41 ILE 41 41 41 ILE ILE D . n 
D 1 42 GLY 42 42 42 GLY GLY D . n 
D 1 43 GLN 43 43 43 GLN GLN D . n 
D 1 44 VAL 44 44 44 VAL VAL D . n 
D 1 45 VAL 45 45 45 VAL VAL D . n 
D 1 46 CYS 46 46 46 CYS CYS D . n 
D 1 47 VAL 47 47 47 VAL VAL D . n 
D 1 48 SER 48 48 48 SER SER D . n 
D 1 49 LYS 49 49 ?  ?   ?   D . n 
# 
loop_
_pdbx_nonpoly_scheme.asym_id 
_pdbx_nonpoly_scheme.entity_id 
_pdbx_nonpoly_scheme.mon_id 
_pdbx_nonpoly_scheme.ndb_seq_num 
_pdbx_nonpoly_scheme.pdb_seq_num 
_pdbx_nonpoly_scheme.auth_seq_num 
_pdbx_nonpoly_scheme.pdb_mon_id 
_pdbx_nonpoly_scheme.auth_mon_id 
_pdbx_nonpoly_scheme.pdb_strand_id 
_pdbx_nonpoly_scheme.pdb_ins_code 
E 2 ZN  1  101 2   ZN  ZN  A . 
F 2 ZN  1  102 3   ZN  ZN  A . 
G 2 ZN  1  101 4   ZN  ZN  B . 
H 2 ZN  1  101 1   ZN  ZN  D . 
I 3 HOH 1  201 1   HOH HOH A . 
I 3 HOH 2  202 2   HOH HOH A . 
I 3 HOH 3  203 4   HOH HOH A . 
I 3 HOH 4  204 9   HOH HOH A . 
I 3 HOH 5  205 14  HOH HOH A . 
I 3 HOH 6  206 17  HOH HOH A . 
I 3 HOH 7  207 19  HOH HOH A . 
I 3 HOH 8  208 21  HOH HOH A . 
I 3 HOH 9  209 22  HOH HOH A . 
I 3 HOH 10 210 27  HOH HOH A . 
I 3 HOH 11 211 30  HOH HOH A . 
I 3 HOH 12 212 35  HOH HOH A . 
I 3 HOH 13 213 39  HOH HOH A . 
I 3 HOH 14 214 40  HOH HOH A . 
I 3 HOH 15 215 44  HOH HOH A . 
I 3 HOH 16 216 48  HOH HOH A . 
I 3 HOH 17 217 49  HOH HOH A . 
I 3 HOH 18 218 53  HOH HOH A . 
I 3 HOH 19 219 57  HOH HOH A . 
I 3 HOH 20 220 58  HOH HOH A . 
I 3 HOH 21 221 66  HOH HOH A . 
I 3 HOH 22 222 80  HOH HOH A . 
I 3 HOH 23 223 82  HOH HOH A . 
I 3 HOH 24 224 83  HOH HOH A . 
I 3 HOH 25 225 84  HOH HOH A . 
I 3 HOH 26 226 86  HOH HOH A . 
I 3 HOH 27 227 88  HOH HOH A . 
I 3 HOH 28 228 94  HOH HOH A . 
I 3 HOH 29 229 95  HOH HOH A . 
I 3 HOH 30 230 102 HOH HOH A . 
I 3 HOH 31 231 105 HOH HOH A . 
I 3 HOH 32 232 108 HOH HOH A . 
I 3 HOH 33 233 109 HOH HOH A . 
I 3 HOH 34 234 111 HOH HOH A . 
I 3 HOH 35 235 112 HOH HOH A . 
I 3 HOH 36 236 121 HOH HOH A . 
I 3 HOH 37 237 122 HOH HOH A . 
I 3 HOH 38 238 124 HOH HOH A . 
I 3 HOH 39 239 127 HOH HOH A . 
I 3 HOH 40 240 128 HOH HOH A . 
I 3 HOH 41 241 129 HOH HOH A . 
I 3 HOH 42 242 131 HOH HOH A . 
I 3 HOH 43 243 132 HOH HOH A . 
I 3 HOH 44 244 133 HOH HOH A . 
I 3 HOH 45 245 137 HOH HOH A . 
I 3 HOH 46 246 141 HOH HOH A . 
I 3 HOH 47 247 144 HOH HOH A . 
I 3 HOH 48 248 147 HOH HOH A . 
I 3 HOH 49 249 149 HOH HOH A . 
I 3 HOH 50 250 154 HOH HOH A . 
I 3 HOH 51 251 159 HOH HOH A . 
J 3 HOH 1  201 123 HOH HOH B . 
J 3 HOH 2  202 15  HOH HOH B . 
J 3 HOH 3  203 16  HOH HOH B . 
J 3 HOH 4  204 26  HOH HOH B . 
J 3 HOH 5  205 32  HOH HOH B . 
J 3 HOH 6  206 36  HOH HOH B . 
J 3 HOH 7  207 38  HOH HOH B . 
J 3 HOH 8  208 41  HOH HOH B . 
J 3 HOH 9  209 47  HOH HOH B . 
J 3 HOH 10 210 63  HOH HOH B . 
J 3 HOH 11 211 64  HOH HOH B . 
J 3 HOH 12 212 71  HOH HOH B . 
J 3 HOH 13 213 72  HOH HOH B . 
J 3 HOH 14 214 77  HOH HOH B . 
J 3 HOH 15 215 85  HOH HOH B . 
J 3 HOH 16 216 89  HOH HOH B . 
J 3 HOH 17 217 96  HOH HOH B . 
J 3 HOH 18 218 97  HOH HOH B . 
J 3 HOH 19 219 114 HOH HOH B . 
J 3 HOH 20 220 116 HOH HOH B . 
J 3 HOH 21 221 119 HOH HOH B . 
J 3 HOH 22 222 120 HOH HOH B . 
J 3 HOH 23 223 126 HOH HOH B . 
J 3 HOH 24 224 135 HOH HOH B . 
J 3 HOH 25 225 139 HOH HOH B . 
J 3 HOH 26 226 142 HOH HOH B . 
J 3 HOH 27 227 148 HOH HOH B . 
J 3 HOH 28 228 150 HOH HOH B . 
J 3 HOH 29 229 152 HOH HOH B . 
J 3 HOH 30 230 156 HOH HOH B . 
J 3 HOH 31 231 157 HOH HOH B . 
J 3 HOH 32 232 158 HOH HOH B . 
J 3 HOH 33 233 160 HOH HOH B . 
J 3 HOH 34 234 161 HOH HOH B . 
J 3 HOH 35 235 162 HOH HOH B . 
J 3 HOH 36 236 163 HOH HOH B . 
J 3 HOH 37 237 164 HOH HOH B . 
K 3 HOH 1  101 5   HOH HOH C . 
K 3 HOH 2  102 7   HOH HOH C . 
K 3 HOH 3  103 8   HOH HOH C . 
K 3 HOH 4  104 11  HOH HOH C . 
K 3 HOH 5  105 20  HOH HOH C . 
K 3 HOH 6  106 23  HOH HOH C . 
K 3 HOH 7  107 29  HOH HOH C . 
K 3 HOH 8  108 33  HOH HOH C . 
K 3 HOH 9  109 45  HOH HOH C . 
K 3 HOH 10 110 50  HOH HOH C . 
K 3 HOH 11 111 51  HOH HOH C . 
K 3 HOH 12 112 52  HOH HOH C . 
K 3 HOH 13 113 54  HOH HOH C . 
K 3 HOH 14 114 62  HOH HOH C . 
K 3 HOH 15 115 67  HOH HOH C . 
K 3 HOH 16 116 68  HOH HOH C . 
K 3 HOH 17 117 69  HOH HOH C . 
K 3 HOH 18 118 78  HOH HOH C . 
K 3 HOH 19 119 93  HOH HOH C . 
K 3 HOH 20 120 98  HOH HOH C . 
K 3 HOH 21 121 107 HOH HOH C . 
K 3 HOH 22 122 113 HOH HOH C . 
K 3 HOH 23 123 115 HOH HOH C . 
K 3 HOH 24 124 117 HOH HOH C . 
K 3 HOH 25 125 140 HOH HOH C . 
K 3 HOH 26 126 143 HOH HOH C . 
K 3 HOH 27 127 151 HOH HOH C . 
K 3 HOH 28 128 153 HOH HOH C . 
K 3 HOH 29 129 165 HOH HOH C . 
L 3 HOH 1  201 3   HOH HOH D . 
L 3 HOH 2  202 6   HOH HOH D . 
L 3 HOH 3  203 10  HOH HOH D . 
L 3 HOH 4  204 12  HOH HOH D . 
L 3 HOH 5  205 13  HOH HOH D . 
L 3 HOH 6  206 18  HOH HOH D . 
L 3 HOH 7  207 24  HOH HOH D . 
L 3 HOH 8  208 25  HOH HOH D . 
L 3 HOH 9  209 28  HOH HOH D . 
L 3 HOH 10 210 31  HOH HOH D . 
L 3 HOH 11 211 34  HOH HOH D . 
L 3 HOH 12 212 37  HOH HOH D . 
L 3 HOH 13 213 42  HOH HOH D . 
L 3 HOH 14 214 43  HOH HOH D . 
L 3 HOH 15 215 46  HOH HOH D . 
L 3 HOH 16 216 55  HOH HOH D . 
L 3 HOH 17 217 56  HOH HOH D . 
L 3 HOH 18 218 59  HOH HOH D . 
L 3 HOH 19 219 60  HOH HOH D . 
L 3 HOH 20 220 61  HOH HOH D . 
L 3 HOH 21 221 65  HOH HOH D . 
L 3 HOH 22 222 70  HOH HOH D . 
L 3 HOH 23 223 73  HOH HOH D . 
L 3 HOH 24 224 74  HOH HOH D . 
L 3 HOH 25 225 75  HOH HOH D . 
L 3 HOH 26 226 76  HOH HOH D . 
L 3 HOH 27 227 79  HOH HOH D . 
L 3 HOH 28 228 81  HOH HOH D . 
L 3 HOH 29 229 87  HOH HOH D . 
L 3 HOH 30 230 90  HOH HOH D . 
L 3 HOH 31 231 91  HOH HOH D . 
L 3 HOH 32 232 92  HOH HOH D . 
L 3 HOH 33 233 99  HOH HOH D . 
L 3 HOH 34 234 100 HOH HOH D . 
L 3 HOH 35 235 101 HOH HOH D . 
L 3 HOH 36 236 103 HOH HOH D . 
L 3 HOH 37 237 104 HOH HOH D . 
L 3 HOH 38 238 106 HOH HOH D . 
L 3 HOH 39 239 110 HOH HOH D . 
L 3 HOH 40 240 118 HOH HOH D . 
L 3 HOH 41 241 125 HOH HOH D . 
L 3 HOH 42 242 130 HOH HOH D . 
L 3 HOH 43 243 134 HOH HOH D . 
L 3 HOH 44 244 136 HOH HOH D . 
L 3 HOH 45 245 138 HOH HOH D . 
L 3 HOH 46 246 145 HOH HOH D . 
L 3 HOH 47 247 146 HOH HOH D . 
L 3 HOH 48 248 155 HOH HOH D . 
# 
loop_
_pdbx_unobs_or_zero_occ_atoms.id 
_pdbx_unobs_or_zero_occ_atoms.PDB_model_num 
_pdbx_unobs_or_zero_occ_atoms.polymer_flag 
_pdbx_unobs_or_zero_occ_atoms.occupancy_flag 
_pdbx_unobs_or_zero_occ_atoms.auth_asym_id 
_pdbx_unobs_or_zero_occ_atoms.auth_comp_id 
_pdbx_unobs_or_zero_occ_atoms.auth_seq_id 
_pdbx_unobs_or_zero_occ_atoms.PDB_ins_code 
_pdbx_unobs_or_zero_occ_atoms.auth_atom_id 
_pdbx_unobs_or_zero_occ_atoms.label_alt_id 
_pdbx_unobs_or_zero_occ_atoms.label_asym_id 
_pdbx_unobs_or_zero_occ_atoms.label_comp_id 
_pdbx_unobs_or_zero_occ_atoms.label_seq_id 
_pdbx_unobs_or_zero_occ_atoms.label_atom_id 
1  1 Y 1 A LYS 8  ? CG  ? A LYS 8  CG  
2  1 Y 1 A LYS 8  ? CD  ? A LYS 8  CD  
3  1 Y 1 A LYS 8  ? CE  ? A LYS 8  CE  
4  1 Y 1 A LYS 8  ? NZ  ? A LYS 8  NZ  
5  1 Y 1 C LYS 8  ? CG  ? C LYS 8  CG  
6  1 Y 1 C LYS 8  ? CD  ? C LYS 8  CD  
7  1 Y 1 C LYS 8  ? CE  ? C LYS 8  CE  
8  1 Y 1 C LYS 8  ? NZ  ? C LYS 8  NZ  
9  1 Y 1 C GLN 18 ? CG  ? C GLN 18 CG  
10 1 Y 1 C GLN 18 ? CD  ? C GLN 18 CD  
11 1 Y 1 C GLN 18 ? OE1 ? C GLN 18 OE1 
12 1 Y 1 C GLN 18 ? NE2 ? C GLN 18 NE2 
13 1 Y 1 C LYS 49 ? CG  ? C LYS 49 CG  
14 1 Y 1 C LYS 49 ? CD  ? C LYS 49 CD  
15 1 Y 1 C LYS 49 ? CE  ? C LYS 49 CE  
16 1 Y 1 C LYS 49 ? NZ  ? C LYS 49 NZ  
17 1 Y 1 D LYS 8  ? CG  ? D LYS 8  CG  
18 1 Y 1 D LYS 8  ? CD  ? D LYS 8  CD  
19 1 Y 1 D LYS 8  ? CE  ? D LYS 8  CE  
20 1 Y 1 D LYS 8  ? NZ  ? D LYS 8  NZ  
21 1 Y 1 D GLN 18 ? CG  ? D GLN 18 CG  
22 1 Y 1 D GLN 18 ? CD  ? D GLN 18 CD  
23 1 Y 1 D GLN 18 ? OE1 ? D GLN 18 OE1 
24 1 Y 1 D GLN 18 ? NE2 ? D GLN 18 NE2 
# 
loop_
_software.name 
_software.classification 
_software.version 
_software.citation_id 
_software.pdbx_ordinal 
HKL-2000 'data collection' .        ? 1 
SnB      phasing           .        ? 2 
REFMAC   refinement        5.8.0049 ? 3 
HKL-2000 'data reduction'  .        ? 4 
HKL-2000 'data scaling'    .        ? 5 
# 
_cell.entry_id           4PXV 
_cell.length_a           38.686 
_cell.length_b           50.229 
_cell.length_c           92.292 
_cell.angle_alpha        90.00 
_cell.angle_beta         90.00 
_cell.angle_gamma        90.00 
_cell.Z_PDB              16 
_cell.pdbx_unique_axis   ? 
_cell.length_a_esd       ? 
_cell.length_b_esd       ? 
_cell.length_c_esd       ? 
_cell.angle_alpha_esd    ? 
_cell.angle_beta_esd     ? 
_cell.angle_gamma_esd    ? 
# 
_symmetry.entry_id                         4PXV 
_symmetry.space_group_name_H-M             'P 21 21 21' 
_symmetry.pdbx_full_space_group_name_H-M   ? 
_symmetry.cell_setting                     ? 
_symmetry.Int_Tables_number                19 
_symmetry.space_group_name_Hall            ? 
# 
_exptl.entry_id          4PXV 
_exptl.method            'X-RAY DIFFRACTION' 
_exptl.crystals_number   1 
# 
_exptl_crystal.id                    1 
_exptl_crystal.density_meas          ? 
_exptl_crystal.density_Matthews      2.12 
_exptl_crystal.density_percent_sol   41.88 
_exptl_crystal.description           ? 
_exptl_crystal.F_000                 ? 
_exptl_crystal.preparation           ? 
# 
_exptl_crystal_grow.crystal_id      1 
_exptl_crystal_grow.method          'VAPOR DIFFUSION, SITTING DROP' 
_exptl_crystal_grow.temp            293 
_exptl_crystal_grow.temp_details    ? 
_exptl_crystal_grow.pH              ? 
_exptl_crystal_grow.pdbx_details    '0.05M zinc acetate dihydrate, 25% PEG 3350, VAPOR DIFFUSION, SITTING DROP, temperature 293K' 
_exptl_crystal_grow.pdbx_pH_range   ? 
# 
_diffrn.id                     1 
_diffrn.ambient_temp           95 
_diffrn.ambient_temp_details   ? 
_diffrn.crystal_id             1 
# 
_diffrn_detector.diffrn_id              1 
_diffrn_detector.detector               CCD 
_diffrn_detector.type                   'ADSC QUANTUM 270' 
_diffrn_detector.pdbx_collection_date   2013-02-04 
_diffrn_detector.details                ? 
# 
_diffrn_radiation.diffrn_id                        1 
_diffrn_radiation.wavelength_id                    1 
_diffrn_radiation.pdbx_monochromatic_or_laue_m_l   M 
_diffrn_radiation.monochromator                    'Numerical link type Si(111) double monochromator, liquid nitrogen cooling' 
_diffrn_radiation.pdbx_diffrn_protocol             'SINGLE WAVELENGTH' 
_diffrn_radiation.pdbx_scattering_type             x-ray 
# 
_diffrn_radiation_wavelength.id           1 
_diffrn_radiation_wavelength.wavelength   1.28213 
_diffrn_radiation_wavelength.wt           1.0 
# 
_diffrn_source.diffrn_id                   1 
_diffrn_source.source                      SYNCHROTRON 
_diffrn_source.type                        'PHOTON FACTORY BEAMLINE BL-17A' 
_diffrn_source.pdbx_synchrotron_site       'Photon Factory' 
_diffrn_source.pdbx_synchrotron_beamline   BL-17A 
_diffrn_source.pdbx_wavelength             ? 
_diffrn_source.pdbx_wavelength_list        1.28213 
# 
_reflns.entry_id                     4PXV 
_reflns.observed_criterion_sigma_I   ? 
_reflns.observed_criterion_sigma_F   ? 
_reflns.d_resolution_low             50 
_reflns.d_resolution_high            1.8 
_reflns.number_obs                   17318 
_reflns.number_all                   ? 
_reflns.percent_possible_obs         99.9 
_reflns.pdbx_Rmerge_I_obs            0.108 
_reflns.pdbx_Rsym_value              ? 
_reflns.pdbx_netI_over_sigmaI        69.6 
_reflns.B_iso_Wilson_estimate        14.2 
_reflns.pdbx_redundancy              14.0 
_reflns.R_free_details               ? 
_reflns.limit_h_max                  ? 
_reflns.limit_h_min                  ? 
_reflns.limit_k_max                  ? 
_reflns.limit_k_min                  ? 
_reflns.limit_l_max                  ? 
_reflns.limit_l_min                  ? 
_reflns.observed_criterion_F_max     ? 
_reflns.observed_criterion_F_min     ? 
_reflns.pdbx_chi_squared             ? 
_reflns.pdbx_scaling_rejects         ? 
_reflns.pdbx_ordinal                 1 
_reflns.pdbx_diffrn_id               1 
# 
_reflns_shell.d_res_high                  1.80 
_reflns_shell.d_res_low                   1.83 
_reflns_shell.percent_possible_all        9.8 
_reflns_shell.Rmerge_I_obs                0.380 
_reflns_shell.pdbx_Rsym_value             ? 
_reflns_shell.meanI_over_sigI_obs         20 
_reflns_shell.pdbx_redundancy             13.8 
_reflns_shell.percent_possible_obs        ? 
_reflns_shell.number_unique_all           11551 
_reflns_shell.number_measured_all         ? 
_reflns_shell.number_measured_obs         ? 
_reflns_shell.number_unique_obs           ? 
_reflns_shell.pdbx_chi_squared            ? 
_reflns_shell.pdbx_rejects                ? 
_reflns_shell.pdbx_netI_over_sigmaI_obs   ? 
_reflns_shell.number_possible             ? 
_reflns_shell.Rmerge_F_all                ? 
_reflns_shell.Rmerge_F_obs                ? 
_reflns_shell.Rmerge_I_all                ? 
_reflns_shell.meanI_over_sigI_all         ? 
_reflns_shell.pdbx_Rrim_I_all             ? 
_reflns_shell.pdbx_Rpim_I_all             ? 
_reflns_shell.pdbx_ordinal                1 
_reflns_shell.pdbx_diffrn_id              1 
# 
_refine.entry_id                                 4PXV 
_refine.ls_number_reflns_obs                     16397 
_refine.ls_number_reflns_all                     ? 
_refine.pdbx_ls_sigma_I                          ? 
_refine.pdbx_ls_sigma_F                          ? 
_refine.pdbx_data_cutoff_high_absF               ? 
_refine.pdbx_data_cutoff_low_absF                ? 
_refine.pdbx_data_cutoff_high_rms_absF           ? 
_refine.ls_d_res_low                             46.15 
_refine.ls_d_res_high                            1.80 
_refine.ls_percent_reflns_obs                    99.78 
_refine.ls_R_factor_obs                          0.19322 
_refine.ls_R_factor_all                          ? 
_refine.ls_R_factor_R_work                       0.19138 
_refine.ls_R_factor_R_free                       0.22908 
_refine.ls_R_factor_R_free_error                 ? 
_refine.ls_R_factor_R_free_error_details         ? 
_refine.ls_percent_reflns_R_free                 5.1 
_refine.ls_number_reflns_R_free                  873 
_refine.ls_number_parameters                     ? 
_refine.ls_number_restraints                     ? 
_refine.occupancy_min                            ? 
_refine.occupancy_max                            ? 
_refine.correlation_coeff_Fo_to_Fc               0.937 
_refine.correlation_coeff_Fo_to_Fc_free          0.921 
_refine.B_iso_mean                               13.100 
_refine.aniso_B[1][1]                            0.54 
_refine.aniso_B[2][2]                            0.19 
_refine.aniso_B[3][3]                            -0.73 
_refine.aniso_B[1][2]                            -0.00 
_refine.aniso_B[1][3]                            0.00 
_refine.aniso_B[2][3]                            -0.00 
_refine.solvent_model_details                    MASK 
_refine.solvent_model_param_ksol                 ? 
_refine.solvent_model_param_bsol                 ? 
_refine.pdbx_solvent_vdw_probe_radii             1.20 
_refine.pdbx_solvent_ion_probe_radii             0.80 
_refine.pdbx_solvent_shrinkage_radii             0.80 
_refine.pdbx_ls_cross_valid_method               THROUGHOUT 
_refine.details                                  'HYDROGENS HAVE BEEN ADDED IN THE RIDING POSITIONS' 
_refine.pdbx_starting_model                      ? 
_refine.pdbx_method_to_determine_struct          SAD 
_refine.pdbx_isotropic_thermal_model             RESTRAINED 
_refine.pdbx_stereochemistry_target_values       'MAXIMUM LIKELIHOOD' 
_refine.pdbx_stereochem_target_val_spec_case     ? 
_refine.pdbx_R_Free_selection_details            RANDOM 
_refine.pdbx_overall_ESU_R                       0.137 
_refine.pdbx_overall_ESU_R_Free                  0.129 
_refine.overall_SU_ML                            0.080 
_refine.pdbx_overall_phase_error                 ? 
_refine.overall_SU_B                             2.488 
_refine.overall_SU_R_Cruickshank_DPI             ? 
_refine.ls_redundancy_reflns_obs                 ? 
_refine.B_iso_min                                ? 
_refine.B_iso_max                                ? 
_refine.overall_SU_R_free                        ? 
_refine.ls_wR_factor_R_free                      ? 
_refine.ls_wR_factor_R_work                      ? 
_refine.overall_FOM_free_R_set                   ? 
_refine.overall_FOM_work_R_set                   ? 
_refine.pdbx_diffrn_id                           1 
_refine.pdbx_refine_id                           'X-RAY DIFFRACTION' 
_refine.pdbx_TLS_residual_ADP_flag               ? 
_refine.pdbx_overall_SU_R_free_Cruickshank_DPI   ? 
_refine.pdbx_overall_SU_R_Blow_DPI               ? 
_refine.pdbx_overall_SU_R_free_Blow_DPI          ? 
# 
_refine_hist.pdbx_refine_id                   'X-RAY DIFFRACTION' 
_refine_hist.cycle_id                         LAST 
_refine_hist.pdbx_number_atoms_protein        1381 
_refine_hist.pdbx_number_atoms_nucleic_acid   0 
_refine_hist.pdbx_number_atoms_ligand         4 
_refine_hist.number_atoms_solvent             165 
_refine_hist.number_atoms_total               1550 
_refine_hist.d_res_high                       1.80 
_refine_hist.d_res_low                        46.15 
# 
loop_
_refine_ls_restr.type 
_refine_ls_restr.dev_ideal 
_refine_ls_restr.dev_ideal_target 
_refine_ls_restr.weight 
_refine_ls_restr.number 
_refine_ls_restr.pdbx_restraint_function 
_refine_ls_restr.pdbx_refine_id 
r_bond_refined_d       0.007  0.020  ? 1408 ? 'X-RAY DIFFRACTION' 
r_bond_other_d         0.001  0.020  ? 1247 ? 'X-RAY DIFFRACTION' 
r_angle_refined_deg    1.072  1.919  ? 1923 ? 'X-RAY DIFFRACTION' 
r_angle_other_deg      0.734  3.000  ? 2861 ? 'X-RAY DIFFRACTION' 
r_dihedral_angle_1_deg 5.088  5.000  ? 185  ? 'X-RAY DIFFRACTION' 
r_dihedral_angle_2_deg 36.081 25.862 ? 58   ? 'X-RAY DIFFRACTION' 
r_dihedral_angle_3_deg 12.132 15.000 ? 208  ? 'X-RAY DIFFRACTION' 
r_dihedral_angle_4_deg 19.776 15.000 ? 4    ? 'X-RAY DIFFRACTION' 
r_chiral_restr         0.066  0.200  ? 229  ? 'X-RAY DIFFRACTION' 
r_gen_planes_refined   0.003  0.020  ? 1655 ? 'X-RAY DIFFRACTION' 
r_gen_planes_other     0.001  0.020  ? 321  ? 'X-RAY DIFFRACTION' 
r_mcbond_it            0.722  1.380  ? 752  ? 'X-RAY DIFFRACTION' 
r_mcbond_other         0.723  1.379  ? 751  ? 'X-RAY DIFFRACTION' 
r_mcangle_it           1.269  2.058  ? 933  ? 'X-RAY DIFFRACTION' 
r_mcangle_other        1.268  2.059  ? 934  ? 'X-RAY DIFFRACTION' 
r_scbond_it            0.853  1.440  ? 656  ? 'X-RAY DIFFRACTION' 
r_scbond_other         0.852  1.439  ? 655  ? 'X-RAY DIFFRACTION' 
r_scangle_other        1.386  2.132  ? 990  ? 'X-RAY DIFFRACTION' 
r_long_range_B_refined 3.623  11.618 ? 1769 ? 'X-RAY DIFFRACTION' 
r_long_range_B_other   3.288  11.198 ? 1699 ? 'X-RAY DIFFRACTION' 
# 
_refine_ls_shell.pdbx_refine_id                   'X-RAY DIFFRACTION' 
_refine_ls_shell.pdbx_total_number_of_bins_used   20 
_refine_ls_shell.d_res_high                       1.800 
_refine_ls_shell.d_res_low                        1.847 
_refine_ls_shell.number_reflns_R_work             1204 
_refine_ls_shell.R_factor_R_work                  0.221 
_refine_ls_shell.percent_reflns_obs               99.29 
_refine_ls_shell.R_factor_R_free                  0.310 
_refine_ls_shell.R_factor_R_free_error            ? 
_refine_ls_shell.percent_reflns_R_free            ? 
_refine_ls_shell.number_reflns_R_free             53 
_refine_ls_shell.number_reflns_all                ? 
_refine_ls_shell.R_factor_all                     ? 
_refine_ls_shell.number_reflns_obs                ? 
_refine_ls_shell.redundancy_reflns_obs            ? 
# 
_struct.entry_id                  4PXV 
_struct.title                     'Crystal Structure of LysM domain from pteris ryukyuensis chitinase A' 
_struct.pdbx_model_details        ? 
_struct.pdbx_CASP_flag            ? 
_struct.pdbx_model_type_details   ? 
# 
_struct_keywords.entry_id        4PXV 
_struct_keywords.pdbx_keywords   'SUGAR BINDING PROTEIN' 
_struct_keywords.text            'LysM domain, carbohydrate-binding module, Chitinase, carbohydrate, SUGAR BINDING PROTEIN' 
# 
loop_
_struct_asym.id 
_struct_asym.pdbx_blank_PDB_chainid_flag 
_struct_asym.pdbx_modified 
_struct_asym.entity_id 
_struct_asym.details 
A N N 1 ? 
B N N 1 ? 
C N N 1 ? 
D N N 1 ? 
E N N 2 ? 
F N N 2 ? 
G N N 2 ? 
H N N 2 ? 
I N N 3 ? 
J N N 3 ? 
K N N 3 ? 
L N N 3 ? 
# 
_struct_ref.id                         1 
_struct_ref.db_name                    UNP 
_struct_ref.db_code                    Q0WYK2_9MONI 
_struct_ref.pdbx_db_accession          Q0WYK2 
_struct_ref.entity_id                  1 
_struct_ref.pdbx_seq_one_letter_code   CTTYTIKSGDTCYAISQARGISLSDFESWNAGIDCNNLQIGQVVCVSK 
_struct_ref.pdbx_align_begin           88 
_struct_ref.pdbx_db_isoform            ? 
# 
loop_
_struct_ref_seq.align_id 
_struct_ref_seq.ref_id 
_struct_ref_seq.pdbx_PDB_id_code 
_struct_ref_seq.pdbx_strand_id 
_struct_ref_seq.seq_align_beg 
_struct_ref_seq.pdbx_seq_align_beg_ins_code 
_struct_ref_seq.seq_align_end 
_struct_ref_seq.pdbx_seq_align_end_ins_code 
_struct_ref_seq.pdbx_db_accession 
_struct_ref_seq.db_align_beg 
_struct_ref_seq.pdbx_db_align_beg_ins_code 
_struct_ref_seq.db_align_end 
_struct_ref_seq.pdbx_db_align_end_ins_code 
_struct_ref_seq.pdbx_auth_seq_align_beg 
_struct_ref_seq.pdbx_auth_seq_align_end 
1 1 4PXV A 2 ? 49 ? Q0WYK2 88 ? 135 ? 2 49 
2 1 4PXV B 2 ? 49 ? Q0WYK2 88 ? 135 ? 2 49 
3 1 4PXV C 2 ? 49 ? Q0WYK2 88 ? 135 ? 2 49 
4 1 4PXV D 2 ? 49 ? Q0WYK2 88 ? 135 ? 2 49 
# 
loop_
_struct_ref_seq_dif.align_id 
_struct_ref_seq_dif.pdbx_pdb_id_code 
_struct_ref_seq_dif.mon_id 
_struct_ref_seq_dif.pdbx_pdb_strand_id 
_struct_ref_seq_dif.seq_num 
_struct_ref_seq_dif.pdbx_pdb_ins_code 
_struct_ref_seq_dif.pdbx_seq_db_name 
_struct_ref_seq_dif.pdbx_seq_db_accession_code 
_struct_ref_seq_dif.db_mon_id 
_struct_ref_seq_dif.pdbx_seq_db_seq_num 
_struct_ref_seq_dif.details 
_struct_ref_seq_dif.pdbx_auth_seq_num 
_struct_ref_seq_dif.pdbx_ordinal 
1 4PXV MET A 1 ? UNP Q0WYK2 ? ? 'expression tag' 1 1 
2 4PXV MET B 1 ? UNP Q0WYK2 ? ? 'expression tag' 1 2 
3 4PXV MET C 1 ? UNP Q0WYK2 ? ? 'expression tag' 1 3 
4 4PXV MET D 1 ? UNP Q0WYK2 ? ? 'expression tag' 1 4 
# 
loop_
_pdbx_struct_assembly.id 
_pdbx_struct_assembly.details 
_pdbx_struct_assembly.method_details 
_pdbx_struct_assembly.oligomeric_details 
_pdbx_struct_assembly.oligomeric_count 
1 author_and_software_defined_assembly PISA monomeric 1 
2 author_and_software_defined_assembly PISA monomeric 1 
3 author_and_software_defined_assembly PISA monomeric 1 
4 author_and_software_defined_assembly PISA monomeric 1 
# 
loop_
_pdbx_struct_assembly_gen.assembly_id 
_pdbx_struct_assembly_gen.oper_expression 
_pdbx_struct_assembly_gen.asym_id_list 
1 1 A,E,F,I 
2 1 B,G,J   
3 1 C,K     
4 1 D,H,L   
# 
_pdbx_struct_oper_list.id                   1 
_pdbx_struct_oper_list.type                 'identity operation' 
_pdbx_struct_oper_list.name                 1_555 
_pdbx_struct_oper_list.symmetry_operation   x,y,z 
_pdbx_struct_oper_list.matrix[1][1]         1.0000000000 
_pdbx_struct_oper_list.matrix[1][2]         0.0000000000 
_pdbx_struct_oper_list.matrix[1][3]         0.0000000000 
_pdbx_struct_oper_list.vector[1]            0.0000000000 
_pdbx_struct_oper_list.matrix[2][1]         0.0000000000 
_pdbx_struct_oper_list.matrix[2][2]         1.0000000000 
_pdbx_struct_oper_list.matrix[2][3]         0.0000000000 
_pdbx_struct_oper_list.vector[2]            0.0000000000 
_pdbx_struct_oper_list.matrix[3][1]         0.0000000000 
_pdbx_struct_oper_list.matrix[3][2]         0.0000000000 
_pdbx_struct_oper_list.matrix[3][3]         1.0000000000 
_pdbx_struct_oper_list.vector[3]            0.0000000000 
# 
_struct_biol.id        1 
_struct_biol.details   ? 
# 
loop_
_struct_conf.conf_type_id 
_struct_conf.id 
_struct_conf.pdbx_PDB_helix_id 
_struct_conf.beg_label_comp_id 
_struct_conf.beg_label_asym_id 
_struct_conf.beg_label_seq_id 
_struct_conf.pdbx_beg_PDB_ins_code 
_struct_conf.end_label_comp_id 
_struct_conf.end_label_asym_id 
_struct_conf.end_label_seq_id 
_struct_conf.pdbx_end_PDB_ins_code 
_struct_conf.beg_auth_comp_id 
_struct_conf.beg_auth_asym_id 
_struct_conf.beg_auth_seq_id 
_struct_conf.end_auth_comp_id 
_struct_conf.end_auth_asym_id 
_struct_conf.end_auth_seq_id 
_struct_conf.pdbx_PDB_helix_class 
_struct_conf.details 
_struct_conf.pdbx_PDB_helix_length 
HELX_P HELX_P1 1 THR A 12 ? GLY A 21 ? THR A 12 GLY A 21 1 ? 10 
HELX_P HELX_P2 2 SER A 23 ? TRP A 30 ? SER A 23 TRP A 30 1 ? 8  
HELX_P HELX_P3 3 THR B 12 ? GLY B 21 ? THR B 12 GLY B 21 1 ? 10 
HELX_P HELX_P4 4 SER B 23 ? ASN B 31 ? SER B 23 ASN B 31 1 ? 9  
HELX_P HELX_P5 5 THR C 12 ? ARG C 20 ? THR C 12 ARG C 20 1 ? 9  
HELX_P HELX_P6 6 SER C 23 ? ASN C 31 ? SER C 23 ASN C 31 1 ? 9  
HELX_P HELX_P7 7 ASP C 35 ? LEU C 39 ? ASP C 35 LEU C 39 5 ? 5  
HELX_P HELX_P8 8 THR D 12 ? GLY D 21 ? THR D 12 GLY D 21 1 ? 10 
HELX_P HELX_P9 9 SER D 23 ? TRP D 30 ? SER D 23 TRP D 30 1 ? 8  
# 
_struct_conf_type.id          HELX_P 
_struct_conf_type.criteria    ? 
_struct_conf_type.reference   ? 
# 
loop_
_struct_conn.id 
_struct_conn.conn_type_id 
_struct_conn.pdbx_leaving_atom_flag 
_struct_conn.pdbx_PDB_id 
_struct_conn.ptnr1_label_asym_id 
_struct_conn.ptnr1_label_comp_id 
_struct_conn.ptnr1_label_seq_id 
_struct_conn.ptnr1_label_atom_id 
_struct_conn.pdbx_ptnr1_label_alt_id 
_struct_conn.pdbx_ptnr1_PDB_ins_code 
_struct_conn.pdbx_ptnr1_standard_comp_id 
_struct_conn.ptnr1_symmetry 
_struct_conn.ptnr2_label_asym_id 
_struct_conn.ptnr2_label_comp_id 
_struct_conn.ptnr2_label_seq_id 
_struct_conn.ptnr2_label_atom_id 
_struct_conn.pdbx_ptnr2_label_alt_id 
_struct_conn.pdbx_ptnr2_PDB_ins_code 
_struct_conn.ptnr1_auth_asym_id 
_struct_conn.ptnr1_auth_comp_id 
_struct_conn.ptnr1_auth_seq_id 
_struct_conn.ptnr2_auth_asym_id 
_struct_conn.ptnr2_auth_comp_id 
_struct_conn.ptnr2_auth_seq_id 
_struct_conn.ptnr2_symmetry 
_struct_conn.pdbx_ptnr3_label_atom_id 
_struct_conn.pdbx_ptnr3_label_seq_id 
_struct_conn.pdbx_ptnr3_label_comp_id 
_struct_conn.pdbx_ptnr3_label_asym_id 
_struct_conn.pdbx_ptnr3_label_alt_id 
_struct_conn.pdbx_ptnr3_PDB_ins_code 
_struct_conn.details 
_struct_conn.pdbx_dist_value 
_struct_conn.pdbx_value_order 
_struct_conn.pdbx_role 
disulf1  disulf ? ? A CYS 2  SG  ? ? ? 1_555 A CYS 46 SG  ? ? A CYS 2   A CYS 46  1_555 ? ? ? ? ? ? ? 2.043 ? ? 
disulf2  disulf ? ? A CYS 13 SG  ? ? ? 1_555 A CYS 36 SG  ? ? A CYS 13  A CYS 36  1_555 ? ? ? ? ? ? ? 2.104 ? ? 
disulf3  disulf ? ? B CYS 2  SG  ? ? ? 1_555 B CYS 46 SG  ? ? B CYS 2   B CYS 46  1_555 ? ? ? ? ? ? ? 2.053 ? ? 
disulf4  disulf ? ? B CYS 13 SG  ? ? ? 1_555 B CYS 36 SG  ? ? B CYS 13  B CYS 36  1_555 ? ? ? ? ? ? ? 2.088 ? ? 
disulf5  disulf ? ? C CYS 2  SG  ? ? ? 1_555 C CYS 46 SG  ? ? C CYS 2   C CYS 46  1_555 ? ? ? ? ? ? ? 2.047 ? ? 
disulf6  disulf ? ? C CYS 13 SG  ? ? ? 1_555 C CYS 36 SG  ? ? C CYS 13  C CYS 36  1_555 ? ? ? ? ? ? ? 2.067 ? ? 
disulf7  disulf ? ? D CYS 2  SG  ? ? ? 1_555 D CYS 46 SG  ? ? D CYS 2   D CYS 46  1_555 ? ? ? ? ? ? ? 2.044 ? ? 
disulf8  disulf ? ? D CYS 13 SG  ? ? ? 1_555 D CYS 36 SG  ? ? D CYS 13  D CYS 36  1_555 ? ? ? ? ? ? ? 2.070 ? ? 
metalc1  metalc ? ? A ASP 26 OD2 ? ? ? 1_555 F ZN  .  ZN  ? ? A ASP 26  A ZN  102 1_555 ? ? ? ? ? ? ? 1.946 ? ? 
metalc2  metalc ? ? A GLU 28 OE1 ? ? ? 1_555 H ZN  .  ZN  ? ? A GLU 28  D ZN  101 1_555 ? ? ? ? ? ? ? 2.040 ? ? 
metalc3  metalc ? ? A GLU 28 OE2 ? ? ? 1_555 H ZN  .  ZN  ? ? A GLU 28  D ZN  101 1_555 ? ? ? ? ? ? ? 2.544 ? ? 
metalc4  metalc ? ? A ASP 35 OD2 ? ? ? 1_555 E ZN  .  ZN  ? ? A ASP 35  A ZN  101 1_555 ? ? ? ? ? ? ? 2.021 ? ? 
metalc5  metalc ? ? A ASP 35 OD1 ? ? ? 1_555 E ZN  .  ZN  ? ? A ASP 35  A ZN  101 1_555 ? ? ? ? ? ? ? 2.670 ? ? 
metalc6  metalc ? ? A ASN 37 OD1 ? ? ? 1_555 E ZN  .  ZN  ? ? A ASN 37  A ZN  101 1_555 ? ? ? ? ? ? ? 1.993 ? ? 
metalc7  metalc ? ? E ZN  .  ZN  ? ? ? 1_555 B GLU 28 OE1 ? ? A ZN  101 B GLU 28  1_555 ? ? ? ? ? ? ? 2.022 ? ? 
metalc8  metalc ? ? E ZN  .  ZN  ? ? ? 1_555 B GLU 28 OE2 ? ? A ZN  101 B GLU 28  1_555 ? ? ? ? ? ? ? 2.644 ? ? 
metalc9  metalc ? ? E ZN  .  ZN  ? ? ? 1_555 C ASP 26 OD1 ? ? A ZN  101 C ASP 26  1_555 ? ? ? ? ? ? ? 2.012 ? ? 
metalc10 metalc ? ? F ZN  .  ZN  ? ? ? 1_555 D GLU 28 OE1 ? ? A ZN  102 D GLU 28  1_555 ? ? ? ? ? ? ? 1.954 ? ? 
metalc11 metalc ? ? F ZN  .  ZN  ? ? ? 1_555 D GLU 28 OE2 ? ? A ZN  102 D GLU 28  1_555 ? ? ? ? ? ? ? 2.654 ? ? 
metalc12 metalc ? ? B ASP 26 OD2 ? ? ? 1_555 H ZN  .  ZN  ? ? B ASP 26  D ZN  101 1_555 ? ? ? ? ? ? ? 1.933 ? ? 
metalc13 metalc ? ? B ASP 35 OD2 ? ? ? 1_555 G ZN  .  ZN  ? ? B ASP 35  B ZN  101 1_555 ? ? ? ? ? ? ? 2.138 ? ? 
metalc14 metalc ? ? G ZN  .  ZN  ? ? ? 1_555 C GLU 28 OE2 ? ? B ZN  101 C GLU 28  1_555 ? ? ? ? ? ? ? 2.182 ? ? 
metalc15 metalc ? ? G ZN  .  ZN  ? ? ? 1_555 C GLU 28 OE1 ? ? B ZN  101 C GLU 28  1_555 ? ? ? ? ? ? ? 2.583 ? ? 
metalc16 metalc ? ? D ASP 35 OD2 ? ? ? 1_555 H ZN  .  ZN  ? ? D ASP 35  D ZN  101 1_555 ? ? ? ? ? ? ? 1.907 ? ? 
metalc17 metalc ? ? D ASP 35 OD1 ? ? ? 1_555 H ZN  .  ZN  ? ? D ASP 35  D ZN  101 1_555 ? ? ? ? ? ? ? 2.675 ? ? 
metalc18 metalc ? ? D ASN 37 OD1 ? ? ? 1_555 H ZN  .  ZN  ? ? D ASN 37  D ZN  101 1_555 ? ? ? ? ? ? ? 2.051 ? ? 
# 
loop_
_struct_conn_type.id 
_struct_conn_type.criteria 
_struct_conn_type.reference 
disulf ? ? 
metalc ? ? 
# 
loop_
_pdbx_struct_conn_angle.id 
_pdbx_struct_conn_angle.ptnr1_label_atom_id 
_pdbx_struct_conn_angle.ptnr1_label_alt_id 
_pdbx_struct_conn_angle.ptnr1_label_asym_id 
_pdbx_struct_conn_angle.ptnr1_label_comp_id 
_pdbx_struct_conn_angle.ptnr1_label_seq_id 
_pdbx_struct_conn_angle.ptnr1_auth_atom_id 
_pdbx_struct_conn_angle.ptnr1_auth_asym_id 
_pdbx_struct_conn_angle.ptnr1_auth_comp_id 
_pdbx_struct_conn_angle.ptnr1_auth_seq_id 
_pdbx_struct_conn_angle.ptnr1_PDB_ins_code 
_pdbx_struct_conn_angle.ptnr1_symmetry 
_pdbx_struct_conn_angle.ptnr2_label_atom_id 
_pdbx_struct_conn_angle.ptnr2_label_alt_id 
_pdbx_struct_conn_angle.ptnr2_label_asym_id 
_pdbx_struct_conn_angle.ptnr2_label_comp_id 
_pdbx_struct_conn_angle.ptnr2_label_seq_id 
_pdbx_struct_conn_angle.ptnr2_auth_atom_id 
_pdbx_struct_conn_angle.ptnr2_auth_asym_id 
_pdbx_struct_conn_angle.ptnr2_auth_comp_id 
_pdbx_struct_conn_angle.ptnr2_auth_seq_id 
_pdbx_struct_conn_angle.ptnr2_PDB_ins_code 
_pdbx_struct_conn_angle.ptnr2_symmetry 
_pdbx_struct_conn_angle.ptnr3_label_atom_id 
_pdbx_struct_conn_angle.ptnr3_label_alt_id 
_pdbx_struct_conn_angle.ptnr3_label_asym_id 
_pdbx_struct_conn_angle.ptnr3_label_comp_id 
_pdbx_struct_conn_angle.ptnr3_label_seq_id 
_pdbx_struct_conn_angle.ptnr3_auth_atom_id 
_pdbx_struct_conn_angle.ptnr3_auth_asym_id 
_pdbx_struct_conn_angle.ptnr3_auth_comp_id 
_pdbx_struct_conn_angle.ptnr3_auth_seq_id 
_pdbx_struct_conn_angle.ptnr3_PDB_ins_code 
_pdbx_struct_conn_angle.ptnr3_symmetry 
_pdbx_struct_conn_angle.value 
_pdbx_struct_conn_angle.value_esd 
1  OD2 ? A ASP 26 ? A ASP 26 ? 1_555 ZN ? F ZN . ? A ZN 102 ? 1_555 OE1 ? D GLU 28 ? D GLU 28 ? 1_555 112.5 ? 
2  OD2 ? A ASP 26 ? A ASP 26 ? 1_555 ZN ? F ZN . ? A ZN 102 ? 1_555 OE2 ? D GLU 28 ? D GLU 28 ? 1_555 91.9  ? 
3  OE1 ? D GLU 28 ? D GLU 28 ? 1_555 ZN ? F ZN . ? A ZN 102 ? 1_555 OE2 ? D GLU 28 ? D GLU 28 ? 1_555 54.3  ? 
4  OE1 ? A GLU 28 ? A GLU 28 ? 1_555 ZN ? H ZN . ? D ZN 101 ? 1_555 OE2 ? A GLU 28 ? A GLU 28 ? 1_555 55.6  ? 
5  OE1 ? A GLU 28 ? A GLU 28 ? 1_555 ZN ? H ZN . ? D ZN 101 ? 1_555 OD2 ? B ASP 26 ? B ASP 26 ? 1_555 107.3 ? 
6  OE2 ? A GLU 28 ? A GLU 28 ? 1_555 ZN ? H ZN . ? D ZN 101 ? 1_555 OD2 ? B ASP 26 ? B ASP 26 ? 1_555 92.8  ? 
7  OE1 ? A GLU 28 ? A GLU 28 ? 1_555 ZN ? H ZN . ? D ZN 101 ? 1_555 OD2 ? D ASP 35 ? D ASP 35 ? 1_555 121.1 ? 
8  OE2 ? A GLU 28 ? A GLU 28 ? 1_555 ZN ? H ZN . ? D ZN 101 ? 1_555 OD2 ? D ASP 35 ? D ASP 35 ? 1_555 89.2  ? 
9  OD2 ? B ASP 26 ? B ASP 26 ? 1_555 ZN ? H ZN . ? D ZN 101 ? 1_555 OD2 ? D ASP 35 ? D ASP 35 ? 1_555 121.3 ? 
10 OE1 ? A GLU 28 ? A GLU 28 ? 1_555 ZN ? H ZN . ? D ZN 101 ? 1_555 OD1 ? D ASP 35 ? D ASP 35 ? 1_555 89.9  ? 
11 OE2 ? A GLU 28 ? A GLU 28 ? 1_555 ZN ? H ZN . ? D ZN 101 ? 1_555 OD1 ? D ASP 35 ? D ASP 35 ? 1_555 107.6 ? 
12 OD2 ? B ASP 26 ? B ASP 26 ? 1_555 ZN ? H ZN . ? D ZN 101 ? 1_555 OD1 ? D ASP 35 ? D ASP 35 ? 1_555 158.6 ? 
13 OD2 ? D ASP 35 ? D ASP 35 ? 1_555 ZN ? H ZN . ? D ZN 101 ? 1_555 OD1 ? D ASP 35 ? D ASP 35 ? 1_555 54.6  ? 
14 OE1 ? A GLU 28 ? A GLU 28 ? 1_555 ZN ? H ZN . ? D ZN 101 ? 1_555 OD1 ? D ASN 37 ? D ASN 37 ? 1_555 98.7  ? 
15 OE2 ? A GLU 28 ? A GLU 28 ? 1_555 ZN ? H ZN . ? D ZN 101 ? 1_555 OD1 ? D ASN 37 ? D ASN 37 ? 1_555 154.2 ? 
16 OD2 ? B ASP 26 ? B ASP 26 ? 1_555 ZN ? H ZN . ? D ZN 101 ? 1_555 OD1 ? D ASN 37 ? D ASN 37 ? 1_555 93.1  ? 
17 OD2 ? D ASP 35 ? D ASP 35 ? 1_555 ZN ? H ZN . ? D ZN 101 ? 1_555 OD1 ? D ASN 37 ? D ASN 37 ? 1_555 108.9 ? 
18 OD1 ? D ASP 35 ? D ASP 35 ? 1_555 ZN ? H ZN . ? D ZN 101 ? 1_555 OD1 ? D ASN 37 ? D ASN 37 ? 1_555 71.4  ? 
19 OD2 ? A ASP 35 ? A ASP 35 ? 1_555 ZN ? E ZN . ? A ZN 101 ? 1_555 OD1 ? A ASP 35 ? A ASP 35 ? 1_555 53.6  ? 
20 OD2 ? A ASP 35 ? A ASP 35 ? 1_555 ZN ? E ZN . ? A ZN 101 ? 1_555 OD1 ? A ASN 37 ? A ASN 37 ? 1_555 103.3 ? 
21 OD1 ? A ASP 35 ? A ASP 35 ? 1_555 ZN ? E ZN . ? A ZN 101 ? 1_555 OD1 ? A ASN 37 ? A ASN 37 ? 1_555 70.7  ? 
22 OD2 ? A ASP 35 ? A ASP 35 ? 1_555 ZN ? E ZN . ? A ZN 101 ? 1_555 OE1 ? B GLU 28 ? B GLU 28 ? 1_555 113.1 ? 
23 OD1 ? A ASP 35 ? A ASP 35 ? 1_555 ZN ? E ZN . ? A ZN 101 ? 1_555 OE1 ? B GLU 28 ? B GLU 28 ? 1_555 84.7  ? 
24 OD1 ? A ASN 37 ? A ASN 37 ? 1_555 ZN ? E ZN . ? A ZN 101 ? 1_555 OE1 ? B GLU 28 ? B GLU 28 ? 1_555 108.7 ? 
25 OD2 ? A ASP 35 ? A ASP 35 ? 1_555 ZN ? E ZN . ? A ZN 101 ? 1_555 OE2 ? B GLU 28 ? B GLU 28 ? 1_555 98.8  ? 
26 OD1 ? A ASP 35 ? A ASP 35 ? 1_555 ZN ? E ZN . ? A ZN 101 ? 1_555 OE2 ? B GLU 28 ? B GLU 28 ? 1_555 118.4 ? 
27 OD1 ? A ASN 37 ? A ASN 37 ? 1_555 ZN ? E ZN . ? A ZN 101 ? 1_555 OE2 ? B GLU 28 ? B GLU 28 ? 1_555 156.6 ? 
28 OE1 ? B GLU 28 ? B GLU 28 ? 1_555 ZN ? E ZN . ? A ZN 101 ? 1_555 OE2 ? B GLU 28 ? B GLU 28 ? 1_555 54.4  ? 
29 OD2 ? A ASP 35 ? A ASP 35 ? 1_555 ZN ? E ZN . ? A ZN 101 ? 1_555 OD1 ? C ASP 26 ? C ASP 26 ? 1_555 106.7 ? 
30 OD1 ? A ASP 35 ? A ASP 35 ? 1_555 ZN ? E ZN . ? A ZN 101 ? 1_555 OD1 ? C ASP 26 ? C ASP 26 ? 1_555 153.0 ? 
31 OD1 ? A ASN 37 ? A ASN 37 ? 1_555 ZN ? E ZN . ? A ZN 101 ? 1_555 OD1 ? C ASP 26 ? C ASP 26 ? 1_555 100.7 ? 
32 OE1 ? B GLU 28 ? B GLU 28 ? 1_555 ZN ? E ZN . ? A ZN 101 ? 1_555 OD1 ? C ASP 26 ? C ASP 26 ? 1_555 122.1 ? 
33 OE2 ? B GLU 28 ? B GLU 28 ? 1_555 ZN ? E ZN . ? A ZN 101 ? 1_555 OD1 ? C ASP 26 ? C ASP 26 ? 1_555 79.9  ? 
34 OD2 ? B ASP 35 ? B ASP 35 ? 1_555 ZN ? G ZN . ? B ZN 101 ? 1_555 OE2 ? C GLU 28 ? C GLU 28 ? 1_555 130.4 ? 
35 OD2 ? B ASP 35 ? B ASP 35 ? 1_555 ZN ? G ZN . ? B ZN 101 ? 1_555 OE1 ? C GLU 28 ? C GLU 28 ? 1_555 123.1 ? 
36 OE2 ? C GLU 28 ? C GLU 28 ? 1_555 ZN ? G ZN . ? B ZN 101 ? 1_555 OE1 ? C GLU 28 ? C GLU 28 ? 1_555 53.5  ? 
# 
loop_
_pdbx_modification_feature.ordinal 
_pdbx_modification_feature.label_comp_id 
_pdbx_modification_feature.label_asym_id 
_pdbx_modification_feature.label_seq_id 
_pdbx_modification_feature.label_alt_id 
_pdbx_modification_feature.modified_residue_label_comp_id 
_pdbx_modification_feature.modified_residue_label_asym_id 
_pdbx_modification_feature.modified_residue_label_seq_id 
_pdbx_modification_feature.modified_residue_label_alt_id 
_pdbx_modification_feature.auth_comp_id 
_pdbx_modification_feature.auth_asym_id 
_pdbx_modification_feature.auth_seq_id 
_pdbx_modification_feature.PDB_ins_code 
_pdbx_modification_feature.symmetry 
_pdbx_modification_feature.modified_residue_auth_comp_id 
_pdbx_modification_feature.modified_residue_auth_asym_id 
_pdbx_modification_feature.modified_residue_auth_seq_id 
_pdbx_modification_feature.modified_residue_PDB_ins_code 
_pdbx_modification_feature.modified_residue_symmetry 
_pdbx_modification_feature.comp_id_linking_atom 
_pdbx_modification_feature.modified_residue_id_linking_atom 
_pdbx_modification_feature.modified_residue_id 
_pdbx_modification_feature.ref_pcm_id 
_pdbx_modification_feature.ref_comp_id 
_pdbx_modification_feature.type 
_pdbx_modification_feature.category 
1 CYS A 2  ? CYS A 46 ? CYS A 2  ? 1_555 CYS A 46 ? 1_555 SG SG . . . None 'Disulfide bridge' 
2 CYS A 13 ? CYS A 36 ? CYS A 13 ? 1_555 CYS A 36 ? 1_555 SG SG . . . None 'Disulfide bridge' 
3 CYS B 2  ? CYS B 46 ? CYS B 2  ? 1_555 CYS B 46 ? 1_555 SG SG . . . None 'Disulfide bridge' 
4 CYS B 13 ? CYS B 36 ? CYS B 13 ? 1_555 CYS B 36 ? 1_555 SG SG . . . None 'Disulfide bridge' 
5 CYS C 2  ? CYS C 46 ? CYS C 2  ? 1_555 CYS C 46 ? 1_555 SG SG . . . None 'Disulfide bridge' 
6 CYS C 13 ? CYS C 36 ? CYS C 13 ? 1_555 CYS C 36 ? 1_555 SG SG . . . None 'Disulfide bridge' 
7 CYS D 2  ? CYS D 46 ? CYS D 2  ? 1_555 CYS D 46 ? 1_555 SG SG . . . None 'Disulfide bridge' 
8 CYS D 13 ? CYS D 36 ? CYS D 13 ? 1_555 CYS D 36 ? 1_555 SG SG . . . None 'Disulfide bridge' 
# 
loop_
_struct_sheet.id 
_struct_sheet.type 
_struct_sheet.number_strands 
_struct_sheet.details 
A ? 2 ? 
B ? 2 ? 
C ? 2 ? 
D ? 2 ? 
# 
loop_
_struct_sheet_order.sheet_id 
_struct_sheet_order.range_id_1 
_struct_sheet_order.range_id_2 
_struct_sheet_order.offset 
_struct_sheet_order.sense 
A 1 2 ? anti-parallel 
B 1 2 ? anti-parallel 
C 1 2 ? anti-parallel 
D 1 2 ? anti-parallel 
# 
loop_
_struct_sheet_range.sheet_id 
_struct_sheet_range.id 
_struct_sheet_range.beg_label_comp_id 
_struct_sheet_range.beg_label_asym_id 
_struct_sheet_range.beg_label_seq_id 
_struct_sheet_range.pdbx_beg_PDB_ins_code 
_struct_sheet_range.end_label_comp_id 
_struct_sheet_range.end_label_asym_id 
_struct_sheet_range.end_label_seq_id 
_struct_sheet_range.pdbx_end_PDB_ins_code 
_struct_sheet_range.beg_auth_comp_id 
_struct_sheet_range.beg_auth_asym_id 
_struct_sheet_range.beg_auth_seq_id 
_struct_sheet_range.end_auth_comp_id 
_struct_sheet_range.end_auth_asym_id 
_struct_sheet_range.end_auth_seq_id 
A 1 THR A 4  ? THR A 6  ? THR A 4  THR A 6  
A 2 VAL A 44 ? CYS A 46 ? VAL A 44 CYS A 46 
B 1 THR B 4  ? THR B 6  ? THR B 4  THR B 6  
B 2 VAL B 44 ? CYS B 46 ? VAL B 44 CYS B 46 
C 1 THR C 4  ? THR C 6  ? THR C 4  THR C 6  
C 2 VAL C 44 ? CYS C 46 ? VAL C 44 CYS C 46 
D 1 THR D 4  ? THR D 6  ? THR D 4  THR D 6  
D 2 VAL D 44 ? CYS D 46 ? VAL D 44 CYS D 46 
# 
loop_
_pdbx_struct_sheet_hbond.sheet_id 
_pdbx_struct_sheet_hbond.range_id_1 
_pdbx_struct_sheet_hbond.range_id_2 
_pdbx_struct_sheet_hbond.range_1_label_atom_id 
_pdbx_struct_sheet_hbond.range_1_label_comp_id 
_pdbx_struct_sheet_hbond.range_1_label_asym_id 
_pdbx_struct_sheet_hbond.range_1_label_seq_id 
_pdbx_struct_sheet_hbond.range_1_PDB_ins_code 
_pdbx_struct_sheet_hbond.range_1_auth_atom_id 
_pdbx_struct_sheet_hbond.range_1_auth_comp_id 
_pdbx_struct_sheet_hbond.range_1_auth_asym_id 
_pdbx_struct_sheet_hbond.range_1_auth_seq_id 
_pdbx_struct_sheet_hbond.range_2_label_atom_id 
_pdbx_struct_sheet_hbond.range_2_label_comp_id 
_pdbx_struct_sheet_hbond.range_2_label_asym_id 
_pdbx_struct_sheet_hbond.range_2_label_seq_id 
_pdbx_struct_sheet_hbond.range_2_PDB_ins_code 
_pdbx_struct_sheet_hbond.range_2_auth_atom_id 
_pdbx_struct_sheet_hbond.range_2_auth_comp_id 
_pdbx_struct_sheet_hbond.range_2_auth_asym_id 
_pdbx_struct_sheet_hbond.range_2_auth_seq_id 
A 1 2 N TYR A 5 ? N TYR A 5 O VAL A 45 ? O VAL A 45 
B 1 2 N TYR B 5 ? N TYR B 5 O VAL B 45 ? O VAL B 45 
C 1 2 N TYR C 5 ? N TYR C 5 O VAL C 45 ? O VAL C 45 
D 1 2 N TYR D 5 ? N TYR D 5 O VAL D 45 ? O VAL D 45 
# 
loop_
_struct_site.id 
_struct_site.pdbx_evidence_code 
_struct_site.pdbx_auth_asym_id 
_struct_site.pdbx_auth_comp_id 
_struct_site.pdbx_auth_seq_id 
_struct_site.pdbx_auth_ins_code 
_struct_site.pdbx_num_residues 
_struct_site.details 
AC1 Software A ZN 101 ? 4 'BINDING SITE FOR RESIDUE ZN A 101' 
AC2 Software A ZN 102 ? 4 'BINDING SITE FOR RESIDUE ZN A 102' 
AC3 Software B ZN 101 ? 2 'BINDING SITE FOR RESIDUE ZN B 101' 
AC4 Software D ZN 101 ? 4 'BINDING SITE FOR RESIDUE ZN D 101' 
# 
loop_
_struct_site_gen.id 
_struct_site_gen.site_id 
_struct_site_gen.pdbx_num_res 
_struct_site_gen.label_comp_id 
_struct_site_gen.label_asym_id 
_struct_site_gen.label_seq_id 
_struct_site_gen.pdbx_auth_ins_code 
_struct_site_gen.auth_comp_id 
_struct_site_gen.auth_asym_id 
_struct_site_gen.auth_seq_id 
_struct_site_gen.label_atom_id 
_struct_site_gen.label_alt_id 
_struct_site_gen.symmetry 
_struct_site_gen.details 
1  AC1 4 ASP A 35 ? ASP A 35 . ? 1_555 ? 
2  AC1 4 ASN A 37 ? ASN A 37 . ? 1_555 ? 
3  AC1 4 GLU B 28 ? GLU B 28 . ? 1_555 ? 
4  AC1 4 ASP C 26 ? ASP C 26 . ? 1_555 ? 
5  AC2 4 ASP A 26 ? ASP A 26 . ? 1_555 ? 
6  AC2 4 ASP C 35 ? ASP C 35 . ? 2_464 ? 
7  AC2 4 ASN C 37 ? ASN C 37 . ? 2_464 ? 
8  AC2 4 GLU D 28 ? GLU D 28 . ? 1_555 ? 
9  AC3 2 ASP B 35 ? ASP B 35 . ? 1_555 ? 
10 AC3 2 GLU C 28 ? GLU C 28 . ? 1_555 ? 
11 AC4 4 GLU A 28 ? GLU A 28 . ? 1_555 ? 
12 AC4 4 ASP B 26 ? ASP B 26 . ? 1_555 ? 
13 AC4 4 ASP D 35 ? ASP D 35 . ? 1_555 ? 
14 AC4 4 ASN D 37 ? ASN D 37 . ? 1_555 ? 
# 
_pdbx_entry_details.entry_id                   4PXV 
_pdbx_entry_details.compound_details           ? 
_pdbx_entry_details.source_details             ? 
_pdbx_entry_details.nonpolymer_details         ? 
_pdbx_entry_details.sequence_details           ? 
_pdbx_entry_details.has_ligand_of_interest     ? 
_pdbx_entry_details.has_protein_modification   Y 
# 
loop_
_pdbx_validate_torsion.id 
_pdbx_validate_torsion.PDB_model_num 
_pdbx_validate_torsion.auth_comp_id 
_pdbx_validate_torsion.auth_asym_id 
_pdbx_validate_torsion.auth_seq_id 
_pdbx_validate_torsion.PDB_ins_code 
_pdbx_validate_torsion.label_alt_id 
_pdbx_validate_torsion.phi 
_pdbx_validate_torsion.psi 
1 1 ALA A 32 ? ? 28.08   69.10  
2 1 ASN A 38 ? ? -142.64 44.93  
3 1 ALA C 32 ? ? -32.83  115.27 
4 1 ASN C 38 ? ? -151.65 51.65  
5 1 ASN D 38 ? ? -147.13 52.47  
# 
loop_
_pdbx_unobs_or_zero_occ_residues.id 
_pdbx_unobs_or_zero_occ_residues.PDB_model_num 
_pdbx_unobs_or_zero_occ_residues.polymer_flag 
_pdbx_unobs_or_zero_occ_residues.occupancy_flag 
_pdbx_unobs_or_zero_occ_residues.auth_asym_id 
_pdbx_unobs_or_zero_occ_residues.auth_comp_id 
_pdbx_unobs_or_zero_occ_residues.auth_seq_id 
_pdbx_unobs_or_zero_occ_residues.PDB_ins_code 
_pdbx_unobs_or_zero_occ_residues.label_asym_id 
_pdbx_unobs_or_zero_occ_residues.label_comp_id 
_pdbx_unobs_or_zero_occ_residues.label_seq_id 
1 1 Y 1 A MET 1  ? A MET 1  
2 1 Y 1 A LYS 49 ? A LYS 49 
3 1 Y 1 B MET 1  ? B MET 1  
4 1 Y 1 B LYS 49 ? B LYS 49 
5 1 Y 1 C MET 1  ? C MET 1  
6 1 Y 1 D MET 1  ? D MET 1  
7 1 Y 1 D LYS 49 ? D LYS 49 
# 
loop_
_chem_comp_atom.comp_id 
_chem_comp_atom.atom_id 
_chem_comp_atom.type_symbol 
_chem_comp_atom.pdbx_aromatic_flag 
_chem_comp_atom.pdbx_stereo_config 
_chem_comp_atom.pdbx_ordinal 
ALA N    N  N N 1   
ALA CA   C  N S 2   
ALA C    C  N N 3   
ALA O    O  N N 4   
ALA CB   C  N N 5   
ALA OXT  O  N N 6   
ALA H    H  N N 7   
ALA H2   H  N N 8   
ALA HA   H  N N 9   
ALA HB1  H  N N 10  
ALA HB2  H  N N 11  
ALA HB3  H  N N 12  
ALA HXT  H  N N 13  
ARG N    N  N N 14  
ARG CA   C  N S 15  
ARG C    C  N N 16  
ARG O    O  N N 17  
ARG CB   C  N N 18  
ARG CG   C  N N 19  
ARG CD   C  N N 20  
ARG NE   N  N N 21  
ARG CZ   C  N N 22  
ARG NH1  N  N N 23  
ARG NH2  N  N N 24  
ARG OXT  O  N N 25  
ARG H    H  N N 26  
ARG H2   H  N N 27  
ARG HA   H  N N 28  
ARG HB2  H  N N 29  
ARG HB3  H  N N 30  
ARG HG2  H  N N 31  
ARG HG3  H  N N 32  
ARG HD2  H  N N 33  
ARG HD3  H  N N 34  
ARG HE   H  N N 35  
ARG HH11 H  N N 36  
ARG HH12 H  N N 37  
ARG HH21 H  N N 38  
ARG HH22 H  N N 39  
ARG HXT  H  N N 40  
ASN N    N  N N 41  
ASN CA   C  N S 42  
ASN C    C  N N 43  
ASN O    O  N N 44  
ASN CB   C  N N 45  
ASN CG   C  N N 46  
ASN OD1  O  N N 47  
ASN ND2  N  N N 48  
ASN OXT  O  N N 49  
ASN H    H  N N 50  
ASN H2   H  N N 51  
ASN HA   H  N N 52  
ASN HB2  H  N N 53  
ASN HB3  H  N N 54  
ASN HD21 H  N N 55  
ASN HD22 H  N N 56  
ASN HXT  H  N N 57  
ASP N    N  N N 58  
ASP CA   C  N S 59  
ASP C    C  N N 60  
ASP O    O  N N 61  
ASP CB   C  N N 62  
ASP CG   C  N N 63  
ASP OD1  O  N N 64  
ASP OD2  O  N N 65  
ASP OXT  O  N N 66  
ASP H    H  N N 67  
ASP H2   H  N N 68  
ASP HA   H  N N 69  
ASP HB2  H  N N 70  
ASP HB3  H  N N 71  
ASP HD2  H  N N 72  
ASP HXT  H  N N 73  
CYS N    N  N N 74  
CYS CA   C  N R 75  
CYS C    C  N N 76  
CYS O    O  N N 77  
CYS CB   C  N N 78  
CYS SG   S  N N 79  
CYS OXT  O  N N 80  
CYS H    H  N N 81  
CYS H2   H  N N 82  
CYS HA   H  N N 83  
CYS HB2  H  N N 84  
CYS HB3  H  N N 85  
CYS HG   H  N N 86  
CYS HXT  H  N N 87  
GLN N    N  N N 88  
GLN CA   C  N S 89  
GLN C    C  N N 90  
GLN O    O  N N 91  
GLN CB   C  N N 92  
GLN CG   C  N N 93  
GLN CD   C  N N 94  
GLN OE1  O  N N 95  
GLN NE2  N  N N 96  
GLN OXT  O  N N 97  
GLN H    H  N N 98  
GLN H2   H  N N 99  
GLN HA   H  N N 100 
GLN HB2  H  N N 101 
GLN HB3  H  N N 102 
GLN HG2  H  N N 103 
GLN HG3  H  N N 104 
GLN HE21 H  N N 105 
GLN HE22 H  N N 106 
GLN HXT  H  N N 107 
GLU N    N  N N 108 
GLU CA   C  N S 109 
GLU C    C  N N 110 
GLU O    O  N N 111 
GLU CB   C  N N 112 
GLU CG   C  N N 113 
GLU CD   C  N N 114 
GLU OE1  O  N N 115 
GLU OE2  O  N N 116 
GLU OXT  O  N N 117 
GLU H    H  N N 118 
GLU H2   H  N N 119 
GLU HA   H  N N 120 
GLU HB2  H  N N 121 
GLU HB3  H  N N 122 
GLU HG2  H  N N 123 
GLU HG3  H  N N 124 
GLU HE2  H  N N 125 
GLU HXT  H  N N 126 
GLY N    N  N N 127 
GLY CA   C  N N 128 
GLY C    C  N N 129 
GLY O    O  N N 130 
GLY OXT  O  N N 131 
GLY H    H  N N 132 
GLY H2   H  N N 133 
GLY HA2  H  N N 134 
GLY HA3  H  N N 135 
GLY HXT  H  N N 136 
HOH O    O  N N 137 
HOH H1   H  N N 138 
HOH H2   H  N N 139 
ILE N    N  N N 140 
ILE CA   C  N S 141 
ILE C    C  N N 142 
ILE O    O  N N 143 
ILE CB   C  N S 144 
ILE CG1  C  N N 145 
ILE CG2  C  N N 146 
ILE CD1  C  N N 147 
ILE OXT  O  N N 148 
ILE H    H  N N 149 
ILE H2   H  N N 150 
ILE HA   H  N N 151 
ILE HB   H  N N 152 
ILE HG12 H  N N 153 
ILE HG13 H  N N 154 
ILE HG21 H  N N 155 
ILE HG22 H  N N 156 
ILE HG23 H  N N 157 
ILE HD11 H  N N 158 
ILE HD12 H  N N 159 
ILE HD13 H  N N 160 
ILE HXT  H  N N 161 
LEU N    N  N N 162 
LEU CA   C  N S 163 
LEU C    C  N N 164 
LEU O    O  N N 165 
LEU CB   C  N N 166 
LEU CG   C  N N 167 
LEU CD1  C  N N 168 
LEU CD2  C  N N 169 
LEU OXT  O  N N 170 
LEU H    H  N N 171 
LEU H2   H  N N 172 
LEU HA   H  N N 173 
LEU HB2  H  N N 174 
LEU HB3  H  N N 175 
LEU HG   H  N N 176 
LEU HD11 H  N N 177 
LEU HD12 H  N N 178 
LEU HD13 H  N N 179 
LEU HD21 H  N N 180 
LEU HD22 H  N N 181 
LEU HD23 H  N N 182 
LEU HXT  H  N N 183 
LYS N    N  N N 184 
LYS CA   C  N S 185 
LYS C    C  N N 186 
LYS O    O  N N 187 
LYS CB   C  N N 188 
LYS CG   C  N N 189 
LYS CD   C  N N 190 
LYS CE   C  N N 191 
LYS NZ   N  N N 192 
LYS OXT  O  N N 193 
LYS H    H  N N 194 
LYS H2   H  N N 195 
LYS HA   H  N N 196 
LYS HB2  H  N N 197 
LYS HB3  H  N N 198 
LYS HG2  H  N N 199 
LYS HG3  H  N N 200 
LYS HD2  H  N N 201 
LYS HD3  H  N N 202 
LYS HE2  H  N N 203 
LYS HE3  H  N N 204 
LYS HZ1  H  N N 205 
LYS HZ2  H  N N 206 
LYS HZ3  H  N N 207 
LYS HXT  H  N N 208 
MET N    N  N N 209 
MET CA   C  N S 210 
MET C    C  N N 211 
MET O    O  N N 212 
MET CB   C  N N 213 
MET CG   C  N N 214 
MET SD   S  N N 215 
MET CE   C  N N 216 
MET OXT  O  N N 217 
MET H    H  N N 218 
MET H2   H  N N 219 
MET HA   H  N N 220 
MET HB2  H  N N 221 
MET HB3  H  N N 222 
MET HG2  H  N N 223 
MET HG3  H  N N 224 
MET HE1  H  N N 225 
MET HE2  H  N N 226 
MET HE3  H  N N 227 
MET HXT  H  N N 228 
PHE N    N  N N 229 
PHE CA   C  N S 230 
PHE C    C  N N 231 
PHE O    O  N N 232 
PHE CB   C  N N 233 
PHE CG   C  Y N 234 
PHE CD1  C  Y N 235 
PHE CD2  C  Y N 236 
PHE CE1  C  Y N 237 
PHE CE2  C  Y N 238 
PHE CZ   C  Y N 239 
PHE OXT  O  N N 240 
PHE H    H  N N 241 
PHE H2   H  N N 242 
PHE HA   H  N N 243 
PHE HB2  H  N N 244 
PHE HB3  H  N N 245 
PHE HD1  H  N N 246 
PHE HD2  H  N N 247 
PHE HE1  H  N N 248 
PHE HE2  H  N N 249 
PHE HZ   H  N N 250 
PHE HXT  H  N N 251 
SER N    N  N N 252 
SER CA   C  N S 253 
SER C    C  N N 254 
SER O    O  N N 255 
SER CB   C  N N 256 
SER OG   O  N N 257 
SER OXT  O  N N 258 
SER H    H  N N 259 
SER H2   H  N N 260 
SER HA   H  N N 261 
SER HB2  H  N N 262 
SER HB3  H  N N 263 
SER HG   H  N N 264 
SER HXT  H  N N 265 
THR N    N  N N 266 
THR CA   C  N S 267 
THR C    C  N N 268 
THR O    O  N N 269 
THR CB   C  N R 270 
THR OG1  O  N N 271 
THR CG2  C  N N 272 
THR OXT  O  N N 273 
THR H    H  N N 274 
THR H2   H  N N 275 
THR HA   H  N N 276 
THR HB   H  N N 277 
THR HG1  H  N N 278 
THR HG21 H  N N 279 
THR HG22 H  N N 280 
THR HG23 H  N N 281 
THR HXT  H  N N 282 
TRP N    N  N N 283 
TRP CA   C  N S 284 
TRP C    C  N N 285 
TRP O    O  N N 286 
TRP CB   C  N N 287 
TRP CG   C  Y N 288 
TRP CD1  C  Y N 289 
TRP CD2  C  Y N 290 
TRP NE1  N  Y N 291 
TRP CE2  C  Y N 292 
TRP CE3  C  Y N 293 
TRP CZ2  C  Y N 294 
TRP CZ3  C  Y N 295 
TRP CH2  C  Y N 296 
TRP OXT  O  N N 297 
TRP H    H  N N 298 
TRP H2   H  N N 299 
TRP HA   H  N N 300 
TRP HB2  H  N N 301 
TRP HB3  H  N N 302 
TRP HD1  H  N N 303 
TRP HE1  H  N N 304 
TRP HE3  H  N N 305 
TRP HZ2  H  N N 306 
TRP HZ3  H  N N 307 
TRP HH2  H  N N 308 
TRP HXT  H  N N 309 
TYR N    N  N N 310 
TYR CA   C  N S 311 
TYR C    C  N N 312 
TYR O    O  N N 313 
TYR CB   C  N N 314 
TYR CG   C  Y N 315 
TYR CD1  C  Y N 316 
TYR CD2  C  Y N 317 
TYR CE1  C  Y N 318 
TYR CE2  C  Y N 319 
TYR CZ   C  Y N 320 
TYR OH   O  N N 321 
TYR OXT  O  N N 322 
TYR H    H  N N 323 
TYR H2   H  N N 324 
TYR HA   H  N N 325 
TYR HB2  H  N N 326 
TYR HB3  H  N N 327 
TYR HD1  H  N N 328 
TYR HD2  H  N N 329 
TYR HE1  H  N N 330 
TYR HE2  H  N N 331 
TYR HH   H  N N 332 
TYR HXT  H  N N 333 
VAL N    N  N N 334 
VAL CA   C  N S 335 
VAL C    C  N N 336 
VAL O    O  N N 337 
VAL CB   C  N N 338 
VAL CG1  C  N N 339 
VAL CG2  C  N N 340 
VAL OXT  O  N N 341 
VAL H    H  N N 342 
VAL H2   H  N N 343 
VAL HA   H  N N 344 
VAL HB   H  N N 345 
VAL HG11 H  N N 346 
VAL HG12 H  N N 347 
VAL HG13 H  N N 348 
VAL HG21 H  N N 349 
VAL HG22 H  N N 350 
VAL HG23 H  N N 351 
VAL HXT  H  N N 352 
ZN  ZN   ZN N N 353 
# 
loop_
_chem_comp_bond.comp_id 
_chem_comp_bond.atom_id_1 
_chem_comp_bond.atom_id_2 
_chem_comp_bond.value_order 
_chem_comp_bond.pdbx_aromatic_flag 
_chem_comp_bond.pdbx_stereo_config 
_chem_comp_bond.pdbx_ordinal 
ALA N   CA   sing N N 1   
ALA N   H    sing N N 2   
ALA N   H2   sing N N 3   
ALA CA  C    sing N N 4   
ALA CA  CB   sing N N 5   
ALA CA  HA   sing N N 6   
ALA C   O    doub N N 7   
ALA C   OXT  sing N N 8   
ALA CB  HB1  sing N N 9   
ALA CB  HB2  sing N N 10  
ALA CB  HB3  sing N N 11  
ALA OXT HXT  sing N N 12  
ARG N   CA   sing N N 13  
ARG N   H    sing N N 14  
ARG N   H2   sing N N 15  
ARG CA  C    sing N N 16  
ARG CA  CB   sing N N 17  
ARG CA  HA   sing N N 18  
ARG C   O    doub N N 19  
ARG C   OXT  sing N N 20  
ARG CB  CG   sing N N 21  
ARG CB  HB2  sing N N 22  
ARG CB  HB3  sing N N 23  
ARG CG  CD   sing N N 24  
ARG CG  HG2  sing N N 25  
ARG CG  HG3  sing N N 26  
ARG CD  NE   sing N N 27  
ARG CD  HD2  sing N N 28  
ARG CD  HD3  sing N N 29  
ARG NE  CZ   sing N N 30  
ARG NE  HE   sing N N 31  
ARG CZ  NH1  sing N N 32  
ARG CZ  NH2  doub N N 33  
ARG NH1 HH11 sing N N 34  
ARG NH1 HH12 sing N N 35  
ARG NH2 HH21 sing N N 36  
ARG NH2 HH22 sing N N 37  
ARG OXT HXT  sing N N 38  
ASN N   CA   sing N N 39  
ASN N   H    sing N N 40  
ASN N   H2   sing N N 41  
ASN CA  C    sing N N 42  
ASN CA  CB   sing N N 43  
ASN CA  HA   sing N N 44  
ASN C   O    doub N N 45  
ASN C   OXT  sing N N 46  
ASN CB  CG   sing N N 47  
ASN CB  HB2  sing N N 48  
ASN CB  HB3  sing N N 49  
ASN CG  OD1  doub N N 50  
ASN CG  ND2  sing N N 51  
ASN ND2 HD21 sing N N 52  
ASN ND2 HD22 sing N N 53  
ASN OXT HXT  sing N N 54  
ASP N   CA   sing N N 55  
ASP N   H    sing N N 56  
ASP N   H2   sing N N 57  
ASP CA  C    sing N N 58  
ASP CA  CB   sing N N 59  
ASP CA  HA   sing N N 60  
ASP C   O    doub N N 61  
ASP C   OXT  sing N N 62  
ASP CB  CG   sing N N 63  
ASP CB  HB2  sing N N 64  
ASP CB  HB3  sing N N 65  
ASP CG  OD1  doub N N 66  
ASP CG  OD2  sing N N 67  
ASP OD2 HD2  sing N N 68  
ASP OXT HXT  sing N N 69  
CYS N   CA   sing N N 70  
CYS N   H    sing N N 71  
CYS N   H2   sing N N 72  
CYS CA  C    sing N N 73  
CYS CA  CB   sing N N 74  
CYS CA  HA   sing N N 75  
CYS C   O    doub N N 76  
CYS C   OXT  sing N N 77  
CYS CB  SG   sing N N 78  
CYS CB  HB2  sing N N 79  
CYS CB  HB3  sing N N 80  
CYS SG  HG   sing N N 81  
CYS OXT HXT  sing N N 82  
GLN N   CA   sing N N 83  
GLN N   H    sing N N 84  
GLN N   H2   sing N N 85  
GLN CA  C    sing N N 86  
GLN CA  CB   sing N N 87  
GLN CA  HA   sing N N 88  
GLN C   O    doub N N 89  
GLN C   OXT  sing N N 90  
GLN CB  CG   sing N N 91  
GLN CB  HB2  sing N N 92  
GLN CB  HB3  sing N N 93  
GLN CG  CD   sing N N 94  
GLN CG  HG2  sing N N 95  
GLN CG  HG3  sing N N 96  
GLN CD  OE1  doub N N 97  
GLN CD  NE2  sing N N 98  
GLN NE2 HE21 sing N N 99  
GLN NE2 HE22 sing N N 100 
GLN OXT HXT  sing N N 101 
GLU N   CA   sing N N 102 
GLU N   H    sing N N 103 
GLU N   H2   sing N N 104 
GLU CA  C    sing N N 105 
GLU CA  CB   sing N N 106 
GLU CA  HA   sing N N 107 
GLU C   O    doub N N 108 
GLU C   OXT  sing N N 109 
GLU CB  CG   sing N N 110 
GLU CB  HB2  sing N N 111 
GLU CB  HB3  sing N N 112 
GLU CG  CD   sing N N 113 
GLU CG  HG2  sing N N 114 
GLU CG  HG3  sing N N 115 
GLU CD  OE1  doub N N 116 
GLU CD  OE2  sing N N 117 
GLU OE2 HE2  sing N N 118 
GLU OXT HXT  sing N N 119 
GLY N   CA   sing N N 120 
GLY N   H    sing N N 121 
GLY N   H2   sing N N 122 
GLY CA  C    sing N N 123 
GLY CA  HA2  sing N N 124 
GLY CA  HA3  sing N N 125 
GLY C   O    doub N N 126 
GLY C   OXT  sing N N 127 
GLY OXT HXT  sing N N 128 
HOH O   H1   sing N N 129 
HOH O   H2   sing N N 130 
ILE N   CA   sing N N 131 
ILE N   H    sing N N 132 
ILE N   H2   sing N N 133 
ILE CA  C    sing N N 134 
ILE CA  CB   sing N N 135 
ILE CA  HA   sing N N 136 
ILE C   O    doub N N 137 
ILE C   OXT  sing N N 138 
ILE CB  CG1  sing N N 139 
ILE CB  CG2  sing N N 140 
ILE CB  HB   sing N N 141 
ILE CG1 CD1  sing N N 142 
ILE CG1 HG12 sing N N 143 
ILE CG1 HG13 sing N N 144 
ILE CG2 HG21 sing N N 145 
ILE CG2 HG22 sing N N 146 
ILE CG2 HG23 sing N N 147 
ILE CD1 HD11 sing N N 148 
ILE CD1 HD12 sing N N 149 
ILE CD1 HD13 sing N N 150 
ILE OXT HXT  sing N N 151 
LEU N   CA   sing N N 152 
LEU N   H    sing N N 153 
LEU N   H2   sing N N 154 
LEU CA  C    sing N N 155 
LEU CA  CB   sing N N 156 
LEU CA  HA   sing N N 157 
LEU C   O    doub N N 158 
LEU C   OXT  sing N N 159 
LEU CB  CG   sing N N 160 
LEU CB  HB2  sing N N 161 
LEU CB  HB3  sing N N 162 
LEU CG  CD1  sing N N 163 
LEU CG  CD2  sing N N 164 
LEU CG  HG   sing N N 165 
LEU CD1 HD11 sing N N 166 
LEU CD1 HD12 sing N N 167 
LEU CD1 HD13 sing N N 168 
LEU CD2 HD21 sing N N 169 
LEU CD2 HD22 sing N N 170 
LEU CD2 HD23 sing N N 171 
LEU OXT HXT  sing N N 172 
LYS N   CA   sing N N 173 
LYS N   H    sing N N 174 
LYS N   H2   sing N N 175 
LYS CA  C    sing N N 176 
LYS CA  CB   sing N N 177 
LYS CA  HA   sing N N 178 
LYS C   O    doub N N 179 
LYS C   OXT  sing N N 180 
LYS CB  CG   sing N N 181 
LYS CB  HB2  sing N N 182 
LYS CB  HB3  sing N N 183 
LYS CG  CD   sing N N 184 
LYS CG  HG2  sing N N 185 
LYS CG  HG3  sing N N 186 
LYS CD  CE   sing N N 187 
LYS CD  HD2  sing N N 188 
LYS CD  HD3  sing N N 189 
LYS CE  NZ   sing N N 190 
LYS CE  HE2  sing N N 191 
LYS CE  HE3  sing N N 192 
LYS NZ  HZ1  sing N N 193 
LYS NZ  HZ2  sing N N 194 
LYS NZ  HZ3  sing N N 195 
LYS OXT HXT  sing N N 196 
MET N   CA   sing N N 197 
MET N   H    sing N N 198 
MET N   H2   sing N N 199 
MET CA  C    sing N N 200 
MET CA  CB   sing N N 201 
MET CA  HA   sing N N 202 
MET C   O    doub N N 203 
MET C   OXT  sing N N 204 
MET CB  CG   sing N N 205 
MET CB  HB2  sing N N 206 
MET CB  HB3  sing N N 207 
MET CG  SD   sing N N 208 
MET CG  HG2  sing N N 209 
MET CG  HG3  sing N N 210 
MET SD  CE   sing N N 211 
MET CE  HE1  sing N N 212 
MET CE  HE2  sing N N 213 
MET CE  HE3  sing N N 214 
MET OXT HXT  sing N N 215 
PHE N   CA   sing N N 216 
PHE N   H    sing N N 217 
PHE N   H2   sing N N 218 
PHE CA  C    sing N N 219 
PHE CA  CB   sing N N 220 
PHE CA  HA   sing N N 221 
PHE C   O    doub N N 222 
PHE C   OXT  sing N N 223 
PHE CB  CG   sing N N 224 
PHE CB  HB2  sing N N 225 
PHE CB  HB3  sing N N 226 
PHE CG  CD1  doub Y N 227 
PHE CG  CD2  sing Y N 228 
PHE CD1 CE1  sing Y N 229 
PHE CD1 HD1  sing N N 230 
PHE CD2 CE2  doub Y N 231 
PHE CD2 HD2  sing N N 232 
PHE CE1 CZ   doub Y N 233 
PHE CE1 HE1  sing N N 234 
PHE CE2 CZ   sing Y N 235 
PHE CE2 HE2  sing N N 236 
PHE CZ  HZ   sing N N 237 
PHE OXT HXT  sing N N 238 
SER N   CA   sing N N 239 
SER N   H    sing N N 240 
SER N   H2   sing N N 241 
SER CA  C    sing N N 242 
SER CA  CB   sing N N 243 
SER CA  HA   sing N N 244 
SER C   O    doub N N 245 
SER C   OXT  sing N N 246 
SER CB  OG   sing N N 247 
SER CB  HB2  sing N N 248 
SER CB  HB3  sing N N 249 
SER OG  HG   sing N N 250 
SER OXT HXT  sing N N 251 
THR N   CA   sing N N 252 
THR N   H    sing N N 253 
THR N   H2   sing N N 254 
THR CA  C    sing N N 255 
THR CA  CB   sing N N 256 
THR CA  HA   sing N N 257 
THR C   O    doub N N 258 
THR C   OXT  sing N N 259 
THR CB  OG1  sing N N 260 
THR CB  CG2  sing N N 261 
THR CB  HB   sing N N 262 
THR OG1 HG1  sing N N 263 
THR CG2 HG21 sing N N 264 
THR CG2 HG22 sing N N 265 
THR CG2 HG23 sing N N 266 
THR OXT HXT  sing N N 267 
TRP N   CA   sing N N 268 
TRP N   H    sing N N 269 
TRP N   H2   sing N N 270 
TRP CA  C    sing N N 271 
TRP CA  CB   sing N N 272 
TRP CA  HA   sing N N 273 
TRP C   O    doub N N 274 
TRP C   OXT  sing N N 275 
TRP CB  CG   sing N N 276 
TRP CB  HB2  sing N N 277 
TRP CB  HB3  sing N N 278 
TRP CG  CD1  doub Y N 279 
TRP CG  CD2  sing Y N 280 
TRP CD1 NE1  sing Y N 281 
TRP CD1 HD1  sing N N 282 
TRP CD2 CE2  doub Y N 283 
TRP CD2 CE3  sing Y N 284 
TRP NE1 CE2  sing Y N 285 
TRP NE1 HE1  sing N N 286 
TRP CE2 CZ2  sing Y N 287 
TRP CE3 CZ3  doub Y N 288 
TRP CE3 HE3  sing N N 289 
TRP CZ2 CH2  doub Y N 290 
TRP CZ2 HZ2  sing N N 291 
TRP CZ3 CH2  sing Y N 292 
TRP CZ3 HZ3  sing N N 293 
TRP CH2 HH2  sing N N 294 
TRP OXT HXT  sing N N 295 
TYR N   CA   sing N N 296 
TYR N   H    sing N N 297 
TYR N   H2   sing N N 298 
TYR CA  C    sing N N 299 
TYR CA  CB   sing N N 300 
TYR CA  HA   sing N N 301 
TYR C   O    doub N N 302 
TYR C   OXT  sing N N 303 
TYR CB  CG   sing N N 304 
TYR CB  HB2  sing N N 305 
TYR CB  HB3  sing N N 306 
TYR CG  CD1  doub Y N 307 
TYR CG  CD2  sing Y N 308 
TYR CD1 CE1  sing Y N 309 
TYR CD1 HD1  sing N N 310 
TYR CD2 CE2  doub Y N 311 
TYR CD2 HD2  sing N N 312 
TYR CE1 CZ   doub Y N 313 
TYR CE1 HE1  sing N N 314 
TYR CE2 CZ   sing Y N 315 
TYR CE2 HE2  sing N N 316 
TYR CZ  OH   sing N N 317 
TYR OH  HH   sing N N 318 
TYR OXT HXT  sing N N 319 
VAL N   CA   sing N N 320 
VAL N   H    sing N N 321 
VAL N   H2   sing N N 322 
VAL CA  C    sing N N 323 
VAL CA  CB   sing N N 324 
VAL CA  HA   sing N N 325 
VAL C   O    doub N N 326 
VAL C   OXT  sing N N 327 
VAL CB  CG1  sing N N 328 
VAL CB  CG2  sing N N 329 
VAL CB  HB   sing N N 330 
VAL CG1 HG11 sing N N 331 
VAL CG1 HG12 sing N N 332 
VAL CG1 HG13 sing N N 333 
VAL CG2 HG21 sing N N 334 
VAL CG2 HG22 sing N N 335 
VAL CG2 HG23 sing N N 336 
VAL OXT HXT  sing N N 337 
# 
_atom_sites.entry_id                    4PXV 
_atom_sites.fract_transf_matrix[1][1]   0.01882579 
_atom_sites.fract_transf_matrix[1][2]   -0.00060302 
_atom_sites.fract_transf_matrix[1][3]   0.01770301 
_atom_sites.fract_transf_matrix[2][1]   0.01361851 
_atom_sites.fract_transf_matrix[2][2]   0.00168051 
_atom_sites.fract_transf_matrix[2][3]   -0.01442499 
_atom_sites.fract_transf_matrix[3][1]   -0.00044322 
_atom_sites.fract_transf_matrix[3][2]   0.01079337 
_atom_sites.fract_transf_matrix[3][3]   0.00083899 
_atom_sites.fract_transf_vector[1]      -0.198219 
_atom_sites.fract_transf_vector[2]      0.550663 
_atom_sites.fract_transf_vector[3]      -0.022826 
# 
loop_
_atom_type.symbol 
C  
N  
O  
S  
ZN 
# 
loop_
_atom_site.group_PDB 
_atom_site.id 
_atom_site.type_symbol 
_atom_site.label_atom_id 
_atom_site.label_alt_id 
_atom_site.label_comp_id 
_atom_site.label_asym_id 
_atom_site.label_entity_id 
_atom_site.label_seq_id 
_atom_site.pdbx_PDB_ins_code 
_atom_site.Cartn_x 
_atom_site.Cartn_y 
_atom_site.Cartn_z 
_atom_site.occupancy 
_atom_site.B_iso_or_equiv 
_atom_site.pdbx_formal_charge 
_atom_site.auth_seq_id 
_atom_site.auth_comp_id 
_atom_site.auth_asym_id 
_atom_site.auth_atom_id 
_atom_site.pdbx_PDB_model_num 
ATOM   1    N  N   . CYS A 1 2  ? -12.573 -13.337 12.882  1.00 25.42 ? 2   CYS A N   1 
ATOM   2    C  CA  . CYS A 1 2  ? -11.611 -12.214 13.088  1.00 24.57 ? 2   CYS A CA  1 
ATOM   3    C  C   . CYS A 1 2  ? -11.181 -12.158 14.555  1.00 23.12 ? 2   CYS A C   1 
ATOM   4    O  O   . CYS A 1 2  ? -11.999 -11.942 15.447  1.00 24.68 ? 2   CYS A O   1 
ATOM   5    C  CB  . CYS A 1 2  ? -12.214 -10.866 12.632  1.00 24.46 ? 2   CYS A CB  1 
ATOM   6    S  SG  . CYS A 1 2  ? -11.318 -9.353  13.124  1.00 24.99 ? 2   CYS A SG  1 
ATOM   7    N  N   . THR A 1 3  ? -9.896  -12.397 14.782  1.00 20.34 ? 3   THR A N   1 
ATOM   8    C  CA  . THR A 1 3  ? -9.233  -12.021 16.019  1.00 18.78 ? 3   THR A CA  1 
ATOM   9    C  C   . THR A 1 3  ? -8.804  -10.562 15.866  1.00 17.04 ? 3   THR A C   1 
ATOM   10   O  O   . THR A 1 3  ? -8.095  -10.219 14.920  1.00 16.29 ? 3   THR A O   1 
ATOM   11   C  CB  . THR A 1 3  ? -7.985  -12.884 16.248  1.00 18.98 ? 3   THR A CB  1 
ATOM   12   O  OG1 . THR A 1 3  ? -8.368  -14.265 16.283  1.00 19.61 ? 3   THR A OG1 1 
ATOM   13   C  CG2 . THR A 1 3  ? -7.275  -12.505 17.550  1.00 18.95 ? 3   THR A CG2 1 
ATOM   14   N  N   . THR A 1 4  ? -9.236  -9.707  16.785  1.00 15.36 ? 4   THR A N   1 
ATOM   15   C  CA  . THR A 1 4  ? -8.903  -8.279  16.724  1.00 14.19 ? 4   THR A CA  1 
ATOM   16   C  C   . THR A 1 4  ? -7.536  -7.953  17.333  1.00 13.43 ? 4   THR A C   1 
ATOM   17   O  O   . THR A 1 4  ? -7.052  -8.666  18.217  1.00 12.96 ? 4   THR A O   1 
ATOM   18   C  CB  . THR A 1 4  ? -9.986  -7.437  17.426  1.00 14.23 ? 4   THR A CB  1 
ATOM   19   O  OG1 . THR A 1 4  ? -10.161 -7.900  18.774  1.00 14.21 ? 4   THR A OG1 1 
ATOM   20   C  CG2 . THR A 1 4  ? -11.298 -7.550  16.689  1.00 14.37 ? 4   THR A CG2 1 
ATOM   21   N  N   . TYR A 1 5  ? -6.924  -6.874  16.835  1.00 12.31 ? 5   TYR A N   1 
ATOM   22   C  CA  . TYR A 1 5  ? -5.689  -6.315  17.387  1.00 12.03 ? 5   TYR A CA  1 
ATOM   23   C  C   . TYR A 1 5  ? -5.773  -4.798  17.248  1.00 11.79 ? 5   TYR A C   1 
ATOM   24   O  O   . TYR A 1 5  ? -6.334  -4.303  16.271  1.00 11.71 ? 5   TYR A O   1 
ATOM   25   C  CB  . TYR A 1 5  ? -4.454  -6.850  16.651  1.00 12.09 ? 5   TYR A CB  1 
ATOM   26   C  CG  . TYR A 1 5  ? -3.166  -6.137  17.021  1.00 12.11 ? 5   TYR A CG  1 
ATOM   27   C  CD1 . TYR A 1 5  ? -2.519  -6.407  18.224  1.00 12.37 ? 5   TYR A CD1 1 
ATOM   28   C  CD2 . TYR A 1 5  ? -2.599  -5.191  16.169  1.00 12.25 ? 5   TYR A CD2 1 
ATOM   29   C  CE1 . TYR A 1 5  ? -1.348  -5.752  18.573  1.00 12.46 ? 5   TYR A CE1 1 
ATOM   30   C  CE2 . TYR A 1 5  ? -1.428  -4.530  16.507  1.00 12.33 ? 5   TYR A CE2 1 
ATOM   31   C  CZ  . TYR A 1 5  ? -0.807  -4.815  17.711  1.00 12.35 ? 5   TYR A CZ  1 
ATOM   32   O  OH  . TYR A 1 5  ? 0.361   -4.171  18.055  1.00 13.05 ? 5   TYR A OH  1 
ATOM   33   N  N   . THR A 1 6  ? -5.221  -4.068  18.215  1.00 11.45 ? 6   THR A N   1 
ATOM   34   C  CA  . THR A 1 6  ? -5.289  -2.607  18.200  1.00 11.18 ? 6   THR A CA  1 
ATOM   35   C  C   . THR A 1 6  ? -3.931  -2.002  17.872  1.00 11.07 ? 6   THR A C   1 
ATOM   36   O  O   . THR A 1 6  ? -2.921  -2.305  18.514  1.00 10.92 ? 6   THR A O   1 
ATOM   37   C  CB  . THR A 1 6  ? -5.814  -2.055  19.542  1.00 11.29 ? 6   THR A CB  1 
ATOM   38   O  OG1 . THR A 1 6  ? -7.069  -2.674  19.850  1.00 11.26 ? 6   THR A OG1 1 
ATOM   39   C  CG2 . THR A 1 6  ? -6.016  -0.547  19.472  1.00 11.20 ? 6   THR A CG2 1 
ATOM   40   N  N   . ILE A 1 7  ? -3.916  -1.142  16.854  1.00 11.07 ? 7   ILE A N   1 
ATOM   41   C  CA  . ILE A 1 7  ? -2.681  -0.521  16.386  1.00 11.05 ? 7   ILE A CA  1 
ATOM   42   C  C   . ILE A 1 7  ? -2.014  0.360   17.454  1.00 11.60 ? 7   ILE A C   1 
ATOM   43   O  O   . ILE A 1 7  ? -2.645  1.236   18.048  1.00 11.84 ? 7   ILE A O   1 
ATOM   44   C  CB  . ILE A 1 7  ? -2.944  0.318   15.108  1.00 10.66 ? 7   ILE A CB  1 
ATOM   45   C  CG1 . ILE A 1 7  ? -3.399  -0.583  13.949  1.00 10.49 ? 7   ILE A CG1 1 
ATOM   46   C  CG2 . ILE A 1 7  ? -1.717  1.136   14.728  1.00 10.60 ? 7   ILE A CG2 1 
ATOM   47   C  CD1 . ILE A 1 7  ? -2.382  -1.617  13.513  1.00 10.37 ? 7   ILE A CD1 1 
ATOM   48   N  N   . LYS A 1 8  ? -0.714  0.139   17.650  1.00 12.80 ? 8   LYS A N   1 
ATOM   49   C  CA  . LYS A 1 8  ? 0.096   0.903   18.599  1.00 13.81 ? 8   LYS A CA  1 
ATOM   50   C  C   . LYS A 1 8  ? 1.193   1.664   17.861  1.00 14.61 ? 8   LYS A C   1 
ATOM   51   O  O   . LYS A 1 8  ? 1.514   1.363   16.706  1.00 13.88 ? 8   LYS A O   1 
ATOM   52   C  CB  . LYS A 1 8  ? 0.702   -0.030  19.639  1.00 14.14 ? 8   LYS A CB  1 
ATOM   53   N  N   . SER A 1 9  ? 1.779   2.649   18.542  1.00 15.61 ? 9   SER A N   1 
ATOM   54   C  CA  . SER A 1 9  ? 2.820   3.486   17.959  1.00 16.90 ? 9   SER A CA  1 
ATOM   55   C  C   . SER A 1 9  ? 3.917   2.642   17.280  1.00 16.57 ? 9   SER A C   1 
ATOM   56   O  O   . SER A 1 9  ? 4.469   1.721   17.876  1.00 17.79 ? 9   SER A O   1 
ATOM   57   C  CB  . SER A 1 9  ? 3.416   4.394   19.051  1.00 17.98 ? 9   SER A CB  1 
ATOM   58   O  OG  . SER A 1 9  ? 4.426   5.247   18.550  1.00 19.51 ? 9   SER A OG  1 
ATOM   59   N  N   . GLY A 1 10 ? 4.203   2.949   16.021  1.00 16.34 ? 10  GLY A N   1 
ATOM   60   C  CA  . GLY A 1 10 ? 5.268   2.277   15.280  1.00 15.77 ? 10  GLY A CA  1 
ATOM   61   C  C   . GLY A 1 10 ? 4.881   0.967   14.611  1.00 15.29 ? 10  GLY A C   1 
ATOM   62   O  O   . GLY A 1 10 ? 5.698   0.379   13.902  1.00 15.37 ? 10  GLY A O   1 
ATOM   63   N  N   . ASP A 1 11 ? 3.657   0.491   14.848  1.00 14.45 ? 11  ASP A N   1 
ATOM   64   C  CA  . ASP A 1 11 ? 3.163   -0.721  14.198  1.00 13.86 ? 11  ASP A CA  1 
ATOM   65   C  C   . ASP A 1 11 ? 3.067   -0.523  12.689  1.00 13.14 ? 11  ASP A C   1 
ATOM   66   O  O   . ASP A 1 11 ? 2.755   0.569   12.210  1.00 12.94 ? 11  ASP A O   1 
ATOM   67   C  CB  . ASP A 1 11 ? 1.772   -1.108  14.716  1.00 14.09 ? 11  ASP A CB  1 
ATOM   68   C  CG  . ASP A 1 11 ? 1.802   -1.883  16.021  1.00 14.40 ? 11  ASP A CG  1 
ATOM   69   O  OD1 . ASP A 1 11 ? 2.863   -2.406  16.425  1.00 14.96 ? 11  ASP A OD1 1 
ATOM   70   O  OD2 . ASP A 1 11 ? 0.731   -1.997  16.642  1.00 14.29 ? 11  ASP A OD2 1 
ATOM   71   N  N   . THR A 1 12 ? 3.342   -1.593  11.950  1.00 12.46 ? 12  THR A N   1 
ATOM   72   C  CA  . THR A 1 12 ? 3.121   -1.623  10.508  1.00 12.03 ? 12  THR A CA  1 
ATOM   73   C  C   . THR A 1 12 ? 2.345   -2.886  10.186  1.00 11.45 ? 12  THR A C   1 
ATOM   74   O  O   . THR A 1 12 ? 2.382   -3.857  10.947  1.00 10.71 ? 12  THR A O   1 
ATOM   75   C  CB  . THR A 1 12 ? 4.436   -1.616  9.701   1.00 12.26 ? 12  THR A CB  1 
ATOM   76   O  OG1 . THR A 1 12 ? 5.177   -2.821  9.947   1.00 12.78 ? 12  THR A OG1 1 
ATOM   77   C  CG2 . THR A 1 12 ? 5.288   -0.409  10.050  1.00 12.51 ? 12  THR A CG2 1 
ATOM   78   N  N   . CYS A 1 13 ? 1.636   -2.883  9.061   1.00 11.08 ? 13  CYS A N   1 
ATOM   79   C  CA  . CYS A 1 13 ? 0.923   -4.086  8.635   1.00 11.22 ? 13  CYS A CA  1 
ATOM   80   C  C   . CYS A 1 13 ? 1.894   -5.242  8.372   1.00 11.44 ? 13  CYS A C   1 
ATOM   81   O  O   . CYS A 1 13 ? 1.597   -6.403  8.677   1.00 11.17 ? 13  CYS A O   1 
ATOM   82   C  CB  . CYS A 1 13 ? 0.121   -3.818  7.357   1.00 11.16 ? 13  CYS A CB  1 
ATOM   83   S  SG  . CYS A 1 13 ? -1.184  -2.565  7.455   1.00 11.16 ? 13  CYS A SG  1 
ATOM   84   N  N   . TYR A 1 14 ? 3.043   -4.929  7.777   1.00 12.19 ? 14  TYR A N   1 
ATOM   85   C  CA  . TYR A 1 14 ? 4.076   -5.931  7.522   1.00 13.34 ? 14  TYR A CA  1 
ATOM   86   C  C   . TYR A 1 14 ? 4.574   -6.592  8.814   1.00 12.92 ? 14  TYR A C   1 
ATOM   87   O  O   . TYR A 1 14 ? 4.673   -7.821  8.890   1.00 12.97 ? 14  TYR A O   1 
ATOM   88   C  CB  . TYR A 1 14 ? 5.268   -5.311  6.799   1.00 14.34 ? 14  TYR A CB  1 
ATOM   89   C  CG  . TYR A 1 14 ? 6.425   -6.267  6.641   1.00 16.22 ? 14  TYR A CG  1 
ATOM   90   C  CD1 . TYR A 1 14 ? 6.338   -7.355  5.781   1.00 16.95 ? 14  TYR A CD1 1 
ATOM   91   C  CD2 . TYR A 1 14 ? 7.598   -6.098  7.372   1.00 17.32 ? 14  TYR A CD2 1 
ATOM   92   C  CE1 . TYR A 1 14 ? 7.396   -8.243  5.634   1.00 18.63 ? 14  TYR A CE1 1 
ATOM   93   C  CE2 . TYR A 1 14 ? 8.656   -6.978  7.232   1.00 18.62 ? 14  TYR A CE2 1 
ATOM   94   C  CZ  . TYR A 1 14 ? 8.553   -8.045  6.362   1.00 18.88 ? 14  TYR A CZ  1 
ATOM   95   O  OH  . TYR A 1 14 ? 9.608   -8.917  6.235   1.00 21.68 ? 14  TYR A OH  1 
ATOM   96   N  N   . ALA A 1 15 ? 4.900   -5.779  9.816   1.00 12.61 ? 15  ALA A N   1 
ATOM   97   C  CA  . ALA A 1 15 ? 5.448   -6.302  11.078  1.00 12.73 ? 15  ALA A CA  1 
ATOM   98   C  C   . ALA A 1 15 ? 4.415   -7.108  11.857  1.00 12.93 ? 15  ALA A C   1 
ATOM   99   O  O   . ALA A 1 15 ? 4.735   -8.141  12.445  1.00 12.55 ? 15  ALA A O   1 
ATOM   100  C  CB  . ALA A 1 15 ? 6.009   -5.168  11.930  1.00 12.73 ? 15  ALA A CB  1 
ATOM   101  N  N   . ILE A 1 16 ? 3.172   -6.631  11.847  1.00 13.12 ? 16  ILE A N   1 
ATOM   102  C  CA  . ILE A 1 16 ? 2.038   -7.360  12.403  1.00 13.50 ? 16  ILE A CA  1 
ATOM   103  C  C   . ILE A 1 16 ? 1.879   -8.730  11.733  1.00 13.72 ? 16  ILE A C   1 
ATOM   104  O  O   . ILE A 1 16 ? 1.716   -9.743  12.411  1.00 13.81 ? 16  ILE A O   1 
ATOM   105  C  CB  . ILE A 1 16 ? 0.731   -6.533  12.258  1.00 13.76 ? 16  ILE A CB  1 
ATOM   106  C  CG1 . ILE A 1 16 ? 0.724   -5.360  13.254  1.00 13.85 ? 16  ILE A CG1 1 
ATOM   107  C  CG2 . ILE A 1 16 ? -0.511  -7.398  12.463  1.00 13.90 ? 16  ILE A CG2 1 
ATOM   108  C  CD1 . ILE A 1 16 ? -0.311  -4.297  12.937  1.00 14.07 ? 16  ILE A CD1 1 
ATOM   109  N  N   . SER A 1 17 ? 1.924   -8.755  10.402  1.00 13.66 ? 17  SER A N   1 
ATOM   110  C  CA  . SER A 1 17 ? 1.763   -10.002 9.657   1.00 14.24 ? 17  SER A CA  1 
ATOM   111  C  C   . SER A 1 17 ? 2.923   -10.960 9.925   1.00 15.46 ? 17  SER A C   1 
ATOM   112  O  O   . SER A 1 17 ? 2.715   -12.139 10.233  1.00 15.73 ? 17  SER A O   1 
ATOM   113  C  CB  . SER A 1 17 ? 1.656   -9.715  8.155   1.00 13.92 ? 17  SER A CB  1 
ATOM   114  O  OG  . SER A 1 17 ? 0.507   -8.937  7.887   1.00 13.09 ? 17  SER A OG  1 
ATOM   115  N  N   . GLN A 1 18 ? 4.135   -10.427 9.830   1.00 17.11 ? 18  GLN A N   1 
ATOM   116  C  CA  . GLN A 1 18 ? 5.358   -11.191 10.025  1.00 19.29 ? 18  GLN A CA  1 
ATOM   117  C  C   . GLN A 1 18 ? 5.417   -11.810 11.421  1.00 19.26 ? 18  GLN A C   1 
ATOM   118  O  O   . GLN A 1 18 ? 5.748   -12.987 11.563  1.00 18.99 ? 18  GLN A O   1 
ATOM   119  C  CB  . GLN A 1 18 ? 6.554   -10.276 9.798   1.00 21.40 ? 18  GLN A CB  1 
ATOM   120  C  CG  . GLN A 1 18 ? 7.879   -10.963 9.587   1.00 24.46 ? 18  GLN A CG  1 
ATOM   121  C  CD  . GLN A 1 18 ? 8.967   -9.963  9.250   1.00 27.04 ? 18  GLN A CD  1 
ATOM   122  O  OE1 . GLN A 1 18 ? 8.955   -8.831  9.734   1.00 29.68 ? 18  GLN A OE1 1 
ATOM   123  N  NE2 . GLN A 1 18 ? 9.910   -10.370 8.414   1.00 29.65 ? 18  GLN A NE2 1 
ATOM   124  N  N   . ALA A 1 19 ? 5.073   -11.028 12.443  1.00 19.78 ? 19  ALA A N   1 
ATOM   125  C  CA  . ALA A 1 19 ? 5.077   -11.512 13.827  1.00 20.43 ? 19  ALA A CA  1 
ATOM   126  C  C   . ALA A 1 19 ? 4.084   -12.652 14.065  1.00 20.83 ? 19  ALA A C   1 
ATOM   127  O  O   . ALA A 1 19 ? 4.314   -13.511 14.917  1.00 20.23 ? 19  ALA A O   1 
ATOM   128  C  CB  . ALA A 1 19 ? 4.798   -10.368 14.793  1.00 20.87 ? 19  ALA A CB  1 
ATOM   129  N  N   . ARG A 1 20 ? 2.986   -12.655 13.315  1.00 20.63 ? 20  ARG A N   1 
ATOM   130  C  CA  . ARG A 1 20 ? 1.955   -13.679 13.447  1.00 21.19 ? 20  ARG A CA  1 
ATOM   131  C  C   . ARG A 1 20 ? 2.089   -14.804 12.414  1.00 19.35 ? 20  ARG A C   1 
ATOM   132  O  O   . ARG A 1 20 ? 1.293   -15.737 12.404  1.00 19.04 ? 20  ARG A O   1 
ATOM   133  C  CB  . ARG A 1 20 ? 0.580   -13.017 13.374  1.00 22.86 ? 20  ARG A CB  1 
ATOM   134  C  CG  . ARG A 1 20 ? 0.257   -12.262 14.659  1.00 25.82 ? 20  ARG A CG  1 
ATOM   135  C  CD  . ARG A 1 20 ? -0.547  -10.990 14.459  1.00 28.06 ? 20  ARG A CD  1 
ATOM   136  N  NE  . ARG A 1 20 ? -0.006  -9.908  15.290  1.00 31.55 ? 20  ARG A NE  1 
ATOM   137  C  CZ  . ARG A 1 20 ? -0.326  -9.669  16.562  1.00 32.94 ? 20  ARG A CZ  1 
ATOM   138  N  NH1 . ARG A 1 20 ? -1.214  -10.422 17.207  1.00 35.44 ? 20  ARG A NH1 1 
ATOM   139  N  NH2 . ARG A 1 20 ? 0.248   -8.654  17.197  1.00 34.29 ? 20  ARG A NH2 1 
ATOM   140  N  N   . GLY A 1 21 ? 3.102   -14.716 11.557  1.00 17.91 ? 21  GLY A N   1 
ATOM   141  C  CA  . GLY A 1 21 ? 3.373   -15.755 10.572  1.00 17.20 ? 21  GLY A CA  1 
ATOM   142  C  C   . GLY A 1 21 ? 2.308   -15.846 9.498   1.00 16.17 ? 21  GLY A C   1 
ATOM   143  O  O   . GLY A 1 21 ? 2.023   -16.935 8.994   1.00 16.49 ? 21  GLY A O   1 
ATOM   144  N  N   . ILE A 1 22 ? 1.717   -14.704 9.151   1.00 14.79 ? 22  ILE A N   1 
ATOM   145  C  CA  . ILE A 1 22 ? 0.725   -14.637 8.068   1.00 13.98 ? 22  ILE A CA  1 
ATOM   146  C  C   . ILE A 1 22 ? 1.282   -13.798 6.926   1.00 12.63 ? 22  ILE A C   1 
ATOM   147  O  O   . ILE A 1 22 ? 2.198   -13.000 7.118   1.00 12.24 ? 22  ILE A O   1 
ATOM   148  C  CB  . ILE A 1 22 ? -0.638  -14.062 8.523   1.00 14.31 ? 22  ILE A CB  1 
ATOM   149  C  CG1 . ILE A 1 22 ? -0.494  -12.670 9.136   1.00 14.23 ? 22  ILE A CG1 1 
ATOM   150  C  CG2 . ILE A 1 22 ? -1.327  -15.003 9.502   1.00 14.50 ? 22  ILE A CG2 1 
ATOM   151  C  CD1 . ILE A 1 22 ? -1.810  -12.025 9.512   1.00 14.62 ? 22  ILE A CD1 1 
ATOM   152  N  N   . SER A 1 23 ? 0.747   -13.995 5.726   1.00 11.11 ? 23  SER A N   1 
ATOM   153  C  CA  . SER A 1 23 ? 1.125   -13.147 4.616   1.00 9.88  ? 23  SER A CA  1 
ATOM   154  C  C   . SER A 1 23 ? 0.432   -11.802 4.790   1.00 9.16  ? 23  SER A C   1 
ATOM   155  O  O   . SER A 1 23 ? -0.663  -11.715 5.351   1.00 9.08  ? 23  SER A O   1 
ATOM   156  C  CB  . SER A 1 23 ? 0.757   -13.780 3.273   1.00 9.75  ? 23  SER A CB  1 
ATOM   157  O  OG  . SER A 1 23 ? -0.641  -13.894 3.131   1.00 9.36  ? 23  SER A OG  1 
ATOM   158  N  N   . LEU A 1 24 ? 1.083   -10.752 4.307   1.00 8.67  ? 24  LEU A N   1 
ATOM   159  C  CA  . LEU A 1 24 ? 0.481   -9.425  4.264   1.00 8.34  ? 24  LEU A CA  1 
ATOM   160  C  C   . LEU A 1 24 ? -0.743  -9.416  3.333   1.00 8.11  ? 24  LEU A C   1 
ATOM   161  O  O   . LEU A 1 24 ? -1.693  -8.677  3.574   1.00 7.73  ? 24  LEU A O   1 
ATOM   162  C  CB  . LEU A 1 24 ? 1.515   -8.390  3.818   1.00 8.40  ? 24  LEU A CB  1 
ATOM   163  C  CG  . LEU A 1 24 ? 1.100   -6.927  3.693   1.00 8.48  ? 24  LEU A CG  1 
ATOM   164  C  CD1 . LEU A 1 24 ? 0.333   -6.443  4.912   1.00 8.60  ? 24  LEU A CD1 1 
ATOM   165  C  CD2 . LEU A 1 24 ? 2.333   -6.058  3.457   1.00 8.63  ? 24  LEU A CD2 1 
ATOM   166  N  N   . SER A 1 25 ? -0.721  -10.225 2.271   1.00 7.93  ? 25  SER A N   1 
ATOM   167  C  CA  . SER A 1 25 ? -1.887  -10.321 1.368   1.00 8.01  ? 25  SER A CA  1 
ATOM   168  C  C   . SER A 1 25 ? -3.104  -10.934 2.067   1.00 8.08  ? 25  SER A C   1 
ATOM   169  O  O   . SER A 1 25 ? -4.233  -10.468 1.881   1.00 8.18  ? 25  SER A O   1 
ATOM   170  C  CB  . SER A 1 25 ? -1.559  -11.098 0.087   1.00 8.08  ? 25  SER A CB  1 
ATOM   171  O  OG  . SER A 1 25 ? -0.710  -12.208 0.349   1.00 8.15  ? 25  SER A OG  1 
ATOM   172  N  N   . ASP A 1 26 ? -2.891  -11.976 2.862   1.00 8.18  ? 26  ASP A N   1 
ATOM   173  C  CA  . ASP A 1 26 ? -3.996  -12.542 3.635   1.00 8.36  ? 26  ASP A CA  1 
ATOM   174  C  C   . ASP A 1 26 ? -4.522  -11.520 4.641   1.00 8.32  ? 26  ASP A C   1 
ATOM   175  O  O   . ASP A 1 26 ? -5.738  -11.346 4.777   1.00 8.51  ? 26  ASP A O   1 
ATOM   176  C  CB  . ASP A 1 26 ? -3.575  -13.823 4.333   1.00 8.64  ? 26  ASP A CB  1 
ATOM   177  C  CG  . ASP A 1 26 ? -3.423  -14.988 3.374   1.00 8.83  ? 26  ASP A CG  1 
ATOM   178  O  OD1 . ASP A 1 26 ? -3.795  -14.875 2.189   1.00 9.64  ? 26  ASP A OD1 1 
ATOM   179  O  OD2 . ASP A 1 26 ? -2.950  -16.039 3.812   1.00 9.32  ? 26  ASP A OD2 1 
ATOM   180  N  N   . PHE A 1 27 ? -3.607  -10.838 5.318   1.00 8.18  ? 27  PHE A N   1 
ATOM   181  C  CA  . PHE A 1 27 ? -3.979  -9.774  6.262   1.00 8.25  ? 27  PHE A CA  1 
ATOM   182  C  C   . PHE A 1 27 ? -4.846  -8.723  5.569   1.00 8.16  ? 27  PHE A C   1 
ATOM   183  O  O   . PHE A 1 27 ? -5.884  -8.304  6.089   1.00 7.93  ? 27  PHE A O   1 
ATOM   184  C  CB  . PHE A 1 27 ? -2.725  -9.125  6.853   1.00 8.33  ? 27  PHE A CB  1 
ATOM   185  C  CG  . PHE A 1 27 ? -3.011  -7.927  7.723   1.00 8.48  ? 27  PHE A CG  1 
ATOM   186  C  CD1 . PHE A 1 27 ? -3.303  -8.085  9.062   1.00 8.58  ? 27  PHE A CD1 1 
ATOM   187  C  CD2 . PHE A 1 27 ? -2.973  -6.638  7.192   1.00 8.51  ? 27  PHE A CD2 1 
ATOM   188  C  CE1 . PHE A 1 27 ? -3.561  -6.985  9.865   1.00 8.66  ? 27  PHE A CE1 1 
ATOM   189  C  CE2 . PHE A 1 27 ? -3.236  -5.532  7.987   1.00 8.70  ? 27  PHE A CE2 1 
ATOM   190  C  CZ  . PHE A 1 27 ? -3.522  -5.710  9.331   1.00 8.64  ? 27  PHE A CZ  1 
ATOM   191  N  N   . GLU A 1 28 ? -4.415  -8.296  4.390   1.00 8.37  ? 28  GLU A N   1 
ATOM   192  C  CA  . GLU A 1 28 ? -5.186  -7.325  3.616   1.00 8.68  ? 28  GLU A CA  1 
ATOM   193  C  C   . GLU A 1 28 ? -6.569  -7.857  3.256   1.00 9.02  ? 28  GLU A C   1 
ATOM   194  O  O   . GLU A 1 28 ? -7.560  -7.115  3.335   1.00 9.07  ? 28  GLU A O   1 
ATOM   195  C  CB  . GLU A 1 28 ? -4.422  -6.920  2.359   1.00 8.70  ? 28  GLU A CB  1 
ATOM   196  C  CG  . GLU A 1 28 ? -3.240  -6.027  2.675   1.00 8.80  ? 28  GLU A CG  1 
ATOM   197  C  CD  . GLU A 1 28 ? -2.315  -5.846  1.496   1.00 8.91  ? 28  GLU A CD  1 
ATOM   198  O  OE1 . GLU A 1 28 ? -2.532  -6.488  0.449   1.00 8.95  ? 28  GLU A OE1 1 
ATOM   199  O  OE2 . GLU A 1 28 ? -1.359  -5.067  1.621   1.00 9.61  ? 28  GLU A OE2 1 
ATOM   200  N  N   . SER A 1 29 ? -6.649  -9.142  2.900   1.00 9.43  ? 29  SER A N   1 
ATOM   201  C  CA  . SER A 1 29 ? -7.929  -9.761  2.533   1.00 9.89  ? 29  SER A CA  1 
ATOM   202  C  C   . SER A 1 29 ? -8.937  -9.768  3.686   1.00 10.27 ? 29  SER A C   1 
ATOM   203  O  O   . SER A 1 29 ? -10.155 -9.854  3.460   1.00 10.66 ? 29  SER A O   1 
ATOM   204  C  CB  . SER A 1 29 ? -7.717  -11.187 1.989   1.00 9.96  ? 29  SER A CB  1 
ATOM   205  O  OG  . SER A 1 29 ? -7.589  -12.149 3.020   1.00 9.94  ? 29  SER A OG  1 
ATOM   206  N  N   . TRP A 1 30 ? -8.435  -9.694  4.919   1.00 10.52 ? 30  TRP A N   1 
ATOM   207  C  CA  . TRP A 1 30 ? -9.282  -9.695  6.114   1.00 10.86 ? 30  TRP A CA  1 
ATOM   208  C  C   . TRP A 1 30 ? -9.593  -8.290  6.605   1.00 11.18 ? 30  TRP A C   1 
ATOM   209  O  O   . TRP A 1 30 ? -10.325 -8.122  7.591   1.00 11.10 ? 30  TRP A O   1 
ATOM   210  C  CB  . TRP A 1 30 ? -8.606  -10.471 7.242   1.00 11.04 ? 30  TRP A CB  1 
ATOM   211  C  CG  . TRP A 1 30 ? -8.179  -11.862 6.863   1.00 11.19 ? 30  TRP A CG  1 
ATOM   212  C  CD1 . TRP A 1 30 ? -8.755  -12.662 5.930   1.00 11.18 ? 30  TRP A CD1 1 
ATOM   213  C  CD2 . TRP A 1 30 ? -7.096  -12.610 7.419   1.00 11.41 ? 30  TRP A CD2 1 
ATOM   214  N  NE1 . TRP A 1 30 ? -8.105  -13.857 5.859   1.00 11.26 ? 30  TRP A NE1 1 
ATOM   215  C  CE2 . TRP A 1 30 ? -7.077  -13.860 6.760   1.00 11.45 ? 30  TRP A CE2 1 
ATOM   216  C  CE3 . TRP A 1 30 ? -6.134  -12.350 8.398   1.00 11.76 ? 30  TRP A CE3 1 
ATOM   217  C  CZ2 . TRP A 1 30 ? -6.140  -14.848 7.048   1.00 11.63 ? 30  TRP A CZ2 1 
ATOM   218  C  CZ3 . TRP A 1 30 ? -5.200  -13.343 8.694   1.00 11.86 ? 30  TRP A CZ3 1 
ATOM   219  C  CH2 . TRP A 1 30 ? -5.211  -14.576 8.017   1.00 12.02 ? 30  TRP A CH2 1 
ATOM   220  N  N   . ASN A 1 31 ? -9.054  -7.279  5.924   1.00 11.21 ? 31  ASN A N   1 
ATOM   221  C  CA  . ASN A 1 31 ? -9.113  -5.909  6.423   1.00 11.65 ? 31  ASN A CA  1 
ATOM   222  C  C   . ASN A 1 31 ? -9.577  -4.874  5.402   1.00 12.77 ? 31  ASN A C   1 
ATOM   223  O  O   . ASN A 1 31 ? -9.054  -3.767  5.355   1.00 13.79 ? 31  ASN A O   1 
ATOM   224  C  CB  . ASN A 1 31 ? -7.769  -5.526  7.023   1.00 11.14 ? 31  ASN A CB  1 
ATOM   225  C  CG  . ASN A 1 31 ? -7.570  -6.133  8.388   1.00 10.68 ? 31  ASN A CG  1 
ATOM   226  O  OD1 . ASN A 1 31 ? -8.197  -5.706  9.355   1.00 10.38 ? 31  ASN A OD1 1 
ATOM   227  N  ND2 . ASN A 1 31 ? -6.742  -7.156  8.467   1.00 10.24 ? 31  ASN A ND2 1 
ATOM   228  N  N   . ALA A 1 32 ? -10.569 -5.255  4.601   1.00 13.72 ? 32  ALA A N   1 
ATOM   229  C  CA  . ALA A 1 32 ? -11.372 -4.331  3.785   1.00 14.54 ? 32  ALA A CA  1 
ATOM   230  C  C   . ALA A 1 32 ? -10.685 -3.029  3.340   1.00 14.36 ? 32  ALA A C   1 
ATOM   231  O  O   . ALA A 1 32 ? -11.048 -1.939  3.786   1.00 15.79 ? 32  ALA A O   1 
ATOM   232  C  CB  . ALA A 1 32 ? -12.665 -4.012  4.538   1.00 14.74 ? 32  ALA A CB  1 
ATOM   233  N  N   . GLY A 1 33 ? -9.705  -3.132  2.446   1.00 14.23 ? 33  GLY A N   1 
ATOM   234  C  CA  . GLY A 1 33 ? -9.047  -1.938  1.889   1.00 13.82 ? 33  GLY A CA  1 
ATOM   235  C  C   . GLY A 1 33 ? -8.268  -1.051  2.854   1.00 13.42 ? 33  GLY A C   1 
ATOM   236  O  O   . GLY A 1 33 ? -8.012  0.118   2.547   1.00 14.37 ? 33  GLY A O   1 
ATOM   237  N  N   . ILE A 1 34 ? -7.905  -1.594  4.018   1.00 12.37 ? 34  ILE A N   1 
ATOM   238  C  CA  . ILE A 1 34 ? -7.066  -0.916  5.013   1.00 11.55 ? 34  ILE A CA  1 
ATOM   239  C  C   . ILE A 1 34 ? -5.932  -0.129  4.365   1.00 10.99 ? 34  ILE A C   1 
ATOM   240  O  O   . ILE A 1 34 ? -5.307  -0.614  3.417   1.00 11.12 ? 34  ILE A O   1 
ATOM   241  C  CB  . ILE A 1 34 ? -6.463  -1.961  5.996   1.00 11.57 ? 34  ILE A CB  1 
ATOM   242  C  CG1 . ILE A 1 34 ? -5.682  -1.288  7.122   1.00 11.59 ? 34  ILE A CG1 1 
ATOM   243  C  CG2 . ILE A 1 34 ? -5.582  -2.969  5.266   1.00 11.74 ? 34  ILE A CG2 1 
ATOM   244  C  CD1 . ILE A 1 34 ? -5.434  -2.209  8.306   1.00 11.61 ? 34  ILE A CD1 1 
ATOM   245  N  N   . ASP A 1 35 ? -5.667  1.074   4.866   1.00 10.19 ? 35  ASP A N   1 
ATOM   246  C  CA  . ASP A 1 35 ? -4.574  1.867   4.329   1.00 9.83  ? 35  ASP A CA  1 
ATOM   247  C  C   . ASP A 1 35 ? -3.339  1.680   5.185   1.00 9.77  ? 35  ASP A C   1 
ATOM   248  O  O   . ASP A 1 35 ? -3.155  2.349   6.207   1.00 9.69  ? 35  ASP A O   1 
ATOM   249  C  CB  . ASP A 1 35 ? -4.920  3.356   4.206   1.00 9.59  ? 35  ASP A CB  1 
ATOM   250  C  CG  . ASP A 1 35 ? -3.887  4.106   3.406   1.00 9.44  ? 35  ASP A CG  1 
ATOM   251  O  OD1 . ASP A 1 35 ? -2.889  3.471   2.986   1.00 9.64  ? 35  ASP A OD1 1 
ATOM   252  O  OD2 . ASP A 1 35 ? -4.046  5.322   3.193   1.00 9.38  ? 35  ASP A OD2 1 
ATOM   253  N  N   . CYS A 1 36 ? -2.478  0.770   4.753   1.00 9.60  ? 36  CYS A N   1 
ATOM   254  C  CA  . CYS A 1 36 ? -1.287  0.448   5.515   1.00 9.84  ? 36  CYS A CA  1 
ATOM   255  C  C   . CYS A 1 36 ? -0.266  1.579   5.649   1.00 9.73  ? 36  CYS A C   1 
ATOM   256  O  O   . CYS A 1 36 ? 0.562   1.524   6.553   1.00 9.99  ? 36  CYS A O   1 
ATOM   257  C  CB  . CYS A 1 36 ? -0.639  -0.833  4.981   1.00 10.22 ? 36  CYS A CB  1 
ATOM   258  S  SG  . CYS A 1 36 ? -1.626  -2.286  5.417   1.00 10.58 ? 36  CYS A SG  1 
ATOM   259  N  N   . ASN A 1 37 ? -0.322  2.609   4.804   1.00 9.30  ? 37  ASN A N   1 
ATOM   260  C  CA  . ASN A 1 37 ? 0.583   3.755   4.992   1.00 9.35  ? 37  ASN A CA  1 
ATOM   261  C  C   . ASN A 1 37 ? -0.018  4.906   5.792   1.00 9.47  ? 37  ASN A C   1 
ATOM   262  O  O   . ASN A 1 37 ? 0.602   5.965   5.921   1.00 9.29  ? 37  ASN A O   1 
ATOM   263  C  CB  . ASN A 1 37 ? 1.190   4.251   3.662   1.00 9.23  ? 37  ASN A CB  1 
ATOM   264  C  CG  . ASN A 1 37 ? 0.202   4.966   2.751   1.00 9.27  ? 37  ASN A CG  1 
ATOM   265  O  OD1 . ASN A 1 37 ? -0.899  5.367   3.141   1.00 8.62  ? 37  ASN A OD1 1 
ATOM   266  N  ND2 . ASN A 1 37 ? 0.620   5.139   1.500   1.00 9.33  ? 37  ASN A ND2 1 
ATOM   267  N  N   . ASN A 1 38 ? -1.215  4.699   6.331   1.00 9.79  ? 38  ASN A N   1 
ATOM   268  C  CA  . ASN A 1 38 ? -1.890  5.721   7.127   1.00 10.32 ? 38  ASN A CA  1 
ATOM   269  C  C   . ASN A 1 38 ? -2.657  5.117   8.314   1.00 10.62 ? 38  ASN A C   1 
ATOM   270  O  O   . ASN A 1 38 ? -3.791  5.491   8.600   1.00 10.52 ? 38  ASN A O   1 
ATOM   271  C  CB  . ASN A 1 38 ? -2.816  6.547   6.224   1.00 10.62 ? 38  ASN A CB  1 
ATOM   272  C  CG  . ASN A 1 38 ? -3.303  7.817   6.888   1.00 11.03 ? 38  ASN A CG  1 
ATOM   273  O  OD1 . ASN A 1 38 ? -2.579  8.451   7.660   1.00 11.05 ? 38  ASN A OD1 1 
ATOM   274  N  ND2 . ASN A 1 38 ? -4.533  8.205   6.580   1.00 11.75 ? 38  ASN A ND2 1 
ATOM   275  N  N   . LEU A 1 39 ? -2.010  4.193   9.012   1.00 11.28 ? 39  LEU A N   1 
ATOM   276  C  CA  . LEU A 1 39 ? -2.604  3.575   10.189  1.00 11.94 ? 39  LEU A CA  1 
ATOM   277  C  C   . LEU A 1 39 ? -2.693  4.600   11.320  1.00 12.78 ? 39  LEU A C   1 
ATOM   278  O  O   . LEU A 1 39 ? -1.821  5.459   11.455  1.00 12.11 ? 39  LEU A O   1 
ATOM   279  C  CB  . LEU A 1 39 ? -1.776  2.380   10.644  1.00 12.00 ? 39  LEU A CB  1 
ATOM   280  C  CG  . LEU A 1 39 ? -1.702  1.217   9.644   1.00 12.02 ? 39  LEU A CG  1 
ATOM   281  C  CD1 . LEU A 1 39 ? -0.681  0.201   10.117  1.00 12.37 ? 39  LEU A CD1 1 
ATOM   282  C  CD2 . LEU A 1 39 ? -3.068  0.579   9.462   1.00 12.27 ? 39  LEU A CD2 1 
ATOM   283  N  N   . GLN A 1 40 ? -3.761  4.497   12.108  1.00 14.08 ? 40  GLN A N   1 
ATOM   284  C  CA  . GLN A 1 40 ? -3.990  5.388   13.245  1.00 15.29 ? 40  GLN A CA  1 
ATOM   285  C  C   . GLN A 1 40 ? -3.746  4.613   14.527  1.00 15.26 ? 40  GLN A C   1 
ATOM   286  O  O   . GLN A 1 40 ? -4.122  3.452   14.628  1.00 14.90 ? 40  GLN A O   1 
ATOM   287  C  CB  . GLN A 1 40 ? -5.430  5.911   13.238  1.00 16.39 ? 40  GLN A CB  1 
ATOM   288  C  CG  . GLN A 1 40 ? -5.895  6.520   11.920  1.00 17.66 ? 40  GLN A CG  1 
ATOM   289  C  CD  . GLN A 1 40 ? -5.105  7.754   11.532  1.00 18.81 ? 40  GLN A CD  1 
ATOM   290  O  OE1 . GLN A 1 40 ? -4.878  8.649   12.353  1.00 20.67 ? 40  GLN A OE1 1 
ATOM   291  N  NE2 . GLN A 1 40 ? -4.676  7.812   10.277  1.00 19.41 ? 40  GLN A NE2 1 
ATOM   292  N  N   . ILE A 1 41 ? -3.112  5.247   15.507  1.00 15.54 ? 41  ILE A N   1 
ATOM   293  C  CA  . ILE A 1 41 ? -2.986  4.628   16.826  1.00 15.64 ? 41  ILE A CA  1 
ATOM   294  C  C   . ILE A 1 41 ? -4.411  4.423   17.328  1.00 14.68 ? 41  ILE A C   1 
ATOM   295  O  O   . ILE A 1 41 ? -5.220  5.346   17.267  1.00 14.23 ? 41  ILE A O   1 
ATOM   296  C  CB  . ILE A 1 41 ? -2.166  5.509   17.802  1.00 16.41 ? 41  ILE A CB  1 
ATOM   297  C  CG1 . ILE A 1 41 ? -0.680  5.467   17.423  1.00 17.18 ? 41  ILE A CG1 1 
ATOM   298  C  CG2 . ILE A 1 41 ? -2.341  5.035   19.241  1.00 16.57 ? 41  ILE A CG2 1 
ATOM   299  C  CD1 . ILE A 1 41 ? 0.100   6.685   17.876  1.00 18.05 ? 41  ILE A CD1 1 
ATOM   300  N  N   . GLY A 1 42 ? -4.725  3.207   17.780  1.00 14.10 ? 42  GLY A N   1 
ATOM   301  C  CA  . GLY A 1 42 ? -6.086  2.860   18.230  1.00 13.37 ? 42  GLY A CA  1 
ATOM   302  C  C   . GLY A 1 42 ? -6.974  2.198   17.183  1.00 12.99 ? 42  GLY A C   1 
ATOM   303  O  O   . GLY A 1 42 ? -8.065  1.707   17.487  1.00 12.72 ? 42  GLY A O   1 
ATOM   304  N  N   . GLN A 1 43 ? -6.516  2.183   15.939  1.00 12.37 ? 43  GLN A N   1 
ATOM   305  C  CA  . GLN A 1 43 ? -7.243  1.510   14.877  1.00 12.17 ? 43  GLN A CA  1 
ATOM   306  C  C   . GLN A 1 43 ? -7.290  0.007   15.168  1.00 12.00 ? 43  GLN A C   1 
ATOM   307  O  O   . GLN A 1 43 ? -6.325  -0.555  15.660  1.00 11.73 ? 43  GLN A O   1 
ATOM   308  C  CB  . GLN A 1 43 ? -6.552  1.793   13.537  1.00 12.35 ? 43  GLN A CB  1 
ATOM   309  C  CG  . GLN A 1 43 ? -7.226  1.189   12.319  1.00 12.65 ? 43  GLN A CG  1 
ATOM   310  C  CD  . GLN A 1 43 ? -6.601  1.657   11.021  1.00 13.12 ? 43  GLN A CD  1 
ATOM   311  O  OE1 . GLN A 1 43 ? -5.877  2.652   10.991  1.00 13.55 ? 43  GLN A OE1 1 
ATOM   312  N  NE2 . GLN A 1 43 ? -6.884  0.946   9.940   1.00 13.29 ? 43  GLN A NE2 1 
ATOM   313  N  N   . VAL A 1 44 ? -8.422  -0.624  14.875  1.00 11.45 ? 44  VAL A N   1 
ATOM   314  C  CA  . VAL A 1 44 ? -8.601  -2.051  15.099  1.00 11.67 ? 44  VAL A CA  1 
ATOM   315  C  C   . VAL A 1 44 ? -8.541  -2.816  13.782  1.00 11.66 ? 44  VAL A C   1 
ATOM   316  O  O   . VAL A 1 44 ? -9.213  -2.445  12.824  1.00 11.38 ? 44  VAL A O   1 
ATOM   317  C  CB  . VAL A 1 44 ? -9.949  -2.316  15.780  1.00 11.54 ? 44  VAL A CB  1 
ATOM   318  C  CG1 . VAL A 1 44 ? -10.204 -3.807  15.951  1.00 11.69 ? 44  VAL A CG1 1 
ATOM   319  C  CG2 . VAL A 1 44 ? -10.000 -1.564  17.111  1.00 11.77 ? 44  VAL A CG2 1 
ATOM   320  N  N   . VAL A 1 45 ? -7.752  -3.892  13.770  1.00 11.90 ? 45  VAL A N   1 
ATOM   321  C  CA  . VAL A 1 45 ? -7.530  -4.716  12.579  1.00 12.36 ? 45  VAL A CA  1 
ATOM   322  C  C   . VAL A 1 45 ? -7.767  -6.189  12.918  1.00 13.33 ? 45  VAL A C   1 
ATOM   323  O  O   . VAL A 1 45 ? -7.731  -6.574  14.082  1.00 13.15 ? 45  VAL A O   1 
ATOM   324  C  CB  . VAL A 1 45 ? -6.099  -4.526  12.013  1.00 12.04 ? 45  VAL A CB  1 
ATOM   325  C  CG1 . VAL A 1 45 ? -5.879  -3.081  11.605  1.00 11.95 ? 45  VAL A CG1 1 
ATOM   326  C  CG2 . VAL A 1 45 ? -5.026  -4.950  13.013  1.00 11.98 ? 45  VAL A CG2 1 
ATOM   327  N  N   . CYS A 1 46 ? -8.034  -6.995  11.895  1.00 14.72 ? 46  CYS A N   1 
ATOM   328  C  CA  . CYS A 1 46 ? -8.165  -8.440  12.043  1.00 16.11 ? 46  CYS A CA  1 
ATOM   329  C  C   . CYS A 1 46 ? -6.830  -9.115  11.773  1.00 16.17 ? 46  CYS A C   1 
ATOM   330  O  O   . CYS A 1 46 ? -6.235  -8.889  10.720  1.00 15.02 ? 46  CYS A O   1 
ATOM   331  C  CB  . CYS A 1 46 ? -9.196  -8.976  11.051  1.00 18.10 ? 46  CYS A CB  1 
ATOM   332  S  SG  . CYS A 1 46 ? -10.870 -8.395  11.376  1.00 20.87 ? 46  CYS A SG  1 
ATOM   333  N  N   . VAL A 1 47 ? -6.384  -9.963  12.703  1.00 16.27 ? 47  VAL A N   1 
ATOM   334  C  CA  . VAL A 1 47 ? -5.103  -10.682 12.566  1.00 17.33 ? 47  VAL A CA  1 
ATOM   335  C  C   . VAL A 1 47 ? -5.224  -12.209 12.398  1.00 18.73 ? 47  VAL A C   1 
ATOM   336  O  O   . VAL A 1 47 ? -4.212  -12.915 12.381  1.00 19.73 ? 47  VAL A O   1 
ATOM   337  C  CB  . VAL A 1 47 ? -4.140  -10.361 13.729  1.00 16.96 ? 47  VAL A CB  1 
ATOM   338  C  CG1 . VAL A 1 47 ? -3.682  -8.911  13.645  1.00 16.90 ? 47  VAL A CG1 1 
ATOM   339  C  CG2 . VAL A 1 47 ? -4.777  -10.664 15.081  1.00 16.86 ? 47  VAL A CG2 1 
ATOM   340  N  N   . SER A 1 48 ? -6.445  -12.713 12.260  1.00 20.19 ? 48  SER A N   1 
ATOM   341  C  CA  . SER A 1 48 ? -6.659  -14.119 11.915  1.00 22.12 ? 48  SER A CA  1 
ATOM   342  C  C   . SER A 1 48 ? -7.871  -14.274 11.004  1.00 23.26 ? 48  SER A C   1 
ATOM   343  O  O   . SER A 1 48 ? -8.816  -13.479 11.047  1.00 25.03 ? 48  SER A O   1 
ATOM   344  C  CB  . SER A 1 48 ? -6.825  -14.965 13.181  1.00 21.37 ? 48  SER A CB  1 
ATOM   345  O  OG  . SER A 1 48 ? -8.150  -14.899 13.673  1.00 21.67 ? 48  SER A OG  1 
ATOM   346  N  N   . CYS B 1 2  ? 0.383   -1.255  -16.362 1.00 22.09 ? 2   CYS B N   1 
ATOM   347  C  CA  . CYS B 1 2  ? -0.571  -1.697  -15.304 1.00 21.50 ? 2   CYS B CA  1 
ATOM   348  C  C   . CYS B 1 2  ? -1.883  -2.166  -15.916 1.00 21.34 ? 2   CYS B C   1 
ATOM   349  O  O   . CYS B 1 2  ? -2.219  -1.788  -17.043 1.00 22.81 ? 2   CYS B O   1 
ATOM   350  C  CB  . CYS B 1 2  ? -0.842  -0.554  -14.311 1.00 20.27 ? 2   CYS B CB  1 
ATOM   351  S  SG  . CYS B 1 2  ? -1.903  0.815   -14.875 1.00 19.52 ? 2   CYS B SG  1 
ATOM   352  N  N   . THR B 1 3  ? -2.611  -2.994  -15.175 1.00 20.85 ? 3   THR B N   1 
ATOM   353  C  CA  . THR B 1 3  ? -4.007  -3.284  -15.491 1.00 20.49 ? 3   THR B CA  1 
ATOM   354  C  C   . THR B 1 3  ? -4.832  -2.047  -15.126 1.00 18.58 ? 3   THR B C   1 
ATOM   355  O  O   . THR B 1 3  ? -4.666  -1.497  -14.037 1.00 17.56 ? 3   THR B O   1 
ATOM   356  C  CB  . THR B 1 3  ? -4.510  -4.516  -14.721 1.00 21.93 ? 3   THR B CB  1 
ATOM   357  O  OG1 . THR B 1 3  ? -3.845  -5.681  -15.228 1.00 24.95 ? 3   THR B OG1 1 
ATOM   358  C  CG2 . THR B 1 3  ? -5.996  -4.704  -14.893 1.00 22.71 ? 3   THR B CG2 1 
ATOM   359  N  N   . THR B 1 4  ? -5.699  -1.602  -16.032 1.00 16.89 ? 4   THR B N   1 
ATOM   360  C  CA  . THR B 1 4  ? -6.445  -0.348  -15.834 1.00 16.36 ? 4   THR B CA  1 
ATOM   361  C  C   . THR B 1 4  ? -7.885  -0.572  -15.379 1.00 15.49 ? 4   THR B C   1 
ATOM   362  O  O   . THR B 1 4  ? -8.464  -1.646  -15.582 1.00 14.24 ? 4   THR B O   1 
ATOM   363  C  CB  . THR B 1 4  ? -6.494  0.509   -17.120 1.00 17.26 ? 4   THR B CB  1 
ATOM   364  O  OG1 . THR B 1 4  ? -7.212  -0.194  -18.135 1.00 18.05 ? 4   THR B OG1 1 
ATOM   365  C  CG2 . THR B 1 4  ? -5.105  0.824   -17.630 1.00 17.72 ? 4   THR B CG2 1 
ATOM   366  N  N   . TYR B 1 5  ? -8.447  0.472   -14.776 1.00 14.05 ? 5   TYR B N   1 
ATOM   367  C  CA  . TYR B 1 5  ? -9.847  0.514   -14.372 1.00 13.62 ? 5   TYR B CA  1 
ATOM   368  C  C   . TYR B 1 5  ? -10.331 1.955   -14.519 1.00 13.13 ? 5   TYR B C   1 
ATOM   369  O  O   . TYR B 1 5  ? -9.581  2.882   -14.227 1.00 12.13 ? 5   TYR B O   1 
ATOM   370  C  CB  . TYR B 1 5  ? -9.998  0.059   -12.925 1.00 13.78 ? 5   TYR B CB  1 
ATOM   371  C  CG  . TYR B 1 5  ? -11.389 0.259   -12.375 1.00 14.18 ? 5   TYR B CG  1 
ATOM   372  C  CD1 . TYR B 1 5  ? -12.416 -0.613  -12.710 1.00 14.52 ? 5   TYR B CD1 1 
ATOM   373  C  CD2 . TYR B 1 5  ? -11.682 1.338   -11.546 1.00 14.47 ? 5   TYR B CD2 1 
ATOM   374  C  CE1 . TYR B 1 5  ? -13.698 -0.429  -12.222 1.00 14.85 ? 5   TYR B CE1 1 
ATOM   375  C  CE2 . TYR B 1 5  ? -12.962 1.532   -11.054 1.00 14.71 ? 5   TYR B CE2 1 
ATOM   376  C  CZ  . TYR B 1 5  ? -13.963 0.643   -11.392 1.00 14.97 ? 5   TYR B CZ  1 
ATOM   377  O  OH  . TYR B 1 5  ? -15.239 0.818   -10.909 1.00 15.81 ? 5   TYR B OH  1 
ATOM   378  N  N   . THR B 1 6  ? -11.577 2.136   -14.965 1.00 12.45 ? 6   THR B N   1 
ATOM   379  C  CA  . THR B 1 6  ? -12.149 3.473   -15.131 1.00 12.35 ? 6   THR B CA  1 
ATOM   380  C  C   . THR B 1 6  ? -13.139 3.798   -14.024 1.00 12.10 ? 6   THR B C   1 
ATOM   381  O  O   . THR B 1 6  ? -14.073 3.032   -13.761 1.00 11.30 ? 6   THR B O   1 
ATOM   382  C  CB  . THR B 1 6  ? -12.858 3.625   -16.482 1.00 12.66 ? 6   THR B CB  1 
ATOM   383  O  OG1 . THR B 1 6  ? -11.914 3.386   -17.526 1.00 13.18 ? 6   THR B OG1 1 
ATOM   384  C  CG2 . THR B 1 6  ? -13.435 5.033   -16.634 1.00 12.74 ? 6   THR B CG2 1 
ATOM   385  N  N   . ILE B 1 7  ? -12.921 4.939   -13.384 1.00 12.24 ? 7   ILE B N   1 
ATOM   386  C  CA  . ILE B 1 7  ? -13.772 5.386   -12.282 1.00 12.70 ? 7   ILE B CA  1 
ATOM   387  C  C   . ILE B 1 7  ? -15.199 5.623   -12.782 1.00 13.67 ? 7   ILE B C   1 
ATOM   388  O  O   . ILE B 1 7  ? -15.397 6.238   -13.834 1.00 13.65 ? 7   ILE B O   1 
ATOM   389  C  CB  . ILE B 1 7  ? -13.209 6.674   -11.633 1.00 12.41 ? 7   ILE B CB  1 
ATOM   390  C  CG1 . ILE B 1 7  ? -11.839 6.402   -10.985 1.00 12.21 ? 7   ILE B CG1 1 
ATOM   391  C  CG2 . ILE B 1 7  ? -14.181 7.257   -10.609 1.00 12.08 ? 7   ILE B CG2 1 
ATOM   392  C  CD1 . ILE B 1 7  ? -11.845 5.343   -9.910  1.00 12.20 ? 7   ILE B CD1 1 
ATOM   393  N  N   . LYS B 1 8  ? -16.177 5.105   -12.037 1.00 15.05 ? 8   LYS B N   1 
ATOM   394  C  CA  . LYS B 1 8  ? -17.608 5.288   -12.340 1.00 16.24 ? 8   LYS B CA  1 
ATOM   395  C  C   . LYS B 1 8  ? -18.305 5.802   -11.088 1.00 16.71 ? 8   LYS B C   1 
ATOM   396  O  O   . LYS B 1 8  ? -17.717 5.797   -10.002 1.00 15.82 ? 8   LYS B O   1 
ATOM   397  C  CB  . LYS B 1 8  ? -18.251 3.977   -12.808 1.00 16.96 ? 8   LYS B CB  1 
ATOM   398  C  CG  . LYS B 1 8  ? -18.529 2.965   -11.701 1.00 17.85 ? 8   LYS B CG  1 
ATOM   399  C  CD  . LYS B 1 8  ? -18.934 1.601   -12.252 1.00 18.72 ? 8   LYS B CD  1 
ATOM   400  C  CE  . LYS B 1 8  ? -19.251 0.620   -11.131 1.00 19.46 ? 8   LYS B CE  1 
ATOM   401  N  NZ  . LYS B 1 8  ? -18.072 0.335   -10.257 1.00 20.07 ? 8   LYS B NZ  1 
ATOM   402  N  N   . SER B 1 9  ? -19.553 6.252   -11.217 1.00 17.39 ? 9   SER B N   1 
ATOM   403  C  CA  . SER B 1 9  ? -20.227 6.845   -10.054 1.00 18.17 ? 9   SER B CA  1 
ATOM   404  C  C   . SER B 1 9  ? -20.362 5.811   -8.945  1.00 17.42 ? 9   SER B C   1 
ATOM   405  O  O   . SER B 1 9  ? -20.587 4.623   -9.202  1.00 18.17 ? 9   SER B O   1 
ATOM   406  C  CB  . SER B 1 9  ? -21.586 7.470   -10.417 1.00 19.50 ? 9   SER B CB  1 
ATOM   407  O  OG  . SER B 1 9  ? -22.231 6.747   -11.441 1.00 21.29 ? 9   SER B OG  1 
ATOM   408  N  N   . GLY B 1 10 ? -20.177 6.262   -7.711  1.00 16.98 ? 10  GLY B N   1 
ATOM   409  C  CA  . GLY B 1 10 ? -20.267 5.383   -6.554  1.00 16.21 ? 10  GLY B CA  1 
ATOM   410  C  C   . GLY B 1 10 ? -18.945 4.743   -6.165  1.00 15.65 ? 10  GLY B C   1 
ATOM   411  O  O   . GLY B 1 10 ? -18.891 4.028   -5.169  1.00 15.83 ? 10  GLY B O   1 
ATOM   412  N  N   . ASP B 1 11 ? -17.889 4.984   -6.949  1.00 14.94 ? 11  ASP B N   1 
ATOM   413  C  CA  . ASP B 1 11 ? -16.552 4.452   -6.651  1.00 14.03 ? 11  ASP B CA  1 
ATOM   414  C  C   . ASP B 1 11 ? -15.807 5.286   -5.600  1.00 12.94 ? 11  ASP B C   1 
ATOM   415  O  O   . ASP B 1 11 ? -15.904 6.515   -5.580  1.00 12.70 ? 11  ASP B O   1 
ATOM   416  C  CB  . ASP B 1 11 ? -15.686 4.414   -7.916  1.00 14.13 ? 11  ASP B CB  1 
ATOM   417  C  CG  . ASP B 1 11 ? -16.002 3.238   -8.834  1.00 14.31 ? 11  ASP B CG  1 
ATOM   418  O  OD1 . ASP B 1 11 ? -16.780 2.321   -8.465  1.00 14.91 ? 11  ASP B OD1 1 
ATOM   419  O  OD2 . ASP B 1 11 ? -15.448 3.227   -9.946  1.00 13.87 ? 11  ASP B OD2 1 
ATOM   420  N  N   . THR B 1 12 ? -15.053 4.605   -4.741  1.00 11.90 ? 12  THR B N   1 
ATOM   421  C  CA  . THR B 1 12 ? -14.069 5.249   -3.865  1.00 11.43 ? 12  THR B CA  1 
ATOM   422  C  C   . THR B 1 12 ? -12.787 4.423   -3.885  1.00 11.29 ? 12  THR B C   1 
ATOM   423  O  O   . THR B 1 12 ? -12.802 3.250   -4.253  1.00 10.74 ? 12  THR B O   1 
ATOM   424  C  CB  . THR B 1 12 ? -14.541 5.347   -2.406  1.00 11.07 ? 12  THR B CB  1 
ATOM   425  O  OG1 . THR B 1 12 ? -14.702 4.029   -1.864  1.00 10.59 ? 12  THR B OG1 1 
ATOM   426  C  CG2 . THR B 1 12 ? -15.845 6.137   -2.309  1.00 10.95 ? 12  THR B CG2 1 
ATOM   427  N  N   . CYS B 1 13 ? -11.679 5.037   -3.478  1.00 11.90 ? 13  CYS B N   1 
ATOM   428  C  CA  . CYS B 1 13 ? -10.416 4.316   -3.378  1.00 12.10 ? 13  CYS B CA  1 
ATOM   429  C  C   . CYS B 1 13 ? -10.522 3.136   -2.401  1.00 12.12 ? 13  CYS B C   1 
ATOM   430  O  O   . CYS B 1 13 ? -10.047 2.043   -2.691  1.00 11.99 ? 13  CYS B O   1 
ATOM   431  C  CB  . CYS B 1 13 ? -9.295  5.259   -2.934  1.00 12.64 ? 13  CYS B CB  1 
ATOM   432  S  SG  . CYS B 1 13 ? -8.802  6.544   -4.107  1.00 13.15 ? 13  CYS B SG  1 
ATOM   433  N  N   . TYR B 1 14 ? -11.153 3.347   -1.246  1.00 12.38 ? 14  TYR B N   1 
ATOM   434  C  CA  . TYR B 1 14 ? -11.338 2.256   -0.287  1.00 12.87 ? 14  TYR B CA  1 
ATOM   435  C  C   . TYR B 1 14 ? -12.144 1.102   -0.897  1.00 12.34 ? 14  TYR B C   1 
ATOM   436  O  O   . TYR B 1 14 ? -11.771 -0.058  -0.733  1.00 12.55 ? 14  TYR B O   1 
ATOM   437  C  CB  . TYR B 1 14 ? -12.002 2.730   1.012   1.00 13.63 ? 14  TYR B CB  1 
ATOM   438  C  CG  . TYR B 1 14 ? -11.065 3.331   2.041   1.00 15.03 ? 14  TYR B CG  1 
ATOM   439  C  CD1 . TYR B 1 14 ? -9.937  2.641   2.472   1.00 15.72 ? 14  TYR B CD1 1 
ATOM   440  C  CD2 . TYR B 1 14 ? -11.330 4.573   2.613   1.00 16.00 ? 14  TYR B CD2 1 
ATOM   441  C  CE1 . TYR B 1 14 ? -9.086  3.178   3.425   1.00 16.57 ? 14  TYR B CE1 1 
ATOM   442  C  CE2 . TYR B 1 14 ? -10.482 5.121   3.565   1.00 16.60 ? 14  TYR B CE2 1 
ATOM   443  C  CZ  . TYR B 1 14 ? -9.358  4.418   3.962   1.00 16.86 ? 14  TYR B CZ  1 
ATOM   444  O  OH  . TYR B 1 14 ? -8.505  4.947   4.912   1.00 18.22 ? 14  TYR B OH  1 
ATOM   445  N  N   . ALA B 1 15 ? -13.222 1.421   -1.615  1.00 11.96 ? 15  ALA B N   1 
ATOM   446  C  CA  . ALA B 1 15 ? -14.124 0.393   -2.175  1.00 11.47 ? 15  ALA B CA  1 
ATOM   447  C  C   . ALA B 1 15 ? -13.436 -0.426  -3.265  1.00 11.43 ? 15  ALA B C   1 
ATOM   448  O  O   . ALA B 1 15 ? -13.585 -1.648  -3.334  1.00 10.66 ? 15  ALA B O   1 
ATOM   449  C  CB  . ALA B 1 15 ? -15.386 1.030   -2.721  1.00 11.53 ? 15  ALA B CB  1 
ATOM   450  N  N   . ILE B 1 16 ? -12.669 0.268   -4.101  1.00 11.32 ? 16  ILE B N   1 
ATOM   451  C  CA  . ILE B 1 16 ? -11.832 -0.362  -5.112  1.00 11.78 ? 16  ILE B CA  1 
ATOM   452  C  C   . ILE B 1 16 ? -10.814 -1.302  -4.466  1.00 11.80 ? 16  ILE B C   1 
ATOM   453  O  O   . ILE B 1 16 ? -10.653 -2.441  -4.899  1.00 12.22 ? 16  ILE B O   1 
ATOM   454  C  CB  . ILE B 1 16 ? -11.121 0.707   -5.975  1.00 12.02 ? 16  ILE B CB  1 
ATOM   455  C  CG1 . ILE B 1 16 ? -12.156 1.427   -6.854  1.00 12.23 ? 16  ILE B CG1 1 
ATOM   456  C  CG2 . ILE B 1 16 ? -10.035 0.082   -6.844  1.00 12.16 ? 16  ILE B CG2 1 
ATOM   457  C  CD1 . ILE B 1 16 ? -11.660 2.705   -7.495  1.00 12.31 ? 16  ILE B CD1 1 
ATOM   458  N  N   . SER B 1 17 ? -10.134 -0.828  -3.427  1.00 11.60 ? 17  SER B N   1 
ATOM   459  C  CA  . SER B 1 17 ? -9.104  -1.633  -2.764  1.00 12.10 ? 17  SER B CA  1 
ATOM   460  C  C   . SER B 1 17 ? -9.715  -2.855  -2.092  1.00 12.62 ? 17  SER B C   1 
ATOM   461  O  O   . SER B 1 17 ? -9.195  -3.970  -2.213  1.00 12.12 ? 17  SER B O   1 
ATOM   462  C  CB  . SER B 1 17 ? -8.346  -0.779  -1.753  1.00 12.10 ? 17  SER B CB  1 
ATOM   463  O  OG  . SER B 1 17 ? -7.776  0.315   -2.433  1.00 12.38 ? 17  SER B OG  1 
ATOM   464  N  N   . GLN B 1 18 ? -10.841 -2.652  -1.414  1.00 13.32 ? 18  GLN B N   1 
ATOM   465  C  CA  . GLN B 1 18 ? -11.531 -3.774  -0.792  1.00 14.59 ? 18  GLN B CA  1 
ATOM   466  C  C   . GLN B 1 18 ? -11.921 -4.834  -1.825  1.00 15.03 ? 18  GLN B C   1 
ATOM   467  O  O   . GLN B 1 18 ? -11.731 -6.037  -1.594  1.00 15.05 ? 18  GLN B O   1 
ATOM   468  C  CB  . GLN B 1 18 ? -12.777 -3.322  -0.060  1.00 15.11 ? 18  GLN B CB  1 
ATOM   469  C  CG  . GLN B 1 18 ? -13.614 -4.504  0.409   1.00 15.99 ? 18  GLN B CG  1 
ATOM   470  C  CD  . GLN B 1 18 ? -14.780 -4.086  1.259   1.00 16.82 ? 18  GLN B CD  1 
ATOM   471  O  OE1 . GLN B 1 18 ? -14.733 -3.048  1.910   1.00 17.88 ? 18  GLN B OE1 1 
ATOM   472  N  NE2 . GLN B 1 18 ? -15.841 -4.892  1.260   1.00 17.28 ? 18  GLN B NE2 1 
ATOM   473  N  N   . ALA B 1 19 ? -12.469 -4.382  -2.949  1.00 15.32 ? 19  ALA B N   1 
ATOM   474  C  CA  . ALA B 1 19 ? -12.891 -5.270  -4.036  1.00 16.01 ? 19  ALA B CA  1 
ATOM   475  C  C   . ALA B 1 19 ? -11.762 -6.130  -4.597  1.00 16.62 ? 19  ALA B C   1 
ATOM   476  O  O   . ALA B 1 19 ? -12.008 -7.252  -5.034  1.00 16.79 ? 19  ALA B O   1 
ATOM   477  C  CB  . ALA B 1 19 ? -13.520 -4.461  -5.160  1.00 16.10 ? 19  ALA B CB  1 
ATOM   478  N  N   . ARG B 1 20 ? -10.537 -5.605  -4.597  1.00 17.13 ? 20  ARG B N   1 
ATOM   479  C  CA  . ARG B 1 20 ? -9.370  -6.331  -5.108  1.00 17.95 ? 20  ARG B CA  1 
ATOM   480  C  C   . ARG B 1 20 ? -8.622  -7.112  -4.017  1.00 16.72 ? 20  ARG B C   1 
ATOM   481  O  O   . ARG B 1 20 ? -7.675  -7.825  -4.326  1.00 17.10 ? 20  ARG B O   1 
ATOM   482  C  CB  . ARG B 1 20 ? -8.383  -5.368  -5.782  1.00 19.56 ? 20  ARG B CB  1 
ATOM   483  C  CG  . ARG B 1 20 ? -8.980  -4.385  -6.785  1.00 22.00 ? 20  ARG B CG  1 
ATOM   484  C  CD  . ARG B 1 20 ? -9.158  -4.969  -8.165  1.00 23.96 ? 20  ARG B CD  1 
ATOM   485  N  NE  . ARG B 1 20 ? -9.936  -4.059  -9.012  1.00 26.49 ? 20  ARG B NE  1 
ATOM   486  C  CZ  . ARG B 1 20 ? -10.476 -4.392  -10.187 1.00 29.02 ? 20  ARG B CZ  1 
ATOM   487  N  NH1 . ARG B 1 20 ? -10.328 -5.620  -10.685 1.00 30.35 ? 20  ARG B NH1 1 
ATOM   488  N  NH2 . ARG B 1 20 ? -11.173 -3.489  -10.872 1.00 30.31 ? 20  ARG B NH2 1 
ATOM   489  N  N   . GLY B 1 21 ? -9.027  -6.970  -2.755  1.00 15.71 ? 21  GLY B N   1 
ATOM   490  C  CA  . GLY B 1 21 ? -8.367  -7.659  -1.636  1.00 14.97 ? 21  GLY B CA  1 
ATOM   491  C  C   . GLY B 1 21 ? -7.021  -7.071  -1.234  1.00 14.18 ? 21  GLY B C   1 
ATOM   492  O  O   . GLY B 1 21 ? -6.203  -7.747  -0.594  1.00 13.72 ? 21  GLY B O   1 
ATOM   493  N  N   . ILE B 1 22 ? -6.817  -5.797  -1.566  1.00 13.19 ? 22  ILE B N   1 
ATOM   494  C  CA  . ILE B 1 22 ? -5.525  -5.133  -1.389  1.00 12.96 ? 22  ILE B CA  1 
ATOM   495  C  C   . ILE B 1 22 ? -5.595  -4.039  -0.321  1.00 12.18 ? 22  ILE B C   1 
ATOM   496  O  O   . ILE B 1 22 ? -6.679  -3.648  0.122   1.00 12.08 ? 22  ILE B O   1 
ATOM   497  C  CB  . ILE B 1 22 ? -5.024  -4.510  -2.719  1.00 13.01 ? 22  ILE B CB  1 
ATOM   498  C  CG1 . ILE B 1 22 ? -5.969  -3.404  -3.216  1.00 13.39 ? 22  ILE B CG1 1 
ATOM   499  C  CG2 . ILE B 1 22 ? -4.870  -5.593  -3.782  1.00 13.43 ? 22  ILE B CG2 1 
ATOM   500  C  CD1 . ILE B 1 22 ? -5.509  -2.716  -4.488  1.00 13.43 ? 22  ILE B CD1 1 
ATOM   501  N  N   . SER B 1 23 ? -4.429  -3.558  0.087   1.00 11.56 ? 23  SER B N   1 
ATOM   502  C  CA  . SER B 1 23 ? -4.333  -2.377  0.924   1.00 11.67 ? 23  SER B CA  1 
ATOM   503  C  C   . SER B 1 23 ? -4.547  -1.160  0.013   1.00 11.15 ? 23  SER B C   1 
ATOM   504  O  O   . SER B 1 23 ? -4.126  -1.159  -1.155  1.00 10.99 ? 23  SER B O   1 
ATOM   505  C  CB  . SER B 1 23 ? -2.955  -2.312  1.607   1.00 12.05 ? 23  SER B CB  1 
ATOM   506  O  OG  . SER B 1 23 ? -2.721  -1.067  2.256   1.00 13.09 ? 23  SER B OG  1 
ATOM   507  N  N   . LEU B 1 24 ? -5.193  -0.121  0.534   1.00 10.61 ? 24  LEU B N   1 
ATOM   508  C  CA  . LEU B 1 24 ? -5.252  1.150   -0.186  1.00 10.15 ? 24  LEU B CA  1 
ATOM   509  C  C   . LEU B 1 24 ? -3.844  1.650   -0.523  1.00 9.83  ? 24  LEU B C   1 
ATOM   510  O  O   . LEU B 1 24 ? -3.640  2.246   -1.575  1.00 9.36  ? 24  LEU B O   1 
ATOM   511  C  CB  . LEU B 1 24 ? -6.026  2.214   0.621   1.00 10.29 ? 24  LEU B CB  1 
ATOM   512  C  CG  . LEU B 1 24 ? -6.066  3.629   0.033   1.00 10.39 ? 24  LEU B CG  1 
ATOM   513  C  CD1 . LEU B 1 24 ? -6.665  3.631   -1.369  1.00 10.60 ? 24  LEU B CD1 1 
ATOM   514  C  CD2 . LEU B 1 24 ? -6.822  4.606   0.920   1.00 10.56 ? 24  LEU B CD2 1 
ATOM   515  N  N   . SER B 1 25 ? -2.870  1.396   0.347   1.00 9.51  ? 25  SER B N   1 
ATOM   516  C  CA  . SER B 1 25 ? -1.495  1.834   0.089   1.00 9.72  ? 25  SER B CA  1 
ATOM   517  C  C   . SER B 1 25 ? -0.886  1.130   -1.134  1.00 9.57  ? 25  SER B C   1 
ATOM   518  O  O   . SER B 1 25 ? -0.042  1.708   -1.810  1.00 9.91  ? 25  SER B O   1 
ATOM   519  C  CB  . SER B 1 25 ? -0.611  1.624   1.317   1.00 10.10 ? 25  SER B CB  1 
ATOM   520  O  OG  . SER B 1 25 ? -0.642  0.276   1.728   1.00 11.07 ? 25  SER B OG  1 
ATOM   521  N  N   . ASP B 1 26 ? -1.297  -0.103  -1.415  1.00 9.32  ? 26  ASP B N   1 
ATOM   522  C  CA  . ASP B 1 26 ? -0.911  -0.758  -2.687  1.00 9.30  ? 26  ASP B CA  1 
ATOM   523  C  C   . ASP B 1 26 ? -1.443  0.055   -3.869  1.00 8.91  ? 26  ASP B C   1 
ATOM   524  O  O   . ASP B 1 26 ? -0.687  0.439   -4.772  1.00 8.92  ? 26  ASP B O   1 
ATOM   525  C  CB  . ASP B 1 26 ? -1.471  -2.176  -2.800  1.00 9.47  ? 26  ASP B CB  1 
ATOM   526  C  CG  . ASP B 1 26 ? -0.914  -3.131  -1.761  1.00 9.70  ? 26  ASP B CG  1 
ATOM   527  O  OD1 . ASP B 1 26 ? 0.182   -2.909  -1.206  1.00 10.03 ? 26  ASP B OD1 1 
ATOM   528  O  OD2 . ASP B 1 26 ? -1.615  -4.118  -1.498  1.00 10.23 ? 26  ASP B OD2 1 
ATOM   529  N  N   . PHE B 1 27 ? -2.746  0.315   -3.849  1.00 8.77  ? 27  PHE B N   1 
ATOM   530  C  CA  . PHE B 1 27 ? -3.405  1.108   -4.893  1.00 8.60  ? 27  PHE B CA  1 
ATOM   531  C  C   . PHE B 1 27 ? -2.770  2.494   -5.049  1.00 8.58  ? 27  PHE B C   1 
ATOM   532  O  O   . PHE B 1 27 ? -2.506  2.943   -6.169  1.00 8.27  ? 27  PHE B O   1 
ATOM   533  C  CB  . PHE B 1 27 ? -4.904  1.211   -4.589  1.00 8.74  ? 27  PHE B CB  1 
ATOM   534  C  CG  . PHE B 1 27 ? -5.683  2.049   -5.571  1.00 8.76  ? 27  PHE B CG  1 
ATOM   535  C  CD1 . PHE B 1 27 ? -6.062  1.536   -6.804  1.00 8.87  ? 27  PHE B CD1 1 
ATOM   536  C  CD2 . PHE B 1 27 ? -6.055  3.353   -5.247  1.00 8.86  ? 27  PHE B CD2 1 
ATOM   537  C  CE1 . PHE B 1 27 ? -6.787  2.303   -7.696  1.00 8.72  ? 27  PHE B CE1 1 
ATOM   538  C  CE2 . PHE B 1 27 ? -6.785  4.121   -6.134  1.00 9.00  ? 27  PHE B CE2 1 
ATOM   539  C  CZ  . PHE B 1 27 ? -7.148  3.596   -7.362  1.00 8.80  ? 27  PHE B CZ  1 
ATOM   540  N  N   . GLU B 1 28 ? -2.511  3.167   -3.928  1.00 8.64  ? 28  GLU B N   1 
ATOM   541  C  CA  . GLU B 1 28 ? -1.850  4.477   -3.962  1.00 8.98  ? 28  GLU B CA  1 
ATOM   542  C  C   . GLU B 1 28 ? -0.448  4.400   -4.582  1.00 9.35  ? 28  GLU B C   1 
ATOM   543  O  O   . GLU B 1 28 ? -0.054  5.291   -5.358  1.00 9.60  ? 28  GLU B O   1 
ATOM   544  C  CB  . GLU B 1 28 ? -1.789  5.088   -2.555  1.00 8.96  ? 28  GLU B CB  1 
ATOM   545  C  CG  . GLU B 1 28 ? -3.161  5.433   -1.976  1.00 8.76  ? 28  GLU B CG  1 
ATOM   546  C  CD  . GLU B 1 28 ? -3.116  5.768   -0.491  1.00 8.69  ? 28  GLU B CD  1 
ATOM   547  O  OE1 . GLU B 1 28 ? -2.400  5.066   0.261   1.00 8.56  ? 28  GLU B OE1 1 
ATOM   548  O  OE2 . GLU B 1 28 ? -3.806  6.731   -0.072  1.00 8.56  ? 28  GLU B OE2 1 
ATOM   549  N  N   . SER B 1 29 ? 0.299   3.342   -4.268  1.00 9.63  ? 29  SER B N   1 
ATOM   550  C  CA  . SER B 1 29 ? 1.649   3.171   -4.821  1.00 10.20 ? 29  SER B CA  1 
ATOM   551  C  C   . SER B 1 29 ? 1.640   2.959   -6.347  1.00 10.16 ? 29  SER B C   1 
ATOM   552  O  O   . SER B 1 29 ? 2.605   3.303   -7.031  1.00 10.69 ? 29  SER B O   1 
ATOM   553  C  CB  . SER B 1 29 ? 2.401   2.033   -4.105  1.00 10.50 ? 29  SER B CB  1 
ATOM   554  O  OG  . SER B 1 29 ? 2.032   0.741   -4.561  1.00 10.84 ? 29  SER B OG  1 
ATOM   555  N  N   . TRP B 1 30 ? 0.547   2.409   -6.873  1.00 9.65  ? 30  TRP B N   1 
ATOM   556  C  CA  . TRP B 1 30 ? 0.386   2.215   -8.311  1.00 9.48  ? 30  TRP B CA  1 
ATOM   557  C  C   . TRP B 1 30 ? -0.200  3.438   -8.998  1.00 9.20  ? 30  TRP B C   1 
ATOM   558  O  O   . TRP B 1 30 ? -0.290  3.473   -10.236 1.00 9.38  ? 30  TRP B O   1 
ATOM   559  C  CB  . TRP B 1 30 ? -0.547  1.036   -8.591  1.00 9.59  ? 30  TRP B CB  1 
ATOM   560  C  CG  . TRP B 1 30 ? -0.178  -0.230  -7.909  1.00 9.76  ? 30  TRP B CG  1 
ATOM   561  C  CD1 . TRP B 1 30 ? 1.070   -0.636  -7.530  1.00 9.89  ? 30  TRP B CD1 1 
ATOM   562  C  CD2 . TRP B 1 30 ? -1.076  -1.278  -7.538  1.00 9.88  ? 30  TRP B CD2 1 
ATOM   563  N  NE1 . TRP B 1 30 ? 0.994   -1.871  -6.927  1.00 10.04 ? 30  TRP B NE1 1 
ATOM   564  C  CE2 . TRP B 1 30 ? -0.311  -2.289  -6.930  1.00 10.03 ? 30  TRP B CE2 1 
ATOM   565  C  CE3 . TRP B 1 30 ? -2.461  -1.453  -7.653  1.00 9.91  ? 30  TRP B CE3 1 
ATOM   566  C  CZ2 . TRP B 1 30 ? -0.883  -3.468  -6.447  1.00 10.14 ? 30  TRP B CZ2 1 
ATOM   567  C  CZ3 . TRP B 1 30 ? -3.024  -2.616  -7.175  1.00 10.09 ? 30  TRP B CZ3 1 
ATOM   568  C  CH2 . TRP B 1 30 ? -2.242  -3.603  -6.571  1.00 10.03 ? 30  TRP B CH2 1 
ATOM   569  N  N   . ASN B 1 31 ? -0.628  4.412   -8.200  1.00 8.55  ? 31  ASN B N   1 
ATOM   570  C  CA  . ASN B 1 31 ? -1.264  5.620   -8.702  1.00 8.42  ? 31  ASN B CA  1 
ATOM   571  C  C   . ASN B 1 31 ? -0.722  6.841   -7.970  1.00 8.39  ? 31  ASN B C   1 
ATOM   572  O  O   . ASN B 1 31 ? -1.480  7.686   -7.497  1.00 8.05  ? 31  ASN B O   1 
ATOM   573  C  CB  . ASN B 1 31 ? -2.774  5.520   -8.489  1.00 8.13  ? 31  ASN B CB  1 
ATOM   574  C  CG  . ASN B 1 31 ? -3.402  4.435   -9.325  1.00 7.96  ? 31  ASN B CG  1 
ATOM   575  O  OD1 . ASN B 1 31 ? -3.648  4.627   -10.518 1.00 8.18  ? 31  ASN B OD1 1 
ATOM   576  N  ND2 . ASN B 1 31 ? -3.665  3.287   -8.715  1.00 7.84  ? 31  ASN B ND2 1 
ATOM   577  N  N   . ALA B 1 32 ? 0.599   6.922   -7.862  1.00 8.75  ? 32  ALA B N   1 
ATOM   578  C  CA  . ALA B 1 32 ? 1.207   7.943   -7.011  1.00 8.85  ? 32  ALA B CA  1 
ATOM   579  C  C   . ALA B 1 32 ? 0.718   9.331   -7.388  1.00 8.82  ? 32  ALA B C   1 
ATOM   580  O  O   . ALA B 1 32 ? 0.668   9.675   -8.569  1.00 8.85  ? 32  ALA B O   1 
ATOM   581  C  CB  . ALA B 1 32 ? 2.722   7.870   -7.078  1.00 9.05  ? 32  ALA B CB  1 
ATOM   582  N  N   . GLY B 1 33 ? 0.355   10.120  -6.372  1.00 8.77  ? 33  GLY B N   1 
ATOM   583  C  CA  . GLY B 1 33 ? -0.165  11.466  -6.559  1.00 9.01  ? 33  GLY B CA  1 
ATOM   584  C  C   . GLY B 1 33 ? -1.681  11.522  -6.684  1.00 8.96  ? 33  GLY B C   1 
ATOM   585  O  O   . GLY B 1 33 ? -2.252  12.604  -6.790  1.00 9.30  ? 33  GLY B O   1 
ATOM   586  N  N   . ILE B 1 34 ? -2.346  10.366  -6.676  1.00 8.84  ? 34  ILE B N   1 
ATOM   587  C  CA  . ILE B 1 34 ? -3.794  10.360  -6.823  1.00 8.97  ? 34  ILE B CA  1 
ATOM   588  C  C   . ILE B 1 34 ? -4.454  11.061  -5.635  1.00 9.15  ? 34  ILE B C   1 
ATOM   589  O  O   . ILE B 1 34 ? -3.925  11.046  -4.518  1.00 8.93  ? 34  ILE B O   1 
ATOM   590  C  CB  . ILE B 1 34 ? -4.349  8.933   -7.021  1.00 9.00  ? 34  ILE B CB  1 
ATOM   591  C  CG1 . ILE B 1 34 ? -5.796  8.986   -7.515  1.00 9.06  ? 34  ILE B CG1 1 
ATOM   592  C  CG2 . ILE B 1 34 ? -4.217  8.105   -5.743  1.00 8.85  ? 34  ILE B CG2 1 
ATOM   593  C  CD1 . ILE B 1 34 ? -6.264  7.701   -8.168  1.00 9.14  ? 34  ILE B CD1 1 
ATOM   594  N  N   . ASP B 1 35 ? -5.593  11.696  -5.893  1.00 9.46  ? 35  ASP B N   1 
ATOM   595  C  CA  . ASP B 1 35 ? -6.347  12.360  -4.842  1.00 9.89  ? 35  ASP B CA  1 
ATOM   596  C  C   . ASP B 1 35 ? -7.647  11.609  -4.615  1.00 10.14 ? 35  ASP B C   1 
ATOM   597  O  O   . ASP B 1 35 ? -8.618  11.790  -5.347  1.00 9.98  ? 35  ASP B O   1 
ATOM   598  C  CB  . ASP B 1 35 ? -6.622  13.811  -5.208  1.00 10.13 ? 35  ASP B CB  1 
ATOM   599  C  CG  . ASP B 1 35 ? -7.183  14.614  -4.041  1.00 10.59 ? 35  ASP B CG  1 
ATOM   600  O  OD1 . ASP B 1 35 ? -7.582  14.032  -3.001  1.00 10.27 ? 35  ASP B OD1 1 
ATOM   601  O  OD2 . ASP B 1 35 ? -7.231  15.843  -4.189  1.00 11.44 ? 35  ASP B OD2 1 
ATOM   602  N  N   . CYS B 1 36 ? -7.654  10.773  -3.583  1.00 10.73 ? 36  CYS B N   1 
ATOM   603  C  CA  . CYS B 1 36 ? -8.821  9.947   -3.286  1.00 11.52 ? 36  CYS B CA  1 
ATOM   604  C  C   . CYS B 1 36 ? -10.041 10.758  -2.850  1.00 11.83 ? 36  CYS B C   1 
ATOM   605  O  O   . CYS B 1 36 ? -11.157 10.245  -2.860  1.00 11.66 ? 36  CYS B O   1 
ATOM   606  C  CB  . CYS B 1 36 ? -8.470  8.898   -2.234  1.00 12.21 ? 36  CYS B CB  1 
ATOM   607  S  SG  . CYS B 1 36 ? -7.434  7.594   -2.930  1.00 13.53 ? 36  CYS B SG  1 
ATOM   608  N  N   . ASN B 1 37 ? -9.832  12.014  -2.482  1.00 12.64 ? 37  ASN B N   1 
ATOM   609  C  CA  . ASN B 1 37 ? -10.937 12.910  -2.133  1.00 13.67 ? 37  ASN B CA  1 
ATOM   610  C  C   . ASN B 1 37 ? -11.534 13.612  -3.356  1.00 14.12 ? 37  ASN B C   1 
ATOM   611  O  O   . ASN B 1 37 ? -12.550 14.307  -3.244  1.00 13.94 ? 37  ASN B O   1 
ATOM   612  C  CB  . ASN B 1 37 ? -10.456 13.944  -1.125  1.00 14.33 ? 37  ASN B CB  1 
ATOM   613  C  CG  . ASN B 1 37 ? -9.855  13.306  0.109   1.00 15.15 ? 37  ASN B CG  1 
ATOM   614  O  OD1 . ASN B 1 37 ? -10.449 12.405  0.701   1.00 15.56 ? 37  ASN B OD1 1 
ATOM   615  N  ND2 . ASN B 1 37 ? -8.665  13.753  0.490   1.00 15.85 ? 37  ASN B ND2 1 
ATOM   616  N  N   . ASN B 1 38 ? -10.912 13.443  -4.519  1.00 14.79 ? 38  ASN B N   1 
ATOM   617  C  CA  . ASN B 1 38 ? -11.372 14.114  -5.734  1.00 15.91 ? 38  ASN B CA  1 
ATOM   618  C  C   . ASN B 1 38 ? -11.349 13.206  -6.971  1.00 15.33 ? 38  ASN B C   1 
ATOM   619  O  O   . ASN B 1 38 ? -10.946 13.637  -8.051  1.00 15.14 ? 38  ASN B O   1 
ATOM   620  C  CB  . ASN B 1 38 ? -10.514 15.362  -5.979  1.00 17.79 ? 38  ASN B CB  1 
ATOM   621  C  CG  . ASN B 1 38 ? -11.005 16.193  -7.158  1.00 19.98 ? 38  ASN B CG  1 
ATOM   622  O  OD1 . ASN B 1 38 ? -12.195 16.469  -7.280  1.00 22.58 ? 38  ASN B OD1 1 
ATOM   623  N  ND2 . ASN B 1 38 ? -10.085 16.588  -8.038  1.00 22.14 ? 38  ASN B ND2 1 
ATOM   624  N  N   . LEU B 1 39 ? -11.796 11.962  -6.828  1.00 15.03 ? 39  LEU B N   1 
ATOM   625  C  CA  . LEU B 1 39 ? -11.873 11.060  -7.977  1.00 15.09 ? 39  LEU B CA  1 
ATOM   626  C  C   . LEU B 1 39 ? -12.925 11.582  -8.947  1.00 15.86 ? 39  LEU B C   1 
ATOM   627  O  O   . LEU B 1 39 ? -13.943 12.126  -8.529  1.00 15.52 ? 39  LEU B O   1 
ATOM   628  C  CB  . LEU B 1 39 ? -12.238 9.638   -7.549  1.00 15.06 ? 39  LEU B CB  1 
ATOM   629  C  CG  . LEU B 1 39 ? -11.228 8.913   -6.662  1.00 14.99 ? 39  LEU B CG  1 
ATOM   630  C  CD1 . LEU B 1 39 ? -11.769 7.541   -6.278  1.00 15.23 ? 39  LEU B CD1 1 
ATOM   631  C  CD2 . LEU B 1 39 ? -9.878  8.791   -7.355  1.00 15.01 ? 39  LEU B CD2 1 
ATOM   632  N  N   . GLN B 1 40 ? -12.678 11.412  -10.240 1.00 16.18 ? 40  GLN B N   1 
ATOM   633  C  CA  . GLN B 1 40 ? -13.595 11.901  -11.256 1.00 16.84 ? 40  GLN B CA  1 
ATOM   634  C  C   . GLN B 1 40 ? -14.080 10.749  -12.119 1.00 16.85 ? 40  GLN B C   1 
ATOM   635  O  O   . GLN B 1 40 ? -13.314 9.849   -12.442 1.00 16.15 ? 40  GLN B O   1 
ATOM   636  C  CB  . GLN B 1 40 ? -12.901 12.955  -12.109 1.00 17.58 ? 40  GLN B CB  1 
ATOM   637  C  CG  . GLN B 1 40 ? -12.401 14.141  -11.296 1.00 18.63 ? 40  GLN B CG  1 
ATOM   638  C  CD  . GLN B 1 40 ? -11.817 15.246  -12.161 1.00 19.77 ? 40  GLN B CD  1 
ATOM   639  O  OE1 . GLN B 1 40 ? -12.548 15.954  -12.846 1.00 21.78 ? 40  GLN B OE1 1 
ATOM   640  N  NE2 . GLN B 1 40 ? -10.499 15.409  -12.118 1.00 20.21 ? 40  GLN B NE2 1 
ATOM   641  N  N   . ILE B 1 41 ? -15.354 10.788  -12.493 1.00 17.06 ? 41  ILE B N   1 
ATOM   642  C  CA  . ILE B 1 41 ? -15.905 9.802   -13.425 1.00 17.31 ? 41  ILE B CA  1 
ATOM   643  C  C   . ILE B 1 41 ? -15.077 9.876   -14.709 1.00 16.70 ? 41  ILE B C   1 
ATOM   644  O  O   . ILE B 1 41 ? -14.796 10.965  -15.201 1.00 16.67 ? 41  ILE B O   1 
ATOM   645  C  CB  . ILE B 1 41 ? -17.406 10.070  -13.719 1.00 18.61 ? 41  ILE B CB  1 
ATOM   646  C  CG1 . ILE B 1 41 ? -18.227 10.153  -12.419 1.00 19.51 ? 41  ILE B CG1 1 
ATOM   647  C  CG2 . ILE B 1 41 ? -17.994 9.001   -14.633 1.00 18.59 ? 41  ILE B CG2 1 
ATOM   648  C  CD1 . ILE B 1 41 ? -17.869 9.121   -11.379 1.00 20.24 ? 41  ILE B CD1 1 
ATOM   649  N  N   . GLY B 1 42 ? -14.644 8.722   -15.222 1.00 15.83 ? 42  GLY B N   1 
ATOM   650  C  CA  . GLY B 1 42 ? -13.788 8.675   -16.410 1.00 15.13 ? 42  GLY B CA  1 
ATOM   651  C  C   . GLY B 1 42 ? -12.286 8.676   -16.144 1.00 14.36 ? 42  GLY B C   1 
ATOM   652  O  O   . GLY B 1 42 ? -11.486 8.477   -17.060 1.00 13.96 ? 42  GLY B O   1 
ATOM   653  N  N   . GLN B 1 43 ? -11.892 8.891   -14.891 1.00 13.53 ? 43  GLN B N   1 
ATOM   654  C  CA  . GLN B 1 43 ? -10.482 8.841   -14.520 1.00 12.73 ? 43  GLN B CA  1 
ATOM   655  C  C   . GLN B 1 43 ? -9.986  7.396   -14.631 1.00 12.20 ? 43  GLN B C   1 
ATOM   656  O  O   . GLN B 1 43 ? -10.658 6.471   -14.189 1.00 12.50 ? 43  GLN B O   1 
ATOM   657  C  CB  . GLN B 1 43 ? -10.318 9.362   -13.099 1.00 12.65 ? 43  GLN B CB  1 
ATOM   658  C  CG  . GLN B 1 43 ? -8.897  9.422   -12.582 1.00 12.39 ? 43  GLN B CG  1 
ATOM   659  C  CD  . GLN B 1 43 ? -8.773  10.260  -11.318 1.00 12.39 ? 43  GLN B CD  1 
ATOM   660  O  OE1 . GLN B 1 43 ? -9.726  10.922  -10.892 1.00 12.14 ? 43  GLN B OE1 1 
ATOM   661  N  NE2 . GLN B 1 43 ? -7.598  10.222  -10.704 1.00 12.45 ? 43  GLN B NE2 1 
ATOM   662  N  N   . VAL B 1 44 ? -8.819  7.203   -15.231 1.00 11.79 ? 44  VAL B N   1 
ATOM   663  C  CA  . VAL B 1 44 ? -8.258  5.862   -15.417 1.00 11.49 ? 44  VAL B CA  1 
ATOM   664  C  C   . VAL B 1 44 ? -7.179  5.619   -14.361 1.00 11.06 ? 44  VAL B C   1 
ATOM   665  O  O   . VAL B 1 44 ? -6.265  6.436   -14.187 1.00 10.55 ? 44  VAL B O   1 
ATOM   666  C  CB  . VAL B 1 44 ? -7.697  5.694   -16.837 1.00 11.88 ? 44  VAL B CB  1 
ATOM   667  C  CG1 . VAL B 1 44 ? -7.027  4.328   -17.014 1.00 12.00 ? 44  VAL B CG1 1 
ATOM   668  C  CG2 . VAL B 1 44 ? -8.823  5.876   -17.849 1.00 12.11 ? 44  VAL B CG2 1 
ATOM   669  N  N   . VAL B 1 45 ? -7.317  4.505   -13.646 1.00 10.56 ? 45  VAL B N   1 
ATOM   670  C  CA  . VAL B 1 45 ? -6.401  4.148   -12.567 1.00 10.52 ? 45  VAL B CA  1 
ATOM   671  C  C   . VAL B 1 45 ? -5.819  2.746   -12.767 1.00 11.12 ? 45  VAL B C   1 
ATOM   672  O  O   . VAL B 1 45 ? -6.397  1.915   -13.472 1.00 11.05 ? 45  VAL B O   1 
ATOM   673  C  CB  . VAL B 1 45 ? -7.082  4.274   -11.182 1.00 10.08 ? 45  VAL B CB  1 
ATOM   674  C  CG1 . VAL B 1 45 ? -7.544  5.699   -10.950 1.00 10.05 ? 45  VAL B CG1 1 
ATOM   675  C  CG2 . VAL B 1 45 ? -8.257  3.318   -11.031 1.00 9.96  ? 45  VAL B CG2 1 
ATOM   676  N  N   . CYS B 1 46 ? -4.660  2.509   -12.158 1.00 11.82 ? 46  CYS B N   1 
ATOM   677  C  CA  . CYS B 1 46 ? -4.023  1.205   -12.161 1.00 12.88 ? 46  CYS B CA  1 
ATOM   678  C  C   . CYS B 1 46 ? -4.581  0.379   -11.027 1.00 12.82 ? 46  CYS B C   1 
ATOM   679  O  O   . CYS B 1 46 ? -4.630  0.835   -9.884  1.00 12.20 ? 46  CYS B O   1 
ATOM   680  C  CB  . CYS B 1 46 ? -2.511  1.339   -11.982 1.00 14.07 ? 46  CYS B CB  1 
ATOM   681  S  SG  . CYS B 1 46 ? -1.722  2.186   -13.358 1.00 16.33 ? 46  CYS B SG  1 
ATOM   682  N  N   . VAL B 1 47 ? -4.987  -0.843  -11.339 1.00 13.42 ? 47  VAL B N   1 
ATOM   683  C  CA  . VAL B 1 47 ? -5.479  -1.764  -10.317 1.00 14.79 ? 47  VAL B CA  1 
ATOM   684  C  C   . VAL B 1 47 ? -4.600  -3.012  -10.180 1.00 16.64 ? 47  VAL B C   1 
ATOM   685  O  O   . VAL B 1 47 ? -5.004  -3.984  -9.560  1.00 18.33 ? 47  VAL B O   1 
ATOM   686  C  CB  . VAL B 1 47 ? -6.961  -2.144  -10.557 1.00 14.75 ? 47  VAL B CB  1 
ATOM   687  C  CG1 . VAL B 1 47 ? -7.845  -0.941  -10.297 1.00 14.65 ? 47  VAL B CG1 1 
ATOM   688  C  CG2 . VAL B 1 47 ? -7.174  -2.682  -11.965 1.00 14.76 ? 47  VAL B CG2 1 
ATOM   689  N  N   . SER B 1 48 ? -3.395  -2.962  -10.734 1.00 19.27 ? 48  SER B N   1 
ATOM   690  C  CA  . SER B 1 48 ? -2.396  -4.015  -10.521 1.00 21.32 ? 48  SER B CA  1 
ATOM   691  C  C   . SER B 1 48 ? -0.996  -3.412  -10.494 1.00 22.49 ? 48  SER B C   1 
ATOM   692  O  O   . SER B 1 48 ? -0.745  -2.334  -11.045 1.00 23.04 ? 48  SER B O   1 
ATOM   693  C  CB  . SER B 1 48 ? -2.486  -5.068  -11.628 1.00 21.71 ? 48  SER B CB  1 
ATOM   694  O  OG  . SER B 1 48 ? -1.884  -4.581  -12.817 1.00 23.30 ? 48  SER B OG  1 
ATOM   695  N  N   . CYS C 1 2  ? 6.197   11.032  11.541  1.00 25.97 ? 2   CYS C N   1 
ATOM   696  C  CA  . CYS C 1 2  ? 6.348   12.005  10.421  1.00 24.33 ? 2   CYS C CA  1 
ATOM   697  C  C   . CYS C 1 2  ? 7.825   12.124  10.014  1.00 23.42 ? 2   CYS C C   1 
ATOM   698  O  O   . CYS C 1 2  ? 8.656   12.656  10.748  1.00 24.74 ? 2   CYS C O   1 
ATOM   699  C  CB  . CYS C 1 2  ? 5.724   13.375  10.783  1.00 24.09 ? 2   CYS C CB  1 
ATOM   700  S  SG  . CYS C 1 2  ? 6.192   14.790  9.739   1.00 22.81 ? 2   CYS C SG  1 
ATOM   701  N  N   . THR C 1 3  ? 8.140   11.571  8.850   1.00 21.53 ? 3   THR C N   1 
ATOM   702  C  CA  . THR C 1 3  ? 9.359   11.900  8.128   1.00 20.49 ? 3   THR C CA  1 
ATOM   703  C  C   . THR C 1 3  ? 9.088   13.254  7.486   1.00 19.31 ? 3   THR C C   1 
ATOM   704  O  O   . THR C 1 3  ? 8.038   13.440  6.871   1.00 18.16 ? 3   THR C O   1 
ATOM   705  C  CB  . THR C 1 3  ? 9.650   10.843  7.043   1.00 20.88 ? 3   THR C CB  1 
ATOM   706  O  OG1 . THR C 1 3  ? 9.820   9.562   7.666   1.00 22.45 ? 3   THR C OG1 1 
ATOM   707  C  CG2 . THR C 1 3  ? 10.896  11.178  6.252   1.00 21.06 ? 3   THR C CG2 1 
ATOM   708  N  N   . THR C 1 4  ? 10.014  14.197  7.642   1.00 18.54 ? 4   THR C N   1 
ATOM   709  C  CA  . THR C 1 4  ? 9.821   15.552  7.109   1.00 17.85 ? 4   THR C CA  1 
ATOM   710  C  C   . THR C 1 4  ? 10.562  15.806  5.793   1.00 17.07 ? 4   THR C C   1 
ATOM   711  O  O   . THR C 1 4  ? 11.536  15.125  5.447   1.00 17.17 ? 4   THR C O   1 
ATOM   712  C  CB  . THR C 1 4  ? 10.178  16.638  8.148   1.00 18.33 ? 4   THR C CB  1 
ATOM   713  O  OG1 . THR C 1 4  ? 11.414  16.314  8.797   1.00 18.95 ? 4   THR C OG1 1 
ATOM   714  C  CG2 . THR C 1 4  ? 9.091   16.741  9.197   1.00 18.54 ? 4   THR C CG2 1 
ATOM   715  N  N   . TYR C 1 5  ? 10.057  16.787  5.050   1.00 15.76 ? 5   TYR C N   1 
ATOM   716  C  CA  . TYR C 1 5  ? 10.619  17.190  3.772   1.00 14.93 ? 5   TYR C CA  1 
ATOM   717  C  C   . TYR C 1 5  ? 10.570  18.713  3.738   1.00 14.11 ? 5   TYR C C   1 
ATOM   718  O  O   . TYR C 1 5  ? 9.692   19.303  4.350   1.00 13.53 ? 5   TYR C O   1 
ATOM   719  C  CB  . TYR C 1 5  ? 9.803   16.590  2.618   1.00 14.92 ? 5   TYR C CB  1 
ATOM   720  C  CG  . TYR C 1 5  ? 10.158  17.141  1.266   1.00 14.88 ? 5   TYR C CG  1 
ATOM   721  C  CD1 . TYR C 1 5  ? 11.311  16.735  0.607   1.00 15.16 ? 5   TYR C CD1 1 
ATOM   722  C  CD2 . TYR C 1 5  ? 9.348   18.094  0.649   1.00 14.81 ? 5   TYR C CD2 1 
ATOM   723  C  CE1 . TYR C 1 5  ? 11.650  17.259  -0.631  1.00 15.35 ? 5   TYR C CE1 1 
ATOM   724  C  CE2 . TYR C 1 5  ? 9.672   18.619  -0.587  1.00 15.08 ? 5   TYR C CE2 1 
ATOM   725  C  CZ  . TYR C 1 5  ? 10.825  18.196  -1.225  1.00 15.16 ? 5   TYR C CZ  1 
ATOM   726  O  OH  . TYR C 1 5  ? 11.162  18.708  -2.447  1.00 15.31 ? 5   TYR C OH  1 
ATOM   727  N  N   . THR C 1 6  ? 11.510  19.338  3.036   1.00 13.55 ? 6   THR C N   1 
ATOM   728  C  CA  . THR C 1 6  ? 11.530  20.800  2.917   1.00 13.32 ? 6   THR C CA  1 
ATOM   729  C  C   . THR C 1 6  ? 11.180  21.262  1.505   1.00 12.94 ? 6   THR C C   1 
ATOM   730  O  O   . THR C 1 6  ? 11.784  20.836  0.520   1.00 12.78 ? 6   THR C O   1 
ATOM   731  C  CB  . THR C 1 6  ? 12.895  21.395  3.322   1.00 13.22 ? 6   THR C CB  1 
ATOM   732  O  OG1 . THR C 1 6  ? 13.200  21.000  4.661   1.00 13.30 ? 6   THR C OG1 1 
ATOM   733  C  CG2 . THR C 1 6  ? 12.841  22.927  3.259   1.00 13.28 ? 6   THR C CG2 1 
ATOM   734  N  N   . ILE C 1 7  ? 10.198  22.153  1.427   1.00 13.48 ? 7   ILE C N   1 
ATOM   735  C  CA  . ILE C 1 7  ? 9.725   22.686  0.160   1.00 13.91 ? 7   ILE C CA  1 
ATOM   736  C  C   . ILE C 1 7  ? 10.828  23.452  -0.567  1.00 14.76 ? 7   ILE C C   1 
ATOM   737  O  O   . ILE C 1 7  ? 11.418  24.381  -0.009  1.00 15.36 ? 7   ILE C O   1 
ATOM   738  C  CB  . ILE C 1 7  ? 8.521   23.631  0.375   1.00 13.53 ? 7   ILE C CB  1 
ATOM   739  C  CG1 . ILE C 1 7  ? 7.352   22.871  1.023   1.00 13.30 ? 7   ILE C CG1 1 
ATOM   740  C  CG2 . ILE C 1 7  ? 8.100   24.272  -0.944  1.00 13.56 ? 7   ILE C CG2 1 
ATOM   741  C  CD1 . ILE C 1 7  ? 6.855   21.685  0.222   1.00 13.07 ? 7   ILE C CD1 1 
ATOM   742  N  N   . LYS C 1 8  ? 11.086  23.051  -1.807  1.00 16.21 ? 8   LYS C N   1 
ATOM   743  C  CA  . LYS C 1 8  ? 12.048  23.714  -2.680  1.00 17.54 ? 8   LYS C CA  1 
ATOM   744  C  C   . LYS C 1 8  ? 11.314  24.451  -3.790  1.00 18.32 ? 8   LYS C C   1 
ATOM   745  O  O   . LYS C 1 8  ? 10.143  24.175  -4.075  1.00 18.26 ? 8   LYS C O   1 
ATOM   746  C  CB  . LYS C 1 8  ? 13.013  22.697  -3.274  1.00 18.06 ? 8   LYS C CB  1 
ATOM   747  N  N   . SER C 1 9  ? 12.010  25.391  -4.417  1.00 18.83 ? 9   SER C N   1 
ATOM   748  C  CA  . SER C 1 9  ? 11.442  26.135  -5.529  1.00 19.77 ? 9   SER C CA  1 
ATOM   749  C  C   . SER C 1 9  ? 10.936  25.157  -6.592  1.00 19.22 ? 9   SER C C   1 
ATOM   750  O  O   . SER C 1 9  ? 11.649  24.234  -6.975  1.00 19.72 ? 9   SER C O   1 
ATOM   751  C  CB  . SER C 1 9  ? 12.490  27.077  -6.126  1.00 20.56 ? 9   SER C CB  1 
ATOM   752  O  OG  . SER C 1 9  ? 11.934  27.834  -7.184  1.00 22.14 ? 9   SER C OG  1 
ATOM   753  N  N   . GLY C 1 10 ? 9.697   25.344  -7.040  1.00 18.83 ? 10  GLY C N   1 
ATOM   754  C  CA  . GLY C 1 10 ? 9.129   24.500  -8.094  1.00 18.30 ? 10  GLY C CA  1 
ATOM   755  C  C   . GLY C 1 10 ? 8.384   23.267  -7.597  1.00 17.45 ? 10  GLY C C   1 
ATOM   756  O  O   . GLY C 1 10 ? 7.767   22.558  -8.394  1.00 17.71 ? 10  GLY C O   1 
ATOM   757  N  N   . ASP C 1 11 ? 8.438   23.000  -6.293  1.00 15.75 ? 11  ASP C N   1 
ATOM   758  C  CA  . ASP C 1 11 ? 7.684   21.890  -5.706  1.00 14.91 ? 11  ASP C CA  1 
ATOM   759  C  C   . ASP C 1 11 ? 6.179   22.136  -5.770  1.00 13.76 ? 11  ASP C C   1 
ATOM   760  O  O   . ASP C 1 11 ? 5.717   23.272  -5.647  1.00 13.09 ? 11  ASP C O   1 
ATOM   761  C  CB  . ASP C 1 11 ? 8.056   21.682  -4.232  1.00 15.04 ? 11  ASP C CB  1 
ATOM   762  C  CG  . ASP C 1 11 ? 9.340   20.900  -4.042  1.00 15.56 ? 11  ASP C CG  1 
ATOM   763  O  OD1 . ASP C 1 11 ? 9.874   20.344  -5.022  1.00 15.87 ? 11  ASP C OD1 1 
ATOM   764  O  OD2 . ASP C 1 11 ? 9.805   20.834  -2.881  1.00 15.80 ? 11  ASP C OD2 1 
ATOM   765  N  N   . THR C 1 12 ? 5.431   21.054  -5.958  1.00 12.72 ? 12  THR C N   1 
ATOM   766  C  CA  . THR C 1 12 ? 3.981   21.049  -5.771  1.00 12.14 ? 12  THR C CA  1 
ATOM   767  C  C   . THR C 1 12 ? 3.641   19.857  -4.903  1.00 11.61 ? 12  THR C C   1 
ATOM   768  O  O   . THR C 1 12 ? 4.416   18.898  -4.832  1.00 11.14 ? 12  THR C O   1 
ATOM   769  C  CB  . THR C 1 12 ? 3.225   20.899  -7.101  1.00 12.21 ? 12  THR C CB  1 
ATOM   770  O  OG1 . THR C 1 12 ? 3.496   19.608  -7.663  1.00 11.84 ? 12  THR C OG1 1 
ATOM   771  C  CG2 . THR C 1 12 ? 3.645   21.979  -8.070  1.00 12.51 ? 12  THR C CG2 1 
ATOM   772  N  N   . CYS C 1 13 ? 2.484   19.902  -4.252  1.00 11.29 ? 13  CYS C N   1 
ATOM   773  C  CA  . CYS C 1 13 ? 2.056   18.794  -3.400  1.00 11.42 ? 13  CYS C CA  1 
ATOM   774  C  C   . CYS C 1 13 ? 1.899   17.520  -4.233  1.00 10.95 ? 13  CYS C C   1 
ATOM   775  O  O   . CYS C 1 13 ? 2.262   16.426  -3.798  1.00 10.08 ? 13  CYS C O   1 
ATOM   776  C  CB  . CYS C 1 13 ? 0.743   19.132  -2.696  1.00 12.02 ? 13  CYS C CB  1 
ATOM   777  S  SG  . CYS C 1 13 ? 0.868   20.444  -1.456  1.00 12.61 ? 13  CYS C SG  1 
ATOM   778  N  N   . TYR C 1 14 ? 1.379   17.673  -5.447  1.00 10.82 ? 14  TYR C N   1 
ATOM   779  C  CA  . TYR C 1 14 ? 1.246   16.545  -6.357  1.00 10.93 ? 14  TYR C CA  1 
ATOM   780  C  C   . TYR C 1 14 ? 2.591   15.896  -6.703  1.00 10.49 ? 14  TYR C C   1 
ATOM   781  O  O   . TYR C 1 14 ? 2.732   14.668  -6.632  1.00 10.06 ? 14  TYR C O   1 
ATOM   782  C  CB  . TYR C 1 14 ? 0.538   16.971  -7.636  1.00 11.83 ? 14  TYR C CB  1 
ATOM   783  C  CG  . TYR C 1 14 ? 0.436   15.865  -8.649  1.00 12.69 ? 14  TYR C CG  1 
ATOM   784  C  CD1 . TYR C 1 14 ? -0.532  14.874  -8.527  1.00 13.17 ? 14  TYR C CD1 1 
ATOM   785  C  CD2 . TYR C 1 14 ? 1.327   15.791  -9.714  1.00 13.56 ? 14  TYR C CD2 1 
ATOM   786  C  CE1 . TYR C 1 14 ? -0.635  13.861  -9.459  1.00 13.89 ? 14  TYR C CE1 1 
ATOM   787  C  CE2 . TYR C 1 14 ? 1.246   14.768  -10.641 1.00 14.14 ? 14  TYR C CE2 1 
ATOM   788  C  CZ  . TYR C 1 14 ? 0.261   13.807  -10.508 1.00 14.49 ? 14  TYR C CZ  1 
ATOM   789  O  OH  . TYR C 1 14 ? 0.166   12.796  -11.437 1.00 15.64 ? 14  TYR C OH  1 
ATOM   790  N  N   . ALA C 1 15 ? 3.561   16.714  -7.099  1.00 9.99  ? 15  ALA C N   1 
ATOM   791  C  CA  . ALA C 1 15 ? 4.879   16.206  -7.492  1.00 9.92  ? 15  ALA C CA  1 
ATOM   792  C  C   . ALA C 1 15 ? 5.587   15.540  -6.319  1.00 9.48  ? 15  ALA C C   1 
ATOM   793  O  O   . ALA C 1 15 ? 6.236   14.509  -6.487  1.00 9.25  ? 15  ALA C O   1 
ATOM   794  C  CB  . ALA C 1 15 ? 5.738   17.323  -8.072  1.00 9.95  ? 15  ALA C CB  1 
ATOM   795  N  N   . ILE C 1 16 ? 5.465   16.132  -5.133  1.00 9.36  ? 16  ILE C N   1 
ATOM   796  C  CA  . ILE C 1 16 ? 6.046   15.552  -3.919  1.00 9.59  ? 16  ILE C CA  1 
ATOM   797  C  C   . ILE C 1 16 ? 5.454   14.166  -3.641  1.00 9.71  ? 16  ILE C C   1 
ATOM   798  O  O   . ILE C 1 16 ? 6.182   13.234  -3.290  1.00 9.93  ? 16  ILE C O   1 
ATOM   799  C  CB  . ILE C 1 16 ? 5.837   16.474  -2.691  1.00 9.57  ? 16  ILE C CB  1 
ATOM   800  C  CG1 . ILE C 1 16 ? 6.711   17.728  -2.812  1.00 9.56  ? 16  ILE C CG1 1 
ATOM   801  C  CG2 . ILE C 1 16 ? 6.120   15.736  -1.387  1.00 9.77  ? 16  ILE C CG2 1 
ATOM   802  C  CD1 . ILE C 1 16 ? 6.254   18.876  -1.933  1.00 9.46  ? 16  ILE C CD1 1 
ATOM   803  N  N   . SER C 1 17 ? 4.136   14.040  -3.802  1.00 9.63  ? 17  SER C N   1 
ATOM   804  C  CA  . SER C 1 17 ? 3.440   12.770  -3.567  1.00 9.77  ? 17  SER C CA  1 
ATOM   805  C  C   . SER C 1 17 ? 3.801   11.732  -4.638  1.00 10.16 ? 17  SER C C   1 
ATOM   806  O  O   . SER C 1 17 ? 4.134   10.581  -4.329  1.00 10.20 ? 17  SER C O   1 
ATOM   807  C  CB  . SER C 1 17 ? 1.926   13.005  -3.552  1.00 9.72  ? 17  SER C CB  1 
ATOM   808  O  OG  . SER C 1 17 ? 1.585   13.993  -2.598  1.00 9.69  ? 17  SER C OG  1 
ATOM   809  N  N   . GLN C 1 18 ? 3.728   12.154  -5.892  1.00 10.71 ? 18  GLN C N   1 
ATOM   810  C  CA  . GLN C 1 18 ? 4.064   11.290  -7.024  1.00 11.49 ? 18  GLN C CA  1 
ATOM   811  C  C   . GLN C 1 18 ? 5.474   10.700  -6.894  1.00 12.19 ? 18  GLN C C   1 
ATOM   812  O  O   . GLN C 1 18 ? 5.675   9.523   -7.188  1.00 12.88 ? 18  GLN C O   1 
ATOM   813  C  CB  . GLN C 1 18 ? 3.924   12.047  -8.329  1.00 11.67 ? 18  GLN C CB  1 
ATOM   814  N  N   . ALA C 1 19 ? 6.420   11.507  -6.416  1.00 12.69 ? 19  ALA C N   1 
ATOM   815  C  CA  . ALA C 1 19 ? 7.824   11.097  -6.271  1.00 13.61 ? 19  ALA C CA  1 
ATOM   816  C  C   . ALA C 1 19 ? 8.049   10.087  -5.151  1.00 14.24 ? 19  ALA C C   1 
ATOM   817  O  O   . ALA C 1 19 ? 9.050   9.371   -5.162  1.00 15.05 ? 19  ALA C O   1 
ATOM   818  C  CB  . ALA C 1 19 ? 8.706   12.319  -6.063  1.00 13.70 ? 19  ALA C CB  1 
ATOM   819  N  N   . ARG C 1 20 ? 7.125   10.014  -4.191  1.00 14.36 ? 20  ARG C N   1 
ATOM   820  C  CA  . ARG C 1 20 ? 7.301   9.177   -3.012  1.00 14.84 ? 20  ARG C CA  1 
ATOM   821  C  C   . ARG C 1 20 ? 6.351   7.996   -2.945  1.00 14.02 ? 20  ARG C C   1 
ATOM   822  O  O   . ARG C 1 20 ? 6.284   7.320   -1.932  1.00 13.90 ? 20  ARG C O   1 
ATOM   823  C  CB  . ARG C 1 20 ? 7.192   10.040  -1.760  1.00 15.95 ? 20  ARG C CB  1 
ATOM   824  C  CG  . ARG C 1 20 ? 8.392   10.950  -1.658  1.00 17.42 ? 20  ARG C CG  1 
ATOM   825  C  CD  . ARG C 1 20 ? 8.278   12.010  -0.585  1.00 18.73 ? 20  ARG C CD  1 
ATOM   826  N  NE  . ARG C 1 20 ? 9.522   12.773  -0.565  1.00 19.82 ? 20  ARG C NE  1 
ATOM   827  C  CZ  . ARG C 1 20 ? 9.883   13.661  -1.491  1.00 20.55 ? 20  ARG C CZ  1 
ATOM   828  N  NH1 . ARG C 1 20 ? 9.099   13.939  -2.532  1.00 21.44 ? 20  ARG C NH1 1 
ATOM   829  N  NH2 . ARG C 1 20 ? 11.054  14.270  -1.387  1.00 21.44 ? 20  ARG C NH2 1 
ATOM   830  N  N   . GLY C 1 21 ? 5.636   7.737   -4.035  1.00 13.31 ? 21  GLY C N   1 
ATOM   831  C  CA  . GLY C 1 21 ? 4.756   6.586   -4.117  1.00 13.20 ? 21  GLY C CA  1 
ATOM   832  C  C   . GLY C 1 21 ? 3.584   6.640   -3.159  1.00 12.70 ? 21  GLY C C   1 
ATOM   833  O  O   . GLY C 1 21 ? 3.133   5.611   -2.675  1.00 13.22 ? 21  GLY C O   1 
ATOM   834  N  N   . ILE C 1 22 ? 3.090   7.849   -2.888  1.00 12.00 ? 22  ILE C N   1 
ATOM   835  C  CA  . ILE C 1 22 ? 1.958   8.050   -1.982  1.00 11.42 ? 22  ILE C CA  1 
ATOM   836  C  C   . ILE C 1 22 ? 0.867   8.825   -2.701  1.00 10.78 ? 22  ILE C C   1 
ATOM   837  O  O   . ILE C 1 22 ? 1.107   9.434   -3.741  1.00 10.47 ? 22  ILE C O   1 
ATOM   838  C  CB  . ILE C 1 22 ? 2.354   8.834   -0.720  1.00 11.60 ? 22  ILE C CB  1 
ATOM   839  C  CG1 . ILE C 1 22 ? 2.911   10.218  -1.090  1.00 11.61 ? 22  ILE C CG1 1 
ATOM   840  C  CG2 . ILE C 1 22 ? 3.334   8.015   0.122   1.00 11.94 ? 22  ILE C CG2 1 
ATOM   841  C  CD1 . ILE C 1 22 ? 3.092   11.148  0.090   1.00 11.76 ? 22  ILE C CD1 1 
ATOM   842  N  N   . SER C 1 23 ? -0.333  8.818   -2.134  1.00 10.04 ? 23  SER C N   1 
ATOM   843  C  CA  . SER C 1 23 ? -1.416  9.603   -2.693  1.00 9.44  ? 23  SER C CA  1 
ATOM   844  C  C   . SER C 1 23 ? -1.301  11.059  -2.238  1.00 9.19  ? 23  SER C C   1 
ATOM   845  O  O   . SER C 1 23 ? -0.725  11.366  -1.183  1.00 8.59  ? 23  SER C O   1 
ATOM   846  C  CB  . SER C 1 23 ? -2.769  9.019   -2.284  1.00 9.40  ? 23  SER C CB  1 
ATOM   847  O  OG  . SER C 1 23 ? -3.008  9.160   -0.899  1.00 9.50  ? 23  SER C OG  1 
ATOM   848  N  N   . LEU C 1 24 ? -1.832  11.960  -3.050  1.00 9.12  ? 24  LEU C N   1 
ATOM   849  C  CA  . LEU C 1 24 ? -2.004  13.345  -2.630  1.00 9.36  ? 24  LEU C CA  1 
ATOM   850  C  C   . LEU C 1 24 ? -2.892  13.440  -1.377  1.00 9.14  ? 24  LEU C C   1 
ATOM   851  O  O   . LEU C 1 24 ? -2.650  14.266  -0.500  1.00 9.56  ? 24  LEU C O   1 
ATOM   852  C  CB  . LEU C 1 24 ? -2.598  14.161  -3.772  1.00 9.68  ? 24  LEU C CB  1 
ATOM   853  C  CG  . LEU C 1 24 ? -2.848  15.636  -3.509  1.00 9.91  ? 24  LEU C CG  1 
ATOM   854  C  CD1 . LEU C 1 24 ? -1.591  16.344  -3.024  1.00 9.90  ? 24  LEU C CD1 1 
ATOM   855  C  CD2 . LEU C 1 24 ? -3.406  16.259  -4.780  1.00 10.18 ? 24  LEU C CD2 1 
ATOM   856  N  N   . SER C 1 25 ? -3.899  12.578  -1.293  1.00 8.95  ? 25  SER C N   1 
ATOM   857  C  CA  . SER C 1 25 ? -4.785  12.518  -0.128  1.00 8.94  ? 25  SER C CA  1 
ATOM   858  C  C   . SER C 1 25 ? -4.040  12.101  1.161   1.00 8.88  ? 25  SER C C   1 
ATOM   859  O  O   . SER C 1 25 ? -4.320  12.651  2.232   1.00 8.75  ? 25  SER C O   1 
ATOM   860  C  CB  . SER C 1 25 ? -6.020  11.637  -0.432  1.00 8.97  ? 25  SER C CB  1 
ATOM   861  O  OG  . SER C 1 25 ? -5.725  10.571  -1.326  1.00 9.24  ? 25  SER C OG  1 
ATOM   862  N  N   . ASP C 1 26 ? -3.081  11.173  1.047   1.00 8.86  ? 26  ASP C N   1 
ATOM   863  C  CA  . ASP C 1 26 ? -2.160  10.842  2.153   1.00 9.03  ? 26  ASP C CA  1 
ATOM   864  C  C   . ASP C 1 26 ? -1.459  12.112  2.613   1.00 9.18  ? 26  ASP C C   1 
ATOM   865  O  O   . ASP C 1 26 ? -1.451  12.445  3.808   1.00 9.28  ? 26  ASP C O   1 
ATOM   866  C  CB  . ASP C 1 26 ? -1.035  9.884   1.724   1.00 8.96  ? 26  ASP C CB  1 
ATOM   867  C  CG  . ASP C 1 26 ? -1.460  8.432   1.590   1.00 8.92  ? 26  ASP C CG  1 
ATOM   868  O  OD1 . ASP C 1 26 ? -2.372  7.945   2.304   1.00 8.94  ? 26  ASP C OD1 1 
ATOM   869  O  OD2 . ASP C 1 26 ? -0.817  7.760   0.752   1.00 8.97  ? 26  ASP C OD2 1 
ATOM   870  N  N   . PHE C 1 27 ? -0.860  12.809  1.649   1.00 9.32  ? 27  PHE C N   1 
ATOM   871  C  CA  . PHE C 1 27 ? -0.079  14.007  1.936   1.00 9.70  ? 27  PHE C CA  1 
ATOM   872  C  C   . PHE C 1 27 ? -0.936  15.039  2.669   1.00 10.01 ? 27  PHE C C   1 
ATOM   873  O  O   . PHE C 1 27 ? -0.492  15.631  3.656   1.00 9.40  ? 27  PHE C O   1 
ATOM   874  C  CB  . PHE C 1 27 ? 0.521   14.604  0.655   1.00 9.97  ? 27  PHE C CB  1 
ATOM   875  C  CG  . PHE C 1 27 ? 1.385   15.802  0.907   1.00 10.38 ? 27  PHE C CG  1 
ATOM   876  C  CD1 . PHE C 1 27 ? 2.719   15.649  1.252   1.00 10.51 ? 27  PHE C CD1 1 
ATOM   877  C  CD2 . PHE C 1 27 ? 0.848   17.082  0.864   1.00 10.91 ? 27  PHE C CD2 1 
ATOM   878  C  CE1 . PHE C 1 27 ? 3.519   16.756  1.508   1.00 10.86 ? 27  PHE C CE1 1 
ATOM   879  C  CE2 . PHE C 1 27 ? 1.640   18.193  1.129   1.00 11.08 ? 27  PHE C CE2 1 
ATOM   880  C  CZ  . PHE C 1 27 ? 2.981   18.028  1.449   1.00 10.96 ? 27  PHE C CZ  1 
ATOM   881  N  N   . GLU C 1 28 ? -2.156  15.238  2.189   1.00 10.79 ? 28  GLU C N   1 
ATOM   882  C  CA  . GLU C 1 28 ? -3.093  16.176  2.827   1.00 11.59 ? 28  GLU C CA  1 
ATOM   883  C  C   . GLU C 1 28 ? -3.426  15.751  4.259   1.00 12.01 ? 28  GLU C C   1 
ATOM   884  O  O   . GLU C 1 28 ? -3.456  16.591  5.179   1.00 12.05 ? 28  GLU C O   1 
ATOM   885  C  CB  . GLU C 1 28 ? -4.370  16.300  1.992   1.00 12.32 ? 28  GLU C CB  1 
ATOM   886  C  CG  . GLU C 1 28 ? -4.155  17.058  0.688   1.00 12.99 ? 28  GLU C CG  1 
ATOM   887  C  CD  . GLU C 1 28 ? -5.272  16.875  -0.324  1.00 13.68 ? 28  GLU C CD  1 
ATOM   888  O  OE1 . GLU C 1 28 ? -6.099  15.950  -0.190  1.00 14.99 ? 28  GLU C OE1 1 
ATOM   889  O  OE2 . GLU C 1 28 ? -5.322  17.661  -1.286  1.00 14.31 ? 28  GLU C OE2 1 
ATOM   890  N  N   . SER C 1 29 ? -3.673  14.461  4.456   1.00 12.23 ? 29  SER C N   1 
ATOM   891  C  CA  . SER C 1 29 ? -4.026  13.955  5.790   1.00 12.69 ? 29  SER C CA  1 
ATOM   892  C  C   . SER C 1 29 ? -2.874  14.104  6.784   1.00 12.19 ? 29  SER C C   1 
ATOM   893  O  O   . SER C 1 29 ? -3.102  14.298  7.979   1.00 11.94 ? 29  SER C O   1 
ATOM   894  C  CB  . SER C 1 29 ? -4.502  12.501  5.729   1.00 13.48 ? 29  SER C CB  1 
ATOM   895  O  OG  . SER C 1 29 ? -3.441  11.608  5.467   1.00 15.27 ? 29  SER C OG  1 
ATOM   896  N  N   . TRP C 1 30 ? -1.641  14.035  6.292   1.00 11.68 ? 30  TRP C N   1 
ATOM   897  C  CA  . TRP C 1 30 ? -0.459  14.147  7.156   1.00 11.80 ? 30  TRP C CA  1 
ATOM   898  C  C   . TRP C 1 30 ? -0.023  15.593  7.383   1.00 12.20 ? 30  TRP C C   1 
ATOM   899  O  O   . TRP C 1 30 ? 0.899   15.850  8.172   1.00 12.21 ? 30  TRP C O   1 
ATOM   900  C  CB  . TRP C 1 30 ? 0.712   13.370  6.554   1.00 11.45 ? 30  TRP C CB  1 
ATOM   901  C  CG  . TRP C 1 30 ? 0.435   11.923  6.275   1.00 11.38 ? 30  TRP C CG  1 
ATOM   902  C  CD1 . TRP C 1 30 ? -0.468  11.117  6.910   1.00 11.52 ? 30  TRP C CD1 1 
ATOM   903  C  CD2 . TRP C 1 30 ? 1.088   11.109  5.299   1.00 11.31 ? 30  TRP C CD2 1 
ATOM   904  N  NE1 . TRP C 1 30 ? -0.420  9.856   6.383   1.00 11.70 ? 30  TRP C NE1 1 
ATOM   905  C  CE2 . TRP C 1 30 ? 0.529   9.818   5.394   1.00 11.35 ? 30  TRP C CE2 1 
ATOM   906  C  CE3 . TRP C 1 30 ? 2.098   11.343  4.354   1.00 11.24 ? 30  TRP C CE3 1 
ATOM   907  C  CZ2 . TRP C 1 30 ? 0.943   8.762   4.580   1.00 11.35 ? 30  TRP C CZ2 1 
ATOM   908  C  CZ3 . TRP C 1 30 ? 2.510   10.300  3.546   1.00 11.27 ? 30  TRP C CZ3 1 
ATOM   909  C  CH2 . TRP C 1 30 ? 1.925   9.015   3.663   1.00 11.39 ? 30  TRP C CH2 1 
ATOM   910  N  N   . ASN C 1 31 ? -0.657  16.527  6.674   1.00 12.49 ? 31  ASN C N   1 
ATOM   911  C  CA  . ASN C 1 31 ? -0.306  17.934  6.762   1.00 13.08 ? 31  ASN C CA  1 
ATOM   912  C  C   . ASN C 1 31 ? -1.530  18.785  7.009   1.00 14.69 ? 31  ASN C C   1 
ATOM   913  O  O   . ASN C 1 31 ? -1.880  19.660  6.210   1.00 14.75 ? 31  ASN C O   1 
ATOM   914  C  CB  . ASN C 1 31 ? 0.422   18.361  5.504   1.00 12.63 ? 31  ASN C CB  1 
ATOM   915  C  CG  . ASN C 1 31 ? 1.793   17.767  5.429   1.00 12.14 ? 31  ASN C CG  1 
ATOM   916  O  OD1 . ASN C 1 31 ? 2.717   18.250  6.088   1.00 11.84 ? 31  ASN C OD1 1 
ATOM   917  N  ND2 . ASN C 1 31 ? 1.938   16.694  4.660   1.00 11.59 ? 31  ASN C ND2 1 
ATOM   918  N  N   . ALA C 1 32 ? -2.169  18.490  8.138   1.00 17.48 ? 32  ALA C N   1 
ATOM   919  C  CA  . ALA C 1 32 ? -3.314  19.236  8.654   1.00 20.05 ? 32  ALA C CA  1 
ATOM   920  C  C   . ALA C 1 32 ? -3.218  20.709  8.304   1.00 21.15 ? 32  ALA C C   1 
ATOM   921  O  O   . ALA C 1 32 ? -2.280  21.406  8.711   1.00 23.10 ? 32  ALA C O   1 
ATOM   922  C  CB  . ALA C 1 32 ? -3.415  19.062  10.165  1.00 20.35 ? 32  ALA C CB  1 
ATOM   923  N  N   . GLY C 1 33 ? -4.162  21.160  7.491   1.00 21.67 ? 33  GLY C N   1 
ATOM   924  C  CA  . GLY C 1 33 ? -4.304  22.577  7.200   1.00 21.26 ? 33  GLY C CA  1 
ATOM   925  C  C   . GLY C 1 33 ? -3.256  23.211  6.310   1.00 20.87 ? 33  GLY C C   1 
ATOM   926  O  O   . GLY C 1 33 ? -3.295  24.424  6.102   1.00 21.21 ? 33  GLY C O   1 
ATOM   927  N  N   . ILE C 1 34 ? -2.323  22.418  5.775   1.00 19.76 ? 34  ILE C N   1 
ATOM   928  C  CA  . ILE C 1 34 ? -1.335  22.938  4.824   1.00 18.62 ? 34  ILE C CA  1 
ATOM   929  C  C   . ILE C 1 34 ? -2.072  23.535  3.622   1.00 16.69 ? 34  ILE C C   1 
ATOM   930  O  O   . ILE C 1 34 ? -3.152  23.069  3.264   1.00 16.79 ? 34  ILE C O   1 
ATOM   931  C  CB  . ILE C 1 34 ? -0.366  21.836  4.338   1.00 19.36 ? 34  ILE C CB  1 
ATOM   932  C  CG1 . ILE C 1 34 ? 0.853   22.462  3.658   1.00 19.59 ? 34  ILE C CG1 1 
ATOM   933  C  CG2 . ILE C 1 34 ? -1.064  20.843  3.411   1.00 19.35 ? 34  ILE C CG2 1 
ATOM   934  C  CD1 . ILE C 1 34 ? 1.907   21.462  3.252   1.00 20.24 ? 34  ILE C CD1 1 
ATOM   935  N  N   . ASP C 1 35 ? -1.505  24.573  3.015   1.00 15.17 ? 35  ASP C N   1 
ATOM   936  C  CA  . ASP C 1 35 ? -2.134  25.180  1.845   1.00 13.80 ? 35  ASP C CA  1 
ATOM   937  C  C   . ASP C 1 35 ? -1.357  24.820  0.584   1.00 13.33 ? 35  ASP C C   1 
ATOM   938  O  O   . ASP C 1 35 ? -0.390  25.481  0.222   1.00 12.41 ? 35  ASP C O   1 
ATOM   939  C  CB  . ASP C 1 35 ? -2.235  26.701  1.987   1.00 13.50 ? 35  ASP C CB  1 
ATOM   940  C  CG  . ASP C 1 35 ? -3.145  27.315  0.940   1.00 13.09 ? 35  ASP C CG  1 
ATOM   941  O  OD1 . ASP C 1 35 ? -3.774  26.537  0.200   1.00 13.57 ? 35  ASP C OD1 1 
ATOM   942  O  OD2 . ASP C 1 35 ? -3.228  28.556  0.839   1.00 11.90 ? 35  ASP C OD2 1 
ATOM   943  N  N   . CYS C 1 36 ? -1.807  23.772  -0.090  1.00 13.00 ? 36  CYS C N   1 
ATOM   944  C  CA  . CYS C 1 36 ? -1.106  23.247  -1.252  1.00 12.94 ? 36  CYS C CA  1 
ATOM   945  C  C   . CYS C 1 36 ? -1.002  24.229  -2.419  1.00 12.58 ? 36  CYS C C   1 
ATOM   946  O  O   . CYS C 1 36 ? -0.077  24.139  -3.214  1.00 12.76 ? 36  CYS C O   1 
ATOM   947  C  CB  . CYS C 1 36 ? -1.742  21.919  -1.695  1.00 13.16 ? 36  CYS C CB  1 
ATOM   948  S  SG  . CYS C 1 36 ? -1.068  20.545  -0.736  1.00 14.27 ? 36  CYS C SG  1 
ATOM   949  N  N   . ASN C 1 37 ? -1.932  25.174  -2.529  1.00 11.94 ? 37  ASN C N   1 
ATOM   950  C  CA  . ASN C 1 37 ? -1.858  26.149  -3.610  1.00 12.04 ? 37  ASN C CA  1 
ATOM   951  C  C   . ASN C 1 37 ? -1.046  27.405  -3.256  1.00 11.83 ? 37  ASN C C   1 
ATOM   952  O  O   . ASN C 1 37 ? -1.029  28.364  -4.023  1.00 11.84 ? 37  ASN C O   1 
ATOM   953  C  CB  . ASN C 1 37 ? -3.258  26.499  -4.133  1.00 12.06 ? 37  ASN C CB  1 
ATOM   954  C  CG  . ASN C 1 37 ? -4.103  27.230  -3.116  1.00 11.86 ? 37  ASN C CG  1 
ATOM   955  O  OD1 . ASN C 1 37 ? -3.591  28.006  -2.310  1.00 11.49 ? 37  ASN C OD1 1 
ATOM   956  N  ND2 . ASN C 1 37 ? -5.417  26.987  -3.146  1.00 12.07 ? 37  ASN C ND2 1 
ATOM   957  N  N   . ASN C 1 38 ? -0.372  27.398  -2.107  1.00 11.82 ? 38  ASN C N   1 
ATOM   958  C  CA  . ASN C 1 38 ? 0.465   28.528  -1.701  1.00 12.06 ? 38  ASN C CA  1 
ATOM   959  C  C   . ASN C 1 38 ? 1.620   28.081  -0.804  1.00 12.35 ? 38  ASN C C   1 
ATOM   960  O  O   . ASN C 1 38 ? 1.839   28.629  0.276   1.00 12.43 ? 38  ASN C O   1 
ATOM   961  C  CB  . ASN C 1 38 ? -0.396  29.597  -1.012  1.00 12.05 ? 38  ASN C CB  1 
ATOM   962  C  CG  . ASN C 1 38 ? 0.288   30.955  -0.942  1.00 12.19 ? 38  ASN C CG  1 
ATOM   963  O  OD1 . ASN C 1 38 ? 1.224   31.242  -1.682  1.00 12.71 ? 38  ASN C OD1 1 
ATOM   964  N  ND2 . ASN C 1 38 ? -0.183  31.794  -0.041  1.00 12.23 ? 38  ASN C ND2 1 
ATOM   965  N  N   . LEU C 1 39 ? 2.361   27.080  -1.274  1.00 12.98 ? 39  LEU C N   1 
ATOM   966  C  CA  . LEU C 1 39 ? 3.521   26.563  -0.540  1.00 13.61 ? 39  LEU C CA  1 
ATOM   967  C  C   . LEU C 1 39 ? 4.635   27.600  -0.537  1.00 14.73 ? 39  LEU C C   1 
ATOM   968  O  O   . LEU C 1 39 ? 4.786   28.357  -1.499  1.00 14.58 ? 39  LEU C O   1 
ATOM   969  C  CB  . LEU C 1 39 ? 4.053   25.293  -1.203  1.00 13.44 ? 39  LEU C CB  1 
ATOM   970  C  CG  . LEU C 1 39 ? 3.133   24.074  -1.272  1.00 13.38 ? 39  LEU C CG  1 
ATOM   971  C  CD1 . LEU C 1 39 ? 3.759   23.024  -2.182  1.00 13.44 ? 39  LEU C CD1 1 
ATOM   972  C  CD2 . LEU C 1 39 ? 2.878   23.501  0.110   1.00 13.29 ? 39  LEU C CD2 1 
ATOM   973  N  N   . GLN C 1 40 ? 5.424   27.611  0.533   1.00 16.29 ? 40  GLN C N   1 
ATOM   974  C  CA  . GLN C 1 40 ? 6.548   28.539  0.664   1.00 18.05 ? 40  GLN C CA  1 
ATOM   975  C  C   . GLN C 1 40 ? 7.876   27.779  0.641   1.00 18.35 ? 40  GLN C C   1 
ATOM   976  O  O   . GLN C 1 40 ? 8.002   26.737  1.280   1.00 18.29 ? 40  GLN C O   1 
ATOM   977  C  CB  . GLN C 1 40 ? 6.427   29.297  1.985   1.00 19.70 ? 40  GLN C CB  1 
ATOM   978  C  CG  . GLN C 1 40 ? 5.102   30.030  2.157   1.00 21.23 ? 40  GLN C CG  1 
ATOM   979  C  CD  . GLN C 1 40 ? 4.935   31.181  1.178   1.00 22.22 ? 40  GLN C CD  1 
ATOM   980  O  OE1 . GLN C 1 40 ? 5.813   32.038  1.060   1.00 24.43 ? 40  GLN C OE1 1 
ATOM   981  N  NE2 . GLN C 1 40 ? 3.798   31.219  0.479   1.00 23.09 ? 40  GLN C NE2 1 
ATOM   982  N  N   . ILE C 1 41 ? 8.866   28.303  -0.078  1.00 18.60 ? 41  ILE C N   1 
ATOM   983  C  CA  . ILE C 1 41 ? 10.220  27.731  -0.026  1.00 18.58 ? 41  ILE C CA  1 
ATOM   984  C  C   . ILE C 1 41 ? 10.693  27.720  1.434   1.00 18.09 ? 41  ILE C C   1 
ATOM   985  O  O   . ILE C 1 41 ? 10.542  28.711  2.153   1.00 17.86 ? 41  ILE C O   1 
ATOM   986  C  CB  . ILE C 1 41 ? 11.202  28.508  -0.933  1.00 19.19 ? 41  ILE C CB  1 
ATOM   987  C  CG1 . ILE C 1 41 ? 10.788  28.367  -2.403  1.00 19.46 ? 41  ILE C CG1 1 
ATOM   988  C  CG2 . ILE C 1 41 ? 12.635  27.999  -0.763  1.00 19.30 ? 41  ILE C CG2 1 
ATOM   989  C  CD1 . ILE C 1 41 ? 11.108  29.586  -3.236  1.00 19.92 ? 41  ILE C CD1 1 
ATOM   990  N  N   . GLY C 1 42 ? 11.205  26.575  1.881   1.00 17.35 ? 42  GLY C N   1 
ATOM   991  C  CA  . GLY C 1 42 ? 11.696  26.413  3.248   1.00 17.51 ? 42  GLY C CA  1 
ATOM   992  C  C   . GLY C 1 42 ? 10.691  25.840  4.232   1.00 17.17 ? 42  GLY C C   1 
ATOM   993  O  O   . GLY C 1 42 ? 11.051  25.426  5.331   1.00 17.14 ? 42  GLY C O   1 
ATOM   994  N  N   . GLN C 1 43 ? 9.420   25.827  3.843   1.00 17.22 ? 43  GLN C N   1 
ATOM   995  C  CA  . GLN C 1 43 ? 8.369   25.237  4.653   1.00 17.33 ? 43  GLN C CA  1 
ATOM   996  C  C   . GLN C 1 43 ? 8.638   23.748  4.871   1.00 16.50 ? 43  GLN C C   1 
ATOM   997  O  O   . GLN C 1 43 ? 9.051   23.062  3.952   1.00 16.15 ? 43  GLN C O   1 
ATOM   998  C  CB  . GLN C 1 43 ? 7.043   25.437  3.921   1.00 18.02 ? 43  GLN C CB  1 
ATOM   999  C  CG  . GLN C 1 43 ? 5.803   24.983  4.645   1.00 18.77 ? 43  GLN C CG  1 
ATOM   1000 C  CD  . GLN C 1 43 ? 4.541   25.357  3.886   1.00 19.50 ? 43  GLN C CD  1 
ATOM   1001 O  OE1 . GLN C 1 43 ? 4.577   26.138  2.923   1.00 18.87 ? 43  GLN C OE1 1 
ATOM   1002 N  NE2 . GLN C 1 43 ? 3.414   24.798  4.315   1.00 20.69 ? 43  GLN C NE2 1 
ATOM   1003 N  N   . VAL C 1 44 ? 8.400   23.265  6.089   1.00 16.55 ? 44  VAL C N   1 
ATOM   1004 C  CA  . VAL C 1 44 ? 8.628   21.860  6.434   1.00 16.74 ? 44  VAL C CA  1 
ATOM   1005 C  C   . VAL C 1 44 ? 7.303   21.104  6.434   1.00 16.25 ? 44  VAL C C   1 
ATOM   1006 O  O   . VAL C 1 44 ? 6.353   21.516  7.088   1.00 16.01 ? 44  VAL C O   1 
ATOM   1007 C  CB  . VAL C 1 44 ? 9.311   21.727  7.817   1.00 17.47 ? 44  VAL C CB  1 
ATOM   1008 C  CG1 . VAL C 1 44 ? 9.349   20.275  8.275   1.00 17.92 ? 44  VAL C CG1 1 
ATOM   1009 C  CG2 . VAL C 1 44 ? 10.720  22.311  7.764   1.00 17.71 ? 44  VAL C CG2 1 
ATOM   1010 N  N   . VAL C 1 45 ? 7.255   19.991  5.705   1.00 15.94 ? 45  VAL C N   1 
ATOM   1011 C  CA  . VAL C 1 45 ? 6.034   19.188  5.581   1.00 15.84 ? 45  VAL C CA  1 
ATOM   1012 C  C   . VAL C 1 45 ? 6.313   17.723  5.914   1.00 15.95 ? 45  VAL C C   1 
ATOM   1013 O  O   . VAL C 1 45 ? 7.462   17.283  5.873   1.00 16.28 ? 45  VAL C O   1 
ATOM   1014 C  CB  . VAL C 1 45 ? 5.420   19.303  4.164   1.00 15.63 ? 45  VAL C CB  1 
ATOM   1015 C  CG1 . VAL C 1 45 ? 5.095   20.755  3.840   1.00 15.64 ? 45  VAL C CG1 1 
ATOM   1016 C  CG2 . VAL C 1 45 ? 6.343   18.726  3.096   1.00 15.53 ? 45  VAL C CG2 1 
ATOM   1017 N  N   . CYS C 1 46 ? 5.254   16.979  6.235   1.00 15.96 ? 46  CYS C N   1 
ATOM   1018 C  CA  . CYS C 1 46 ? 5.345   15.542  6.487   1.00 15.85 ? 46  CYS C CA  1 
ATOM   1019 C  C   . CYS C 1 46 ? 5.193   14.741  5.200   1.00 14.91 ? 46  CYS C C   1 
ATOM   1020 O  O   . CYS C 1 46 ? 4.279   15.005  4.414   1.00 13.89 ? 46  CYS C O   1 
ATOM   1021 C  CB  . CYS C 1 46 ? 4.251   15.102  7.462   1.00 17.40 ? 46  CYS C CB  1 
ATOM   1022 S  SG  . CYS C 1 46 ? 4.459   15.708  9.151   1.00 20.10 ? 46  CYS C SG  1 
ATOM   1023 N  N   . VAL C 1 47 ? 6.071   13.756  5.005   1.00 13.87 ? 47  VAL C N   1 
ATOM   1024 C  CA  . VAL C 1 47 ? 5.964   12.818  3.874   1.00 13.84 ? 47  VAL C CA  1 
ATOM   1025 C  C   . VAL C 1 47 ? 5.764   11.357  4.321   1.00 14.09 ? 47  VAL C C   1 
ATOM   1026 O  O   . VAL C 1 47 ? 5.879   10.428  3.518   1.00 14.04 ? 47  VAL C O   1 
ATOM   1027 C  CB  . VAL C 1 47 ? 7.142   12.955  2.884   1.00 13.50 ? 47  VAL C CB  1 
ATOM   1028 C  CG1 . VAL C 1 47 ? 7.046   14.301  2.168   1.00 13.41 ? 47  VAL C CG1 1 
ATOM   1029 C  CG2 . VAL C 1 47 ? 8.480   12.793  3.587   1.00 13.54 ? 47  VAL C CG2 1 
ATOM   1030 N  N   . SER C 1 48 ? 5.435   11.174  5.594   1.00 14.67 ? 48  SER C N   1 
ATOM   1031 C  CA  . SER C 1 48 ? 4.942   9.890   6.098   1.00 15.34 ? 48  SER C CA  1 
ATOM   1032 C  C   . SER C 1 48 ? 3.978   10.156  7.244   1.00 15.55 ? 48  SER C C   1 
ATOM   1033 O  O   . SER C 1 48 ? 3.897   11.284  7.738   1.00 15.37 ? 48  SER C O   1 
ATOM   1034 C  CB  . SER C 1 48 ? 6.098   9.023   6.586   1.00 15.95 ? 48  SER C CB  1 
ATOM   1035 O  OG  . SER C 1 48 ? 6.662   9.577   7.756   1.00 16.81 ? 48  SER C OG  1 
ATOM   1036 N  N   . LYS C 1 49 ? 3.243   9.123   7.655   1.00 16.14 ? 49  LYS C N   1 
ATOM   1037 C  CA  . LYS C 1 49 ? 2.371   9.210   8.824   1.00 17.04 ? 49  LYS C CA  1 
ATOM   1038 C  C   . LYS C 1 49 ? 3.250   9.315   10.062  1.00 18.34 ? 49  LYS C C   1 
ATOM   1039 O  O   . LYS C 1 49 ? 4.278   8.639   10.127  1.00 21.06 ? 49  LYS C O   1 
ATOM   1040 C  CB  . LYS C 1 49 ? 1.466   7.982   8.923   1.00 17.13 ? 49  LYS C CB  1 
ATOM   1041 N  N   . CYS D 1 2  ? 16.170  -22.792 3.006   1.00 28.12 ? 2   CYS D N   1 
ATOM   1042 C  CA  . CYS D 1 2  ? 15.596  -21.790 2.048   1.00 28.01 ? 2   CYS D CA  1 
ATOM   1043 C  C   . CYS D 1 2  ? 16.437  -21.706 0.776   1.00 26.64 ? 2   CYS D C   1 
ATOM   1044 O  O   . CYS D 1 2  ? 17.596  -21.309 0.811   1.00 28.05 ? 2   CYS D O   1 
ATOM   1045 C  CB  . CYS D 1 2  ? 15.469  -20.393 2.699   1.00 27.63 ? 2   CYS D CB  1 
ATOM   1046 S  SG  . CYS D 1 2  ? 15.253  -18.979 1.568   1.00 28.72 ? 2   CYS D SG  1 
ATOM   1047 N  N   . THR D 1 3  ? 15.839  -22.109 -0.338  1.00 24.67 ? 3   THR D N   1 
ATOM   1048 C  CA  . THR D 1 3  ? 16.352  -21.779 -1.652  1.00 23.32 ? 3   THR D CA  1 
ATOM   1049 C  C   . THR D 1 3  ? 15.808  -20.387 -1.976  1.00 21.85 ? 3   THR D C   1 
ATOM   1050 O  O   . THR D 1 3  ? 14.594  -20.179 -1.927  1.00 21.68 ? 3   THR D O   1 
ATOM   1051 C  CB  . THR D 1 3  ? 15.852  -22.784 -2.698  1.00 23.45 ? 3   THR D CB  1 
ATOM   1052 O  OG1 . THR D 1 3  ? 16.304  -24.101 -2.348  1.00 24.15 ? 3   THR D OG1 1 
ATOM   1053 C  CG2 . THR D 1 3  ? 16.349  -22.421 -4.091  1.00 23.51 ? 3   THR D CG2 1 
ATOM   1054 N  N   . THR D 1 4  ? 16.690  -19.439 -2.283  1.00 19.10 ? 4   THR D N   1 
ATOM   1055 C  CA  . THR D 1 4  ? 16.266  -18.079 -2.600  1.00 17.92 ? 4   THR D CA  1 
ATOM   1056 C  C   . THR D 1 4  ? 15.856  -17.944 -4.067  1.00 15.94 ? 4   THR D C   1 
ATOM   1057 O  O   . THR D 1 4  ? 16.330  -18.687 -4.926  1.00 15.09 ? 4   THR D O   1 
ATOM   1058 C  CB  . THR D 1 4  ? 17.361  -17.047 -2.304  1.00 18.84 ? 4   THR D CB  1 
ATOM   1059 O  OG1 . THR D 1 4  ? 18.533  -17.355 -3.076  1.00 19.60 ? 4   THR D OG1 1 
ATOM   1060 C  CG2 . THR D 1 4  ? 17.696  -17.034 -0.820  1.00 19.30 ? 4   THR D CG2 1 
ATOM   1061 N  N   . TYR D 1 5  ? 14.972  -16.988 -4.332  1.00 13.94 ? 5   TYR D N   1 
ATOM   1062 C  CA  . TYR D 1 5  ? 14.520  -16.681 -5.689  1.00 12.90 ? 5   TYR D CA  1 
ATOM   1063 C  C   . TYR D 1 5  ? 14.233  -15.185 -5.782  1.00 12.19 ? 5   TYR D C   1 
ATOM   1064 O  O   . TYR D 1 5  ? 13.655  -14.607 -4.870  1.00 11.57 ? 5   TYR D O   1 
ATOM   1065 C  CB  . TYR D 1 5  ? 13.269  -17.492 -6.045  1.00 12.83 ? 5   TYR D CB  1 
ATOM   1066 C  CG  . TYR D 1 5  ? 12.624  -17.057 -7.342  1.00 13.01 ? 5   TYR D CG  1 
ATOM   1067 C  CD1 . TYR D 1 5  ? 13.163  -17.437 -8.560  1.00 13.13 ? 5   TYR D CD1 1 
ATOM   1068 C  CD2 . TYR D 1 5  ? 11.490  -16.248 -7.350  1.00 13.12 ? 5   TYR D CD2 1 
ATOM   1069 C  CE1 . TYR D 1 5  ? 12.594  -17.039 -9.749  1.00 13.32 ? 5   TYR D CE1 1 
ATOM   1070 C  CE2 . TYR D 1 5  ? 10.910  -15.842 -8.539  1.00 12.89 ? 5   TYR D CE2 1 
ATOM   1071 C  CZ  . TYR D 1 5  ? 11.472  -16.241 -9.735  1.00 13.36 ? 5   TYR D CZ  1 
ATOM   1072 O  OH  . TYR D 1 5  ? 10.926  -15.848 -10.935 1.00 13.86 ? 5   TYR D OH  1 
ATOM   1073 N  N   . THR D 1 6  ? 14.647  -14.559 -6.880  1.00 11.56 ? 6   THR D N   1 
ATOM   1074 C  CA  . THR D 1 6  ? 14.456  -13.131 -7.048  1.00 11.28 ? 6   THR D CA  1 
ATOM   1075 C  C   . THR D 1 6  ? 13.235  -12.880 -7.942  1.00 11.04 ? 6   THR D C   1 
ATOM   1076 O  O   . THR D 1 6  ? 13.159  -13.378 -9.067  1.00 10.58 ? 6   THR D O   1 
ATOM   1077 C  CB  . THR D 1 6  ? 15.735  -12.467 -7.619  1.00 11.47 ? 6   THR D CB  1 
ATOM   1078 O  OG1 . THR D 1 6  ? 16.838  -12.697 -6.723  1.00 11.23 ? 6   THR D OG1 1 
ATOM   1079 C  CG2 . THR D 1 6  ? 15.536  -10.986 -7.785  1.00 11.56 ? 6   THR D CG2 1 
ATOM   1080 N  N   . ILE D 1 7  ? 12.288  -12.100 -7.428  1.00 11.13 ? 7   ILE D N   1 
ATOM   1081 C  CA  . ILE D 1 7  ? 11.041  -11.813 -8.131  1.00 11.43 ? 7   ILE D CA  1 
ATOM   1082 C  C   . ILE D 1 7  ? 11.271  -11.055 -9.438  1.00 11.96 ? 7   ILE D C   1 
ATOM   1083 O  O   . ILE D 1 7  ? 11.962  -10.032 -9.461  1.00 12.05 ? 7   ILE D O   1 
ATOM   1084 C  CB  . ILE D 1 7  ? 10.072  -11.017 -7.229  1.00 11.51 ? 7   ILE D CB  1 
ATOM   1085 C  CG1 . ILE D 1 7  ? 9.680   -11.835 -5.983  1.00 11.72 ? 7   ILE D CG1 1 
ATOM   1086 C  CG2 . ILE D 1 7  ? 8.834   -10.577 -7.995  1.00 11.39 ? 7   ILE D CG2 1 
ATOM   1087 C  CD1 . ILE D 1 7  ? 9.006   -13.151 -6.300  1.00 11.85 ? 7   ILE D CD1 1 
ATOM   1088 N  N   . LYS D 1 8  ? 10.675  -11.575 -10.514 1.00 12.51 ? 8   LYS D N   1 
ATOM   1089 C  CA  . LYS D 1 8  ? 10.690  -10.949 -11.843 1.00 13.20 ? 8   LYS D CA  1 
ATOM   1090 C  C   . LYS D 1 8  ? 9.336   -10.347 -12.169 1.00 13.51 ? 8   LYS D C   1 
ATOM   1091 O  O   . LYS D 1 8  ? 8.324   -10.696 -11.566 1.00 13.70 ? 8   LYS D O   1 
ATOM   1092 C  CB  . LYS D 1 8  ? 11.064  -11.979 -12.906 1.00 13.17 ? 8   LYS D CB  1 
ATOM   1093 N  N   . SER D 1 9  ? 9.320   -9.435  -13.135 1.00 13.94 ? 9   SER D N   1 
ATOM   1094 C  CA  . SER D 1 9  ? 8.082   -8.892  -13.651 1.00 14.61 ? 9   SER D CA  1 
ATOM   1095 C  C   . SER D 1 9  ? 7.138   -10.025 -14.044 1.00 14.68 ? 9   SER D C   1 
ATOM   1096 O  O   . SER D 1 9  ? 7.561   -10.995 -14.658 1.00 15.76 ? 9   SER D O   1 
ATOM   1097 C  CB  . SER D 1 9  ? 8.366   -8.014  -14.875 1.00 14.82 ? 9   SER D CB  1 
ATOM   1098 O  OG  . SER D 1 9  ? 7.158   -7.500  -15.386 1.00 16.39 ? 9   SER D OG  1 
ATOM   1099 N  N   . GLY D 1 10 ? 5.871   -9.913  -13.671 1.00 14.52 ? 10  GLY D N   1 
ATOM   1100 C  CA  . GLY D 1 10 ? 4.900   -10.948 -14.017 1.00 14.69 ? 10  GLY D CA  1 
ATOM   1101 C  C   . GLY D 1 10 ? 4.894   -12.190 -13.136 1.00 14.27 ? 10  GLY D C   1 
ATOM   1102 O  O   . GLY D 1 10 ? 4.035   -13.046 -13.304 1.00 14.73 ? 10  GLY D O   1 
ATOM   1103 N  N   . ASP D 1 11 ? 5.831   -12.312 -12.193 1.00 13.82 ? 11  ASP D N   1 
ATOM   1104 C  CA  . ASP D 1 11 ? 5.747   -13.412 -11.224 1.00 13.51 ? 11  ASP D CA  1 
ATOM   1105 C  C   . ASP D 1 11 ? 4.523   -13.215 -10.338 1.00 13.20 ? 11  ASP D C   1 
ATOM   1106 O  O   . ASP D 1 11 ? 4.160   -12.084 -9.991  1.00 13.37 ? 11  ASP D O   1 
ATOM   1107 C  CB  . ASP D 1 11 ? 6.991   -13.501 -10.328 1.00 13.70 ? 11  ASP D CB  1 
ATOM   1108 C  CG  . ASP D 1 11 ? 8.161   -14.198 -10.991 1.00 13.81 ? 11  ASP D CG  1 
ATOM   1109 O  OD1 . ASP D 1 11 ? 7.983   -14.958 -11.962 1.00 14.47 ? 11  ASP D OD1 1 
ATOM   1110 O  OD2 . ASP D 1 11 ? 9.294   -13.986 -10.521 1.00 14.12 ? 11  ASP D OD2 1 
ATOM   1111 N  N   . THR D 1 12 ? 3.892   -14.329 -9.978  1.00 12.62 ? 12  THR D N   1 
ATOM   1112 C  CA  . THR D 1 12 ? 2.773   -14.336 -9.046  1.00 12.29 ? 12  THR D CA  1 
ATOM   1113 C  C   . THR D 1 12 ? 3.049   -15.446 -8.039  1.00 12.11 ? 12  THR D C   1 
ATOM   1114 O  O   . THR D 1 12 ? 3.831   -16.358 -8.319  1.00 11.45 ? 12  THR D O   1 
ATOM   1115 C  CB  . THR D 1 12 ? 1.434   -14.621 -9.760  1.00 12.29 ? 12  THR D CB  1 
ATOM   1116 O  OG1 . THR D 1 12 ? 1.437   -15.952 -10.290 1.00 12.31 ? 12  THR D OG1 1 
ATOM   1117 C  CG2 . THR D 1 12 ? 1.208   -13.638 -10.892 1.00 12.45 ? 12  THR D CG2 1 
ATOM   1118 N  N   . CYS D 1 13 ? 2.437   -15.359 -6.863  1.00 12.28 ? 13  CYS D N   1 
ATOM   1119 C  CA  . CYS D 1 13 ? 2.571   -16.423 -5.870  1.00 12.65 ? 13  CYS D CA  1 
ATOM   1120 C  C   . CYS D 1 13 ? 2.051   -17.750 -6.435  1.00 13.19 ? 13  CYS D C   1 
ATOM   1121 O  O   . CYS D 1 13 ? 2.659   -18.806 -6.210  1.00 12.35 ? 13  CYS D O   1 
ATOM   1122 C  CB  . CYS D 1 13 ? 1.857   -16.045 -4.568  1.00 12.79 ? 13  CYS D CB  1 
ATOM   1123 S  SG  . CYS D 1 13 ? 2.720   -14.759 -3.626  1.00 13.13 ? 13  CYS D SG  1 
ATOM   1124 N  N   . TYR D 1 14 ? 0.945   -17.685 -7.188  1.00 14.18 ? 14  TYR D N   1 
ATOM   1125 C  CA  . TYR D 1 14 ? 0.402   -18.857 -7.893  1.00 15.63 ? 14  TYR D CA  1 
ATOM   1126 C  C   . TYR D 1 14 ? 1.432   -19.482 -8.833  1.00 15.39 ? 14  TYR D C   1 
ATOM   1127 O  O   . TYR D 1 14 ? 1.677   -20.694 -8.790  1.00 15.20 ? 14  TYR D O   1 
ATOM   1128 C  CB  . TYR D 1 14 ? -0.848  -18.473 -8.693  1.00 16.74 ? 14  TYR D CB  1 
ATOM   1129 C  CG  . TYR D 1 14 ? -1.371  -19.577 -9.601  1.00 18.76 ? 14  TYR D CG  1 
ATOM   1130 C  CD1 . TYR D 1 14 ? -0.807  -19.808 -10.861 1.00 19.94 ? 14  TYR D CD1 1 
ATOM   1131 C  CD2 . TYR D 1 14 ? -2.437  -20.379 -9.208  1.00 20.09 ? 14  TYR D CD2 1 
ATOM   1132 C  CE1 . TYR D 1 14 ? -1.284  -20.816 -11.689 1.00 20.80 ? 14  TYR D CE1 1 
ATOM   1133 C  CE2 . TYR D 1 14 ? -2.921  -21.391 -10.032 1.00 20.92 ? 14  TYR D CE2 1 
ATOM   1134 C  CZ  . TYR D 1 14 ? -2.339  -21.607 -11.267 1.00 21.60 ? 14  TYR D CZ  1 
ATOM   1135 O  OH  . TYR D 1 14 ? -2.810  -22.611 -12.094 1.00 23.06 ? 14  TYR D OH  1 
ATOM   1136 N  N   . ALA D 1 15 ? 2.012   -18.654 -9.696  1.00 15.47 ? 15  ALA D N   1 
ATOM   1137 C  CA  . ALA D 1 15 ? 2.950   -19.138 -10.717 1.00 15.67 ? 15  ALA D CA  1 
ATOM   1138 C  C   . ALA D 1 15 ? 4.247   -19.673 -10.109 1.00 15.97 ? 15  ALA D C   1 
ATOM   1139 O  O   . ALA D 1 15 ? 4.767   -20.693 -10.561 1.00 16.71 ? 15  ALA D O   1 
ATOM   1140 C  CB  . ALA D 1 15 ? 3.248   -18.043 -11.735 1.00 15.36 ? 15  ALA D CB  1 
ATOM   1141 N  N   . ILE D 1 16 ? 4.760   -18.995 -9.085  1.00 16.00 ? 16  ILE D N   1 
ATOM   1142 C  CA  . ILE D 1 16 ? 5.965   -19.455 -8.383  1.00 16.29 ? 16  ILE D CA  1 
ATOM   1143 C  C   . ILE D 1 16 ? 5.693   -20.805 -7.733  1.00 16.56 ? 16  ILE D C   1 
ATOM   1144 O  O   . ILE D 1 16 ? 6.495   -21.738 -7.851  1.00 16.57 ? 16  ILE D O   1 
ATOM   1145 C  CB  . ILE D 1 16 ? 6.427   -18.441 -7.310  1.00 16.31 ? 16  ILE D CB  1 
ATOM   1146 C  CG1 . ILE D 1 16 ? 6.984   -17.181 -7.980  1.00 16.44 ? 16  ILE D CG1 1 
ATOM   1147 C  CG2 . ILE D 1 16 ? 7.479   -19.056 -6.388  1.00 16.41 ? 16  ILE D CG2 1 
ATOM   1148 C  CD1 . ILE D 1 16 ? 7.118   -16.001 -7.038  1.00 16.32 ? 16  ILE D CD1 1 
ATOM   1149 N  N   . SER D 1 17 ? 4.559   -20.896 -7.043  1.00 16.87 ? 17  SER D N   1 
ATOM   1150 C  CA  . SER D 1 17 ? 4.150   -22.137 -6.387  1.00 17.89 ? 17  SER D CA  1 
ATOM   1151 C  C   . SER D 1 17 ? 4.007   -23.297 -7.373  1.00 18.40 ? 17  SER D C   1 
ATOM   1152 O  O   . SER D 1 17 ? 4.614   -24.354 -7.180  1.00 19.56 ? 17  SER D O   1 
ATOM   1153 C  CB  . SER D 1 17 ? 2.839   -21.918 -5.647  1.00 18.00 ? 17  SER D CB  1 
ATOM   1154 O  OG  . SER D 1 17 ? 3.035   -20.969 -4.625  1.00 19.02 ? 17  SER D OG  1 
ATOM   1155 N  N   . GLN D 1 18 ? 3.214   -23.090 -8.422  1.00 18.80 ? 18  GLN D N   1 
ATOM   1156 C  CA  . GLN D 1 18 ? 2.975   -24.122 -9.435  1.00 19.66 ? 18  GLN D CA  1 
ATOM   1157 C  C   . GLN D 1 18 ? 4.272   -24.573 -10.112 1.00 20.37 ? 18  GLN D C   1 
ATOM   1158 O  O   . GLN D 1 18 ? 4.493   -25.774 -10.280 1.00 21.16 ? 18  GLN D O   1 
ATOM   1159 C  CB  . GLN D 1 18 ? 1.969   -23.639 -10.469 1.00 19.71 ? 18  GLN D CB  1 
ATOM   1160 N  N   . ALA D 1 19 ? 5.138   -23.626 -10.465 1.00 20.62 ? 19  ALA D N   1 
ATOM   1161 C  CA  . ALA D 1 19 ? 6.428   -23.950 -11.099 1.00 21.62 ? 19  ALA D CA  1 
ATOM   1162 C  C   . ALA D 1 19 ? 7.349   -24.799 -10.218 1.00 22.52 ? 19  ALA D C   1 
ATOM   1163 O  O   . ALA D 1 19 ? 8.053   -25.679 -10.721 1.00 23.55 ? 19  ALA D O   1 
ATOM   1164 C  CB  . ALA D 1 19 ? 7.150   -22.678 -11.526 1.00 21.91 ? 19  ALA D CB  1 
ATOM   1165 N  N   . ARG D 1 20 ? 7.342   -24.540 -8.910  1.00 22.96 ? 20  ARG D N   1 
ATOM   1166 C  CA  . ARG D 1 20 ? 8.247   -25.212 -7.976  1.00 23.16 ? 20  ARG D CA  1 
ATOM   1167 C  C   . ARG D 1 20 ? 7.617   -26.414 -7.262  1.00 22.17 ? 20  ARG D C   1 
ATOM   1168 O  O   . ARG D 1 20 ? 8.288   -27.059 -6.456  1.00 22.92 ? 20  ARG D O   1 
ATOM   1169 C  CB  . ARG D 1 20 ? 8.759   -24.217 -6.925  1.00 24.61 ? 20  ARG D CB  1 
ATOM   1170 C  CG  . ARG D 1 20 ? 9.284   -22.906 -7.498  1.00 26.26 ? 20  ARG D CG  1 
ATOM   1171 C  CD  . ARG D 1 20 ? 10.787  -22.723 -7.362  1.00 27.80 ? 20  ARG D CD  1 
ATOM   1172 N  NE  . ARG D 1 20 ? 11.444  -21.909 -8.400  1.00 29.41 ? 20  ARG D NE  1 
ATOM   1173 C  CZ  . ARG D 1 20 ? 10.938  -20.857 -9.059  1.00 31.37 ? 20  ARG D CZ  1 
ATOM   1174 N  NH1 . ARG D 1 20 ? 9.714   -20.386 -8.843  1.00 32.64 ? 20  ARG D NH1 1 
ATOM   1175 N  NH2 . ARG D 1 20 ? 11.689  -20.252 -9.975  1.00 32.67 ? 20  ARG D NH2 1 
ATOM   1176 N  N   . GLY D 1 21 ? 6.347   -26.715 -7.545  1.00 20.63 ? 21  GLY D N   1 
ATOM   1177 C  CA  . GLY D 1 21 ? 5.649   -27.828 -6.891  1.00 19.84 ? 21  GLY D CA  1 
ATOM   1178 C  C   . GLY D 1 21 ? 5.489   -27.670 -5.382  1.00 19.04 ? 21  GLY D C   1 
ATOM   1179 O  O   . GLY D 1 21 ? 5.617   -28.641 -4.627  1.00 19.05 ? 21  GLY D O   1 
ATOM   1180 N  N   . ILE D 1 22 ? 5.200   -26.449 -4.942  1.00 17.51 ? 22  ILE D N   1 
ATOM   1181 C  CA  . ILE D 1 22 ? 5.001   -26.155 -3.519  1.00 16.60 ? 22  ILE D CA  1 
ATOM   1182 C  C   . ILE D 1 22 ? 3.614   -25.547 -3.375  1.00 15.78 ? 22  ILE D C   1 
ATOM   1183 O  O   . ILE D 1 22 ? 3.125   -24.923 -4.304  1.00 14.47 ? 22  ILE D O   1 
ATOM   1184 C  CB  . ILE D 1 22 ? 6.067   -25.184 -2.964  1.00 16.86 ? 22  ILE D CB  1 
ATOM   1185 C  CG1 . ILE D 1 22 ? 6.052   -23.856 -3.735  1.00 16.83 ? 22  ILE D CG1 1 
ATOM   1186 C  CG2 . ILE D 1 22 ? 7.450   -25.830 -3.027  1.00 17.18 ? 22  ILE D CG2 1 
ATOM   1187 C  CD1 . ILE D 1 22 ? 7.038   -22.830 -3.237  1.00 17.13 ? 22  ILE D CD1 1 
ATOM   1188 N  N   . SER D 1 23 ? 2.972   -25.738 -2.227  1.00 14.91 ? 23  SER D N   1 
ATOM   1189 C  CA  . SER D 1 23 ? 1.645   -25.163 -2.033  1.00 14.63 ? 23  SER D CA  1 
ATOM   1190 C  C   . SER D 1 23 ? 1.811   -23.681 -1.729  1.00 14.34 ? 23  SER D C   1 
ATOM   1191 O  O   . SER D 1 23 ? 2.865   -23.253 -1.251  1.00 14.06 ? 23  SER D O   1 
ATOM   1192 C  CB  . SER D 1 23 ? 0.879   -25.871 -0.912  1.00 14.94 ? 23  SER D CB  1 
ATOM   1193 O  OG  . SER D 1 23 ? 1.255   -25.389 0.362   1.00 15.34 ? 23  SER D OG  1 
ATOM   1194 N  N   . LEU D 1 24 ? 0.778   -22.905 -2.020  1.00 13.97 ? 24  LEU D N   1 
ATOM   1195 C  CA  . LEU D 1 24 ? 0.800   -21.474 -1.757  1.00 14.17 ? 24  LEU D CA  1 
ATOM   1196 C  C   . LEU D 1 24 ? 0.927   -21.179 -0.256  1.00 13.80 ? 24  LEU D C   1 
ATOM   1197 O  O   . LEU D 1 24 ? 1.638   -20.264 0.142   1.00 13.46 ? 24  LEU D O   1 
ATOM   1198 C  CB  . LEU D 1 24 ? -0.456  -20.817 -2.332  1.00 14.95 ? 24  LEU D CB  1 
ATOM   1199 C  CG  . LEU D 1 24 ? -0.644  -19.320 -2.086  1.00 15.91 ? 24  LEU D CG  1 
ATOM   1200 C  CD1 . LEU D 1 24 ? 0.621   -18.529 -2.387  1.00 16.17 ? 24  LEU D CD1 1 
ATOM   1201 C  CD2 . LEU D 1 24 ? -1.810  -18.812 -2.927  1.00 16.91 ? 24  LEU D CD2 1 
ATOM   1202 N  N   . SER D 1 25 ? 0.247   -21.961 0.576   1.00 13.39 ? 25  SER D N   1 
ATOM   1203 C  CA  . SER D 1 25 ? 0.338   -21.763 2.016   1.00 13.39 ? 25  SER D CA  1 
ATOM   1204 C  C   . SER D 1 25 ? 1.743   -22.067 2.544   1.00 13.24 ? 25  SER D C   1 
ATOM   1205 O  O   . SER D 1 25 ? 2.240   -21.357 3.419   1.00 12.71 ? 25  SER D O   1 
ATOM   1206 C  CB  . SER D 1 25 ? -0.731  -22.584 2.743   1.00 14.27 ? 25  SER D CB  1 
ATOM   1207 O  OG  . SER D 1 25 ? -1.987  -21.933 2.595   1.00 15.22 ? 25  SER D OG  1 
ATOM   1208 N  N   . ASP D 1 26 ? 2.390   -23.100 2.004   1.00 13.08 ? 26  ASP D N   1 
ATOM   1209 C  CA  . ASP D 1 26 ? 3.780   -23.387 2.354   1.00 13.35 ? 26  ASP D CA  1 
ATOM   1210 C  C   . ASP D 1 26 ? 4.704   -22.232 1.950   1.00 12.55 ? 26  ASP D C   1 
ATOM   1211 O  O   . ASP D 1 26 ? 5.541   -21.791 2.749   1.00 12.64 ? 26  ASP D O   1 
ATOM   1212 C  CB  . ASP D 1 26 ? 4.269   -24.698 1.710   1.00 14.42 ? 26  ASP D CB  1 
ATOM   1213 C  CG  . ASP D 1 26 ? 3.721   -25.938 2.395   1.00 15.35 ? 26  ASP D CG  1 
ATOM   1214 O  OD1 . ASP D 1 26 ? 2.906   -25.810 3.324   1.00 16.63 ? 26  ASP D OD1 1 
ATOM   1215 O  OD2 . ASP D 1 26 ? 4.114   -27.059 2.009   1.00 16.53 ? 26  ASP D OD2 1 
ATOM   1216 N  N   . PHE D 1 27 ? 4.545   -21.748 0.720   1.00 11.90 ? 27  PHE D N   1 
ATOM   1217 C  CA  . PHE D 1 27 ? 5.317   -20.604 0.226   1.00 11.54 ? 27  PHE D CA  1 
ATOM   1218 C  C   . PHE D 1 27 ? 5.132   -19.395 1.152   1.00 11.03 ? 27  PHE D C   1 
ATOM   1219 O  O   . PHE D 1 27 ? 6.097   -18.714 1.490   1.00 10.24 ? 27  PHE D O   1 
ATOM   1220 C  CB  . PHE D 1 27 ? 4.875   -20.259 -1.193  1.00 11.67 ? 27  PHE D CB  1 
ATOM   1221 C  CG  . PHE D 1 27 ? 5.610   -19.101 -1.796  1.00 11.95 ? 27  PHE D CG  1 
ATOM   1222 C  CD1 . PHE D 1 27 ? 6.987   -19.159 -2.002  1.00 12.04 ? 27  PHE D CD1 1 
ATOM   1223 C  CD2 . PHE D 1 27 ? 4.932   -17.946 -2.151  1.00 12.27 ? 27  PHE D CD2 1 
ATOM   1224 C  CE1 . PHE D 1 27 ? 7.664   -18.085 -2.556  1.00 12.01 ? 27  PHE D CE1 1 
ATOM   1225 C  CE2 . PHE D 1 27 ? 5.608   -16.876 -2.711  1.00 12.26 ? 27  PHE D CE2 1 
ATOM   1226 C  CZ  . PHE D 1 27 ? 6.974   -16.945 -2.908  1.00 12.24 ? 27  PHE D CZ  1 
ATOM   1227 N  N   . GLU D 1 28 ? 3.895   -19.137 1.571   1.00 10.78 ? 28  GLU D N   1 
ATOM   1228 C  CA  . GLU D 1 28 ? 3.644   -18.058 2.540   1.00 11.10 ? 28  GLU D CA  1 
ATOM   1229 C  C   . GLU D 1 28 ? 4.356   -18.295 3.871   1.00 11.39 ? 28  GLU D C   1 
ATOM   1230 O  O   . GLU D 1 28 ? 4.946   -17.362 4.452   1.00 11.41 ? 28  GLU D O   1 
ATOM   1231 C  CB  . GLU D 1 28 ? 2.150   -17.875 2.779   1.00 11.01 ? 28  GLU D CB  1 
ATOM   1232 C  CG  . GLU D 1 28 ? 1.410   -17.292 1.593   1.00 10.92 ? 28  GLU D CG  1 
ATOM   1233 C  CD  . GLU D 1 28 ? -0.065  -17.096 1.867   1.00 11.08 ? 28  GLU D CD  1 
ATOM   1234 O  OE1 . GLU D 1 28 ? -0.659  -17.956 2.550   1.00 11.04 ? 28  GLU D OE1 1 
ATOM   1235 O  OE2 . GLU D 1 28 ? -0.634  -16.086 1.400   1.00 11.14 ? 28  GLU D OE2 1 
ATOM   1236 N  N   . SER D 1 29 ? 4.314   -19.539 4.348   1.00 11.90 ? 29  SER D N   1 
ATOM   1237 C  CA  . SER D 1 29 ? 4.943   -19.901 5.626   1.00 12.46 ? 29  SER D CA  1 
ATOM   1238 C  C   . SER D 1 29 ? 6.449   -19.653 5.637   1.00 12.40 ? 29  SER D C   1 
ATOM   1239 O  O   . SER D 1 29 ? 7.018   -19.359 6.684   1.00 12.75 ? 29  SER D O   1 
ATOM   1240 C  CB  . SER D 1 29 ? 4.660   -21.366 5.988   1.00 13.07 ? 29  SER D CB  1 
ATOM   1241 O  OG  . SER D 1 29 ? 5.456   -22.249 5.213   1.00 13.71 ? 29  SER D OG  1 
ATOM   1242 N  N   . TRP D 1 30 ? 7.083   -19.790 4.475   1.00 11.89 ? 30  TRP D N   1 
ATOM   1243 C  CA  . TRP D 1 30 ? 8.518   -19.563 4.344   1.00 11.81 ? 30  TRP D CA  1 
ATOM   1244 C  C   . TRP D 1 30 ? 8.867   -18.088 4.124   1.00 11.42 ? 30  TRP D C   1 
ATOM   1245 O  O   . TRP D 1 30 ? 10.051  -17.733 4.070   1.00 11.28 ? 30  TRP D O   1 
ATOM   1246 C  CB  . TRP D 1 30 ? 9.096   -20.409 3.204   1.00 12.02 ? 30  TRP D CB  1 
ATOM   1247 C  CG  . TRP D 1 30 ? 8.746   -21.870 3.261   1.00 12.42 ? 30  TRP D CG  1 
ATOM   1248 C  CD1 . TRP D 1 30 ? 8.522   -22.617 4.373   1.00 12.67 ? 30  TRP D CD1 1 
ATOM   1249 C  CD2 . TRP D 1 30 ? 8.596   -22.760 2.145   1.00 12.95 ? 30  TRP D CD2 1 
ATOM   1250 N  NE1 . TRP D 1 30 ? 8.230   -23.913 4.025   1.00 13.06 ? 30  TRP D NE1 1 
ATOM   1251 C  CE2 . TRP D 1 30 ? 8.261   -24.027 2.664   1.00 13.11 ? 30  TRP D CE2 1 
ATOM   1252 C  CE3 . TRP D 1 30 ? 8.698   -22.604 0.758   1.00 13.14 ? 30  TRP D CE3 1 
ATOM   1253 C  CZ2 . TRP D 1 30 ? 8.038   -25.140 1.847   1.00 13.43 ? 30  TRP D CZ2 1 
ATOM   1254 C  CZ3 . TRP D 1 30 ? 8.477   -23.709 -0.056  1.00 13.44 ? 30  TRP D CZ3 1 
ATOM   1255 C  CH2 . TRP D 1 30 ? 8.153   -24.963 0.495   1.00 13.60 ? 30  TRP D CH2 1 
ATOM   1256 N  N   . ASN D 1 31 ? 7.845   -17.242 3.998   1.00 10.80 ? 31  ASN D N   1 
ATOM   1257 C  CA  . ASN D 1 31 ? 8.010   -15.828 3.662   1.00 10.62 ? 31  ASN D CA  1 
ATOM   1258 C  C   . ASN D 1 31 ? 7.029   -14.985 4.465   1.00 10.54 ? 31  ASN D C   1 
ATOM   1259 O  O   . ASN D 1 31 ? 6.175   -14.295 3.914   1.00 10.29 ? 31  ASN D O   1 
ATOM   1260 C  CB  . ASN D 1 31 ? 7.801   -15.612 2.163   1.00 10.58 ? 31  ASN D CB  1 
ATOM   1261 C  CG  . ASN D 1 31 ? 8.847   -16.314 1.319   1.00 10.63 ? 31  ASN D CG  1 
ATOM   1262 O  OD1 . ASN D 1 31 ? 9.965   -15.809 1.135   1.00 10.31 ? 31  ASN D OD1 1 
ATOM   1263 N  ND2 . ASN D 1 31 ? 8.492   -17.478 0.786   1.00 10.56 ? 31  ASN D ND2 1 
ATOM   1264 N  N   . ALA D 1 32 ? 7.154   -15.055 5.786   1.00 10.63 ? 32  ALA D N   1 
ATOM   1265 C  CA  . ALA D 1 32 ? 6.250   -14.331 6.670   1.00 10.80 ? 32  ALA D CA  1 
ATOM   1266 C  C   . ALA D 1 32 ? 6.150   -12.864 6.235   1.00 10.67 ? 32  ALA D C   1 
ATOM   1267 O  O   . ALA D 1 32 ? 7.164   -12.195 6.032   1.00 10.70 ? 32  ALA D O   1 
ATOM   1268 C  CB  . ALA D 1 32 ? 6.722   -14.446 8.111   1.00 11.05 ? 32  ALA D CB  1 
ATOM   1269 N  N   . GLY D 1 33 ? 4.921   -12.382 6.045   1.00 10.40 ? 33  GLY D N   1 
ATOM   1270 C  CA  . GLY D 1 33 ? 4.694   -10.984 5.698   1.00 10.18 ? 33  GLY D CA  1 
ATOM   1271 C  C   . GLY D 1 33 ? 4.745   -10.671 4.215   1.00 9.95  ? 33  GLY D C   1 
ATOM   1272 O  O   . GLY D 1 33 ? 4.619   -9.514  3.821   1.00 10.54 ? 33  GLY D O   1 
ATOM   1273 N  N   . ILE D 1 34 ? 4.913   -11.693 3.380   1.00 9.40  ? 34  ILE D N   1 
ATOM   1274 C  CA  . ILE D 1 34 ? 4.937   -11.496 1.934   1.00 9.24  ? 34  ILE D CA  1 
ATOM   1275 C  C   . ILE D 1 34 ? 3.590   -10.939 1.452   1.00 8.89  ? 34  ILE D C   1 
ATOM   1276 O  O   . ILE D 1 34 ? 2.537   -11.298 1.987   1.00 8.39  ? 34  ILE D O   1 
ATOM   1277 C  CB  . ILE D 1 34 ? 5.300   -12.818 1.203   1.00 9.51  ? 34  ILE D CB  1 
ATOM   1278 C  CG1 . ILE D 1 34 ? 5.598   -12.575 -0.276  1.00 9.86  ? 34  ILE D CG1 1 
ATOM   1279 C  CG2 . ILE D 1 34 ? 4.213   -13.871 1.367   1.00 9.46  ? 34  ILE D CG2 1 
ATOM   1280 C  CD1 . ILE D 1 34 ? 6.273   -13.757 -0.947  1.00 9.93  ? 34  ILE D CD1 1 
ATOM   1281 N  N   . ASP D 1 35 ? 3.623   -10.044 0.469   1.00 8.70  ? 35  ASP D N   1 
ATOM   1282 C  CA  . ASP D 1 35 ? 2.382   -9.516  -0.095  1.00 8.93  ? 35  ASP D CA  1 
ATOM   1283 C  C   . ASP D 1 35 ? 2.189   -10.023 -1.516  1.00 9.11  ? 35  ASP D C   1 
ATOM   1284 O  O   . ASP D 1 35 ? 2.683   -9.427  -2.476  1.00 9.16  ? 35  ASP D O   1 
ATOM   1285 C  CB  . ASP D 1 35 ? 2.339   -7.982  -0.045  1.00 8.83  ? 35  ASP D CB  1 
ATOM   1286 C  CG  . ASP D 1 35 ? 0.966   -7.433  -0.423  1.00 8.90  ? 35  ASP D CG  1 
ATOM   1287 O  OD1 . ASP D 1 35 ? 0.070   -8.253  -0.734  1.00 8.86  ? 35  ASP D OD1 1 
ATOM   1288 O  OD2 . ASP D 1 35 ? 0.782   -6.186  -0.411  1.00 8.59  ? 35  ASP D OD2 1 
ATOM   1289 N  N   . CYS D 1 36 ? 1.455   -11.121 -1.641  1.00 9.65  ? 36  CYS D N   1 
ATOM   1290 C  CA  . CYS D 1 36 ? 1.193   -11.743 -2.947  1.00 10.24 ? 36  CYS D CA  1 
ATOM   1291 C  C   . CYS D 1 36 ? 0.504   -10.845 -3.969  1.00 10.09 ? 36  CYS D C   1 
ATOM   1292 O  O   . CYS D 1 36 ? 0.682   -11.041 -5.169  1.00 9.81  ? 36  CYS D O   1 
ATOM   1293 C  CB  . CYS D 1 36 ? 0.414   -13.047 -2.773  1.00 11.04 ? 36  CYS D CB  1 
ATOM   1294 S  SG  . CYS D 1 36 ? 1.428   -14.362 -2.058  1.00 12.26 ? 36  CYS D SG  1 
ATOM   1295 N  N   . ASN D 1 37 ? -0.281  -9.866  -3.515  1.00 9.78  ? 37  ASN D N   1 
ATOM   1296 C  CA  . ASN D 1 37 ? -0.949  -8.959  -4.454  1.00 9.83  ? 37  ASN D CA  1 
ATOM   1297 C  C   . ASN D 1 37 ? -0.132  -7.706  -4.794  1.00 10.10 ? 37  ASN D C   1 
ATOM   1298 O  O   . ASN D 1 37 ? -0.579  -6.867  -5.584  1.00 10.14 ? 37  ASN D O   1 
ATOM   1299 C  CB  . ASN D 1 37 ? -2.340  -8.576  -3.950  1.00 9.70  ? 37  ASN D CB  1 
ATOM   1300 C  CG  . ASN D 1 37 ? -2.308  -7.829  -2.635  1.00 9.39  ? 37  ASN D CG  1 
ATOM   1301 O  OD1 . ASN D 1 37 ? -1.592  -6.836  -2.489  1.00 9.10  ? 37  ASN D OD1 1 
ATOM   1302 N  ND2 . ASN D 1 37 ? -3.096  -8.296  -1.667  1.00 9.51  ? 37  ASN D ND2 1 
ATOM   1303 N  N   . ASN D 1 38 ? 1.060   -7.576  -4.216  1.00 10.31 ? 38  ASN D N   1 
ATOM   1304 C  CA  . ASN D 1 38 ? 1.955   -6.476  -4.569  1.00 10.60 ? 38  ASN D CA  1 
ATOM   1305 C  C   . ASN D 1 38 ? 3.439   -6.871  -4.486  1.00 10.87 ? 38  ASN D C   1 
ATOM   1306 O  O   . ASN D 1 38 ? 4.238   -6.199  -3.843  1.00 10.58 ? 38  ASN D O   1 
ATOM   1307 C  CB  . ASN D 1 38 ? 1.640   -5.243  -3.703  1.00 11.01 ? 38  ASN D CB  1 
ATOM   1308 C  CG  . ASN D 1 38 ? 2.282   -3.976  -4.230  1.00 11.34 ? 38  ASN D CG  1 
ATOM   1309 O  OD1 . ASN D 1 38 ? 2.571   -3.856  -5.424  1.00 11.45 ? 38  ASN D OD1 1 
ATOM   1310 N  ND2 . ASN D 1 38 ? 2.535   -3.035  -3.339  1.00 11.80 ? 38  ASN D ND2 1 
ATOM   1311 N  N   . LEU D 1 39 ? 3.806   -7.966  -5.152  1.00 11.10 ? 39  LEU D N   1 
ATOM   1312 C  CA  . LEU D 1 39 ? 5.203   -8.405  -5.154  1.00 11.85 ? 39  LEU D CA  1 
ATOM   1313 C  C   . LEU D 1 39 ? 6.029   -7.345  -5.875  1.00 12.87 ? 39  LEU D C   1 
ATOM   1314 O  O   . LEU D 1 39 ? 5.570   -6.776  -6.860  1.00 13.17 ? 39  LEU D O   1 
ATOM   1315 C  CB  . LEU D 1 39 ? 5.363   -9.746  -5.856  1.00 11.57 ? 39  LEU D CB  1 
ATOM   1316 C  CG  . LEU D 1 39 ? 4.646   -10.921 -5.199  1.00 11.54 ? 39  LEU D CG  1 
ATOM   1317 C  CD1 . LEU D 1 39 ? 4.606   -12.110 -6.144  1.00 11.80 ? 39  LEU D CD1 1 
ATOM   1318 C  CD2 . LEU D 1 39 ? 5.306   -11.284 -3.878  1.00 11.61 ? 39  LEU D CD2 1 
ATOM   1319 N  N   . GLN D 1 40 ? 7.226   -7.075  -5.378  1.00 14.32 ? 40  GLN D N   1 
ATOM   1320 C  CA  . GLN D 1 40 ? 8.100   -6.088  -6.008  1.00 15.46 ? 40  GLN D CA  1 
ATOM   1321 C  C   . GLN D 1 40 ? 9.177   -6.788  -6.826  1.00 15.07 ? 40  GLN D C   1 
ATOM   1322 O  O   . GLN D 1 40 ? 9.800   -7.743  -6.363  1.00 15.20 ? 40  GLN D O   1 
ATOM   1323 C  CB  . GLN D 1 40 ? 8.743   -5.184  -4.953  1.00 16.87 ? 40  GLN D CB  1 
ATOM   1324 C  CG  . GLN D 1 40 ? 7.756   -4.414  -4.083  1.00 17.82 ? 40  GLN D CG  1 
ATOM   1325 C  CD  . GLN D 1 40 ? 6.906   -3.446  -4.886  1.00 19.14 ? 40  GLN D CD  1 
ATOM   1326 O  OE1 . GLN D 1 40 ? 7.429   -2.598  -5.617  1.00 20.36 ? 40  GLN D OE1 1 
ATOM   1327 N  NE2 . GLN D 1 40 ? 5.584   -3.561  -4.753  1.00 19.39 ? 40  GLN D NE2 1 
ATOM   1328 N  N   . ILE D 1 41 ? 9.396   -6.304  -8.039  1.00 14.95 ? 41  ILE D N   1 
ATOM   1329 C  CA  . ILE D 1 41 ? 10.456  -6.830  -8.890  1.00 14.98 ? 41  ILE D CA  1 
ATOM   1330 C  C   . ILE D 1 41 ? 11.784  -6.616  -8.162  1.00 14.91 ? 41  ILE D C   1 
ATOM   1331 O  O   . ILE D 1 41 ? 12.046  -5.517  -7.652  1.00 14.74 ? 41  ILE D O   1 
ATOM   1332 C  CB  . ILE D 1 41 ? 10.463  -6.129  -10.265 1.00 15.31 ? 41  ILE D CB  1 
ATOM   1333 C  CG1 . ILE D 1 41 ? 9.146   -6.400  -11.008 1.00 15.46 ? 41  ILE D CG1 1 
ATOM   1334 C  CG2 . ILE D 1 41 ? 11.658  -6.583  -11.097 1.00 15.44 ? 41  ILE D CG2 1 
ATOM   1335 C  CD1 . ILE D 1 41 ? 8.828   -5.385  -12.082 1.00 15.48 ? 41  ILE D CD1 1 
ATOM   1336 N  N   . GLY D 1 42 ? 12.601  -7.667  -8.075  1.00 14.46 ? 42  GLY D N   1 
ATOM   1337 C  CA  . GLY D 1 42 ? 13.862  -7.620  -7.333  1.00 14.80 ? 42  GLY D CA  1 
ATOM   1338 C  C   . GLY D 1 42 ? 13.792  -8.113  -5.897  1.00 15.06 ? 42  GLY D C   1 
ATOM   1339 O  O   . GLY D 1 42 ? 14.825  -8.342  -5.278  1.00 14.87 ? 42  GLY D O   1 
ATOM   1340 N  N   . GLN D 1 43 ? 12.577  -8.257  -5.370  1.00 15.62 ? 43  GLN D N   1 
ATOM   1341 C  CA  . GLN D 1 43 ? 12.330  -8.839  -4.050  1.00 16.55 ? 43  GLN D CA  1 
ATOM   1342 C  C   . GLN D 1 43 ? 12.890  -10.257 -3.996  1.00 15.88 ? 43  GLN D C   1 
ATOM   1343 O  O   . GLN D 1 43 ? 12.759  -11.016 -4.955  1.00 15.43 ? 43  GLN D O   1 
ATOM   1344 C  CB  . GLN D 1 43 ? 10.810  -8.844  -3.794  1.00 17.42 ? 43  GLN D CB  1 
ATOM   1345 C  CG  . GLN D 1 43 ? 10.340  -9.389  -2.459  1.00 17.84 ? 43  GLN D CG  1 
ATOM   1346 C  CD  . GLN D 1 43 ? 8.851   -9.166  -2.224  1.00 18.00 ? 43  GLN D CD  1 
ATOM   1347 O  OE1 . GLN D 1 43 ? 8.167   -8.460  -2.988  1.00 17.75 ? 43  GLN D OE1 1 
ATOM   1348 N  NE2 . GLN D 1 43 ? 8.340   -9.754  -1.155  1.00 18.24 ? 43  GLN D NE2 1 
ATOM   1349 N  N   . VAL D 1 44 ? 13.516  -10.613 -2.882  1.00 15.97 ? 44  VAL D N   1 
ATOM   1350 C  CA  . VAL D 1 44 ? 14.105  -11.939 -2.723  1.00 15.73 ? 44  VAL D CA  1 
ATOM   1351 C  C   . VAL D 1 44 ? 13.245  -12.759 -1.764  1.00 15.31 ? 44  VAL D C   1 
ATOM   1352 O  O   . VAL D 1 44 ? 12.953  -12.314 -0.640  1.00 15.18 ? 44  VAL D O   1 
ATOM   1353 C  CB  . VAL D 1 44 ? 15.550  -11.862 -2.204  1.00 16.04 ? 44  VAL D CB  1 
ATOM   1354 C  CG1 . VAL D 1 44 ? 16.145  -13.253 -2.056  1.00 16.10 ? 44  VAL D CG1 1 
ATOM   1355 C  CG2 . VAL D 1 44 ? 16.402  -11.025 -3.153  1.00 16.29 ? 44  VAL D CG2 1 
ATOM   1356 N  N   . VAL D 1 45 ? 12.847  -13.950 -2.212  1.00 14.57 ? 45  VAL D N   1 
ATOM   1357 C  CA  . VAL D 1 45 ? 11.956  -14.833 -1.447  1.00 14.30 ? 45  VAL D CA  1 
ATOM   1358 C  C   . VAL D 1 45 ? 12.496  -16.264 -1.343  1.00 14.98 ? 45  VAL D C   1 
ATOM   1359 O  O   . VAL D 1 45 ? 13.345  -16.685 -2.130  1.00 13.65 ? 45  VAL D O   1 
ATOM   1360 C  CB  . VAL D 1 45 ? 10.548  -14.886 -2.086  1.00 14.04 ? 45  VAL D CB  1 
ATOM   1361 C  CG1 . VAL D 1 45 ? 9.915   -13.499 -2.106  1.00 13.90 ? 45  VAL D CG1 1 
ATOM   1362 C  CG2 . VAL D 1 45 ? 10.606  -15.464 -3.501  1.00 13.66 ? 45  VAL D CG2 1 
ATOM   1363 N  N   . CYS D 1 46 ? 11.977  -17.008 -0.370  1.00 15.80 ? 46  CYS D N   1 
ATOM   1364 C  CA  . CYS D 1 46 ? 12.309  -18.418 -0.187  1.00 17.25 ? 46  CYS D CA  1 
ATOM   1365 C  C   . CYS D 1 46 ? 11.344  -19.330 -0.930  1.00 16.50 ? 46  CYS D C   1 
ATOM   1366 O  O   . CYS D 1 46 ? 10.134  -19.218 -0.754  1.00 15.08 ? 46  CYS D O   1 
ATOM   1367 C  CB  . CYS D 1 46 ? 12.267  -18.776 1.296   1.00 19.79 ? 46  CYS D CB  1 
ATOM   1368 S  SG  . CYS D 1 46 ? 13.587  -18.003 2.237   1.00 23.50 ? 46  CYS D SG  1 
ATOM   1369 N  N   . VAL D 1 47 ? 11.883  -20.248 -1.732  1.00 16.42 ? 47  VAL D N   1 
ATOM   1370 C  CA  . VAL D 1 47 ? 11.053  -21.168 -2.526  1.00 17.22 ? 47  VAL D CA  1 
ATOM   1371 C  C   . VAL D 1 47 ? 11.210  -22.655 -2.150  1.00 18.01 ? 47  VAL D C   1 
ATOM   1372 O  O   . VAL D 1 47 ? 10.767  -23.537 -2.893  1.00 18.70 ? 47  VAL D O   1 
ATOM   1373 C  CB  . VAL D 1 47 ? 11.287  -20.981 -4.038  1.00 17.07 ? 47  VAL D CB  1 
ATOM   1374 C  CG1 . VAL D 1 47 ? 10.788  -19.616 -4.486  1.00 17.17 ? 47  VAL D CG1 1 
ATOM   1375 C  CG2 . VAL D 1 47 ? 12.756  -21.168 -4.405  1.00 17.28 ? 47  VAL D CG2 1 
ATOM   1376 N  N   . SER D 1 48 ? 11.842  -22.921 -1.010  1.00 18.93 ? 48  SER D N   1 
ATOM   1377 C  CA  . SER D 1 48 ? 11.933  -24.271 -0.455  1.00 19.63 ? 48  SER D CA  1 
ATOM   1378 C  C   . SER D 1 48 ? 11.924  -24.188 1.068   1.00 19.78 ? 48  SER D C   1 
ATOM   1379 O  O   . SER D 1 48 ? 12.264  -23.146 1.636   1.00 20.35 ? 48  SER D O   1 
ATOM   1380 C  CB  . SER D 1 48 ? 13.223  -24.943 -0.924  1.00 19.04 ? 48  SER D CB  1 
ATOM   1381 O  OG  . SER D 1 48 ? 14.313  -24.487 -0.143  1.00 19.58 ? 48  SER D OG  1 
HETATM 1382 ZN ZN  . ZN  E 2 .  ? -2.481  5.948   2.078   1.00 12.86 ? 101 ZN  A ZN  1 
HETATM 1383 ZN ZN  . ZN  F 2 .  ? -2.556  -17.489 2.576   1.00 13.82 ? 102 ZN  A ZN  1 
HETATM 1384 ZN ZN  . ZN  G 2 .  ? -7.079  16.946  -2.363  1.00 34.12 ? 101 ZN  B ZN  1 
HETATM 1385 ZN ZN  . ZN  H 2 .  ? -1.052  -5.826  -0.788  1.00 12.25 ? 101 ZN  D ZN  1 
HETATM 1386 O  O   . HOH I 3 .  ? -4.302  -5.222  20.858  1.00 13.53 ? 201 HOH A O   1 
HETATM 1387 O  O   . HOH I 3 .  ? 0.834   3.499   8.610   1.00 15.04 ? 202 HOH A O   1 
HETATM 1388 O  O   . HOH I 3 .  ? 2.094   -0.376  7.725   1.00 13.20 ? 203 HOH A O   1 
HETATM 1389 O  O   . HOH I 3 .  ? 3.276   6.577   6.172   1.00 14.22 ? 204 HOH A O   1 
HETATM 1390 O  O   . HOH I 3 .  ? -7.191  2.254   6.927   1.00 14.68 ? 205 HOH A O   1 
HETATM 1391 O  O   . HOH I 3 .  ? -10.581 1.016   13.941  1.00 12.95 ? 206 HOH A O   1 
HETATM 1392 O  O   . HOH I 3 .  ? -5.398  -16.056 -0.303  1.00 15.27 ? 207 HOH A O   1 
HETATM 1393 O  O   . HOH I 3 .  ? -1.292  -16.314 5.884   1.00 18.15 ? 208 HOH A O   1 
HETATM 1394 O  O   . HOH I 3 .  ? -8.859  -1.140  10.469  1.00 15.16 ? 209 HOH A O   1 
HETATM 1395 O  O   . HOH I 3 .  ? 3.435   -2.459  6.133   1.00 14.01 ? 210 HOH A O   1 
HETATM 1396 O  O   . HOH I 3 .  ? -5.975  6.704   4.457   1.00 12.97 ? 211 HOH A O   1 
HETATM 1397 O  O   . HOH I 3 .  ? -2.284  -3.371  20.998  1.00 15.27 ? 212 HOH A O   1 
HETATM 1398 O  O   . HOH I 3 .  ? 0.340   -3.068  2.042   1.00 20.02 ? 213 HOH A O   1 
HETATM 1399 O  O   . HOH I 3 .  ? 4.231   -4.063  14.477  1.00 25.25 ? 214 HOH A O   1 
HETATM 1400 O  O   . HOH I 3 .  ? 2.349   -2.149  3.577   1.00 15.98 ? 215 HOH A O   1 
HETATM 1401 O  O   . HOH I 3 .  ? -8.700  -7.164  20.965  1.00 17.94 ? 216 HOH A O   1 
HETATM 1402 O  O   . HOH I 3 .  ? -2.360  7.943   15.261  1.00 23.03 ? 217 HOH A O   1 
HETATM 1403 O  O   . HOH I 3 .  ? 6.642   2.365   11.726  1.00 26.72 ? 218 HOH A O   1 
HETATM 1404 O  O   . HOH I 3 .  ? 6.612   -1.907  13.022  1.00 21.18 ? 219 HOH A O   1 
HETATM 1405 O  O   . HOH I 3 .  ? -3.548  10.618  9.209   1.00 21.00 ? 220 HOH A O   1 
HETATM 1406 O  O   . HOH I 3 .  ? -1.858  -14.419 -0.397  1.00 18.26 ? 221 HOH A O   1 
HETATM 1407 O  O   . HOH I 3 .  ? -11.937 -10.248 8.519   1.00 27.85 ? 222 HOH A O   1 
HETATM 1408 O  O   . HOH I 3 .  ? 7.985   -3.114  9.281   1.00 25.80 ? 223 HOH A O   1 
HETATM 1409 O  O   . HOH I 3 .  ? -9.991  1.300   6.718   1.00 36.16 ? 224 HOH A O   1 
HETATM 1410 O  O   . HOH I 3 .  ? -10.541 2.269   16.833  1.00 28.60 ? 225 HOH A O   1 
HETATM 1411 O  O   . HOH I 3 .  ? -12.553 -7.251  19.999  1.00 22.21 ? 226 HOH A O   1 
HETATM 1412 O  O   . HOH I 3 .  ? 6.419   -1.713  6.222   1.00 34.62 ? 227 HOH A O   1 
HETATM 1413 O  O   . HOH I 3 .  ? -11.959 -7.618  4.028   1.00 26.66 ? 228 HOH A O   1 
HETATM 1414 O  O   . HOH I 3 .  ? -10.775 -10.949 19.008  1.00 27.70 ? 229 HOH A O   1 
HETATM 1415 O  O   . HOH I 3 .  ? 8.719   -1.282  11.211  1.00 25.53 ? 230 HOH A O   1 
HETATM 1416 O  O   . HOH I 3 .  ? -0.376  -5.075  22.129  1.00 26.20 ? 231 HOH A O   1 
HETATM 1417 O  O   . HOH I 3 .  ? -3.648  -7.984  21.158  1.00 26.10 ? 232 HOH A O   1 
HETATM 1418 O  O   . HOH I 3 .  ? -12.953 0.862   17.335  1.00 32.16 ? 233 HOH A O   1 
HETATM 1419 O  O   . HOH I 3 .  ? -12.695 2.255   5.461   1.00 24.77 ? 234 HOH A O   1 
HETATM 1420 O  O   . HOH I 3 .  ? 4.353   -3.092  1.894   1.00 23.15 ? 235 HOH A O   1 
HETATM 1421 O  O   . HOH I 3 .  ? -2.869  1.357   20.781  1.00 22.63 ? 236 HOH A O   1 
HETATM 1422 O  O   . HOH I 3 .  ? 4.558   5.982   3.648   1.00 29.90 ? 237 HOH A O   1 
HETATM 1423 O  O   . HOH I 3 .  ? -7.907  5.603   15.940  1.00 34.48 ? 238 HOH A O   1 
HETATM 1424 O  O   . HOH I 3 .  ? -10.703 1.044   9.894   1.00 30.39 ? 239 HOH A O   1 
HETATM 1425 O  O   . HOH I 3 .  ? -12.305 -9.220  21.988  1.00 10.20 ? 240 HOH A O   1 
HETATM 1426 O  O   . HOH I 3 .  ? 2.411   0.749   3.710   1.00 17.01 ? 241 HOH A O   1 
HETATM 1427 O  O   . HOH I 3 .  ? 7.285   5.160   12.665  1.00 24.24 ? 242 HOH A O   1 
HETATM 1428 O  O   . HOH I 3 .  ? 11.272  -1.974  12.577  1.00 28.70 ? 243 HOH A O   1 
HETATM 1429 O  O   . HOH I 3 .  ? -13.647 0.782   20.079  1.00 27.64 ? 244 HOH A O   1 
HETATM 1430 O  O   . HOH I 3 .  ? 2.717   1.897   21.969  1.00 37.69 ? 245 HOH A O   1 
HETATM 1431 O  O   . HOH I 3 .  ? 3.660   4.445   1.382   1.00 28.69 ? 246 HOH A O   1 
HETATM 1432 O  O   . HOH I 3 .  ? 5.392   -1.209  17.069  1.00 33.09 ? 247 HOH A O   1 
HETATM 1433 O  O   . HOH I 3 .  ? 5.138   6.293   21.343  1.00 36.89 ? 248 HOH A O   1 
HETATM 1434 O  O   . HOH I 3 .  ? -6.834  -4.994  21.114  1.00 13.33 ? 249 HOH A O   1 
HETATM 1435 O  O   . HOH I 3 .  ? 4.804   0.935   20.495  1.00 27.66 ? 250 HOH A O   1 
HETATM 1436 O  O   . HOH I 3 .  ? 8.614   5.511   10.273  1.00 28.53 ? 251 HOH A O   1 
HETATM 1437 O  O   . HOH J 3 .  ? -8.484  -5.352  1.311   1.00 18.79 ? 201 HOH B O   1 
HETATM 1438 O  O   . HOH J 3 .  ? -12.303 7.905   -2.747  1.00 13.68 ? 202 HOH B O   1 
HETATM 1439 O  O   . HOH J 3 .  ? -11.544 6.074   -0.364  1.00 14.94 ? 203 HOH B O   1 
HETATM 1440 O  O   . HOH J 3 .  ? -5.459  8.598   -12.241 1.00 12.89 ? 204 HOH B O   1 
HETATM 1441 O  O   . HOH J 3 .  ? -3.348  7.103   -11.538 1.00 20.21 ? 205 HOH B O   1 
HETATM 1442 O  O   . HOH J 3 .  ? 2.554   5.184   -9.213  1.00 12.83 ? 206 HOH B O   1 
HETATM 1443 O  O   . HOH J 3 .  ? -6.818  12.089  -8.546  1.00 11.82 ? 207 HOH B O   1 
HETATM 1444 O  O   . HOH J 3 .  ? -4.109  14.478  -7.827  1.00 15.52 ? 208 HOH B O   1 
HETATM 1445 O  O   . HOH J 3 .  ? -4.946  16.997  -7.706  1.00 16.13 ? 209 HOH B O   1 
HETATM 1446 O  O   . HOH J 3 .  ? 1.863   8.263   -10.815 1.00 21.11 ? 210 HOH B O   1 
HETATM 1447 O  O   . HOH J 3 .  ? -16.109 13.277  -15.192 1.00 22.45 ? 211 HOH B O   1 
HETATM 1448 O  O   . HOH J 3 .  ? -9.285  7.369   0.649   1.00 26.13 ? 212 HOH B O   1 
HETATM 1449 O  O   . HOH J 3 .  ? -0.028  5.642   -12.228 1.00 34.34 ? 213 HOH B O   1 
HETATM 1450 O  O   . HOH J 3 .  ? -9.073  13.600  -10.621 1.00 22.26 ? 214 HOH B O   1 
HETATM 1451 O  O   . HOH J 3 .  ? -4.869  -5.754  -7.488  1.00 25.87 ? 215 HOH B O   1 
HETATM 1452 O  O   . HOH J 3 .  ? -13.514 -0.555  2.353   1.00 18.73 ? 216 HOH B O   1 
HETATM 1453 O  O   . HOH J 3 .  ? -16.980 5.570   -15.935 1.00 20.48 ? 217 HOH B O   1 
HETATM 1454 O  O   . HOH J 3 .  ? -8.103  14.640  -8.528  1.00 28.00 ? 218 HOH B O   1 
HETATM 1455 O  O   . HOH J 3 .  ? 1.544   3.872   -1.075  1.00 25.66 ? 219 HOH B O   1 
HETATM 1456 O  O   . HOH J 3 .  ? -7.489  16.884  -6.786  1.00 28.81 ? 220 HOH B O   1 
HETATM 1457 O  O   . HOH J 3 .  ? -10.618 18.438  -9.821  1.00 28.93 ? 221 HOH B O   1 
HETATM 1458 O  O   . HOH J 3 .  ? -10.567 -6.956  1.168   1.00 28.90 ? 222 HOH B O   1 
HETATM 1459 O  O   . HOH J 3 .  ? 1.438   1.692   -11.540 1.00 28.15 ? 223 HOH B O   1 
HETATM 1460 O  O   . HOH J 3 .  ? -8.927  10.042  1.694   1.00 27.95 ? 224 HOH B O   1 
HETATM 1461 O  O   . HOH J 3 .  ? -16.563 6.878   -18.292 1.00 27.78 ? 225 HOH B O   1 
HETATM 1462 O  O   . HOH J 3 .  ? -19.814 2.243   -8.215  1.00 27.14 ? 226 HOH B O   1 
HETATM 1463 O  O   . HOH J 3 .  ? -13.247 -0.093  -16.101 1.00 16.36 ? 227 HOH B O   1 
HETATM 1464 O  O   . HOH J 3 .  ? -15.535 1.050   -14.799 1.00 17.85 ? 228 HOH B O   1 
HETATM 1465 O  O   . HOH J 3 .  ? -16.817 13.183  -11.401 1.00 22.96 ? 229 HOH B O   1 
HETATM 1466 O  O   . HOH J 3 .  ? -16.886 2.864   -16.575 1.00 20.76 ? 230 HOH B O   1 
HETATM 1467 O  O   . HOH J 3 .  ? -15.791 2.388   -19.190 1.00 32.02 ? 231 HOH B O   1 
HETATM 1468 O  O   . HOH J 3 .  ? -19.570 1.974   -16.425 1.00 24.06 ? 232 HOH B O   1 
HETATM 1469 O  O   . HOH J 3 .  ? -10.928 9.234   3.462   1.00 35.65 ? 233 HOH B O   1 
HETATM 1470 O  O   . HOH J 3 .  ? -8.467  -4.186  -16.649 1.00 25.24 ? 234 HOH B O   1 
HETATM 1471 O  O   . HOH J 3 .  ? 0.477   -5.516  -13.428 1.00 33.04 ? 235 HOH B O   1 
HETATM 1472 O  O   . HOH J 3 .  ? -14.720 14.494  -7.110  1.00 35.42 ? 236 HOH B O   1 
HETATM 1473 O  O   . HOH J 3 .  ? -8.900  -6.519  -15.458 1.00 26.73 ? 237 HOH B O   1 
HETATM 1474 O  O   . HOH K 3 .  ? 1.039   22.295  -4.842  1.00 11.76 ? 101 HOH C O   1 
HETATM 1475 O  O   . HOH K 3 .  ? 2.026   26.120  -4.071  1.00 11.59 ? 102 HOH C O   1 
HETATM 1476 O  O   . HOH K 3 .  ? -5.038  21.302  4.294   1.00 17.68 ? 103 HOH C O   1 
HETATM 1477 O  O   . HOH K 3 .  ? 14.163  19.789  -0.059  1.00 11.55 ? 104 HOH C O   1 
HETATM 1478 O  O   . HOH K 3 .  ? 14.306  24.495  0.409   1.00 15.94 ? 105 HOH C O   1 
HETATM 1479 O  O   . HOH K 3 .  ? 4.797   6.069   8.596   1.00 30.09 ? 106 HOH C O   1 
HETATM 1480 O  O   . HOH K 3 .  ? -0.349  19.966  -6.183  1.00 17.77 ? 107 HOH C O   1 
HETATM 1481 O  O   . HOH K 3 .  ? 7.071   13.880  -9.172  1.00 15.63 ? 108 HOH C O   1 
HETATM 1482 O  O   . HOH K 3 .  ? 14.582  18.262  -2.302  1.00 23.81 ? 109 HOH C O   1 
HETATM 1483 O  O   . HOH K 3 .  ? 8.200   30.781  -1.500  1.00 35.20 ? 110 HOH C O   1 
HETATM 1484 O  O   . HOH K 3 .  ? 3.551   30.207  -3.177  1.00 24.96 ? 111 HOH C O   1 
HETATM 1485 O  O   . HOH K 3 .  ? 14.370  22.605  6.432   1.00 20.49 ? 112 HOH C O   1 
HETATM 1486 O  O   . HOH K 3 .  ? -3.497  22.888  -4.643  1.00 22.04 ? 113 HOH C O   1 
HETATM 1487 O  O   . HOH K 3 .  ? -5.248  9.013   2.875   1.00 21.69 ? 114 HOH C O   1 
HETATM 1488 O  O   . HOH K 3 .  ? -7.003  13.420  2.781   1.00 19.64 ? 115 HOH C O   1 
HETATM 1489 O  O   . HOH K 3 .  ? -6.177  8.353   0.232   1.00 15.03 ? 116 HOH C O   1 
HETATM 1490 O  O   . HOH K 3 .  ? 3.909   22.802  6.641   1.00 27.55 ? 117 HOH C O   1 
HETATM 1491 O  O   . HOH K 3 .  ? 3.586   19.254  -10.534 1.00 21.45 ? 118 HOH C O   1 
HETATM 1492 O  O   . HOH K 3 .  ? 7.693   25.057  8.121   1.00 29.69 ? 119 HOH C O   1 
HETATM 1493 O  O   . HOH K 3 .  ? 8.192   18.429  -6.336  1.00 23.55 ? 120 HOH C O   1 
HETATM 1494 O  O   . HOH K 3 .  ? 0.847   25.920  3.835   1.00 22.46 ? 121 HOH C O   1 
HETATM 1495 O  O   . HOH K 3 .  ? 12.590  13.718  3.366   1.00 24.39 ? 122 HOH C O   1 
HETATM 1496 O  O   . HOH K 3 .  ? -8.086  26.515  -4.323  1.00 26.40 ? 123 HOH C O   1 
HETATM 1497 O  O   . HOH K 3 .  ? 3.414   34.018  -0.274  1.00 33.01 ? 124 HOH C O   1 
HETATM 1498 O  O   . HOH K 3 .  ? -8.047  29.204  -4.210  1.00 20.61 ? 125 HOH C O   1 
HETATM 1499 O  O   . HOH K 3 .  ? -2.897  19.162  -7.060  1.00 24.13 ? 126 HOH C O   1 
HETATM 1500 O  O   . HOH K 3 .  ? 10.679  16.124  -4.152  1.00 34.09 ? 127 HOH C O   1 
HETATM 1501 O  O   . HOH K 3 .  ? -2.035  16.115  10.089  1.00 31.25 ? 128 HOH C O   1 
HETATM 1502 O  O   . HOH K 3 .  ? 4.802   7.012   12.747  1.00 36.51 ? 129 HOH C O   1 
HETATM 1503 O  O   . HOH L 3 .  ? -2.057  -23.862 -0.017  1.00 10.39 ? 201 HOH D O   1 
HETATM 1504 O  O   . HOH L 3 .  ? 8.534   -18.914 -11.134 1.00 29.42 ? 202 HOH D O   1 
HETATM 1505 O  O   . HOH L 3 .  ? 2.053   -9.150  -7.012  1.00 16.13 ? 203 HOH D O   1 
HETATM 1506 O  O   . HOH L 3 .  ? 0.626   -13.211 -6.757  1.00 11.61 ? 204 HOH D O   1 
HETATM 1507 O  O   . HOH L 3 .  ? 1.710   -12.268 -14.261 1.00 11.61 ? 205 HOH D O   1 
HETATM 1508 O  O   . HOH L 3 .  ? -0.338  -16.283 -12.352 1.00 13.55 ? 206 HOH D O   1 
HETATM 1509 O  O   . HOH L 3 .  ? 1.343   -24.366 4.903   1.00 20.75 ? 207 HOH D O   1 
HETATM 1510 O  O   . HOH L 3 .  ? 14.916  -14.589 -10.750 1.00 19.03 ? 208 HOH D O   1 
HETATM 1511 O  O   . HOH L 3 .  ? 6.086   -7.647  2.271   1.00 18.64 ? 209 HOH D O   1 
HETATM 1512 O  O   . HOH L 3 .  ? 6.260   -17.017 -11.396 1.00 27.14 ? 210 HOH D O   1 
HETATM 1513 O  O   . HOH L 3 .  ? 10.498  -10.948 0.407   1.00 24.96 ? 211 HOH D O   1 
HETATM 1514 O  O   . HOH L 3 .  ? 2.978   -4.401  -0.194  1.00 13.16 ? 212 HOH D O   1 
HETATM 1515 O  O   . HOH L 3 .  ? 19.476  -20.380 -2.638  1.00 20.13 ? 213 HOH D O   1 
HETATM 1516 O  O   . HOH L 3 .  ? 10.718  -3.182  -7.490  1.00 13.85 ? 214 HOH D O   1 
HETATM 1517 O  O   . HOH L 3 .  ? 19.019  -19.562 -5.224  1.00 22.55 ? 215 HOH D O   1 
HETATM 1518 O  O   . HOH L 3 .  ? 15.697  -20.017 -7.275  1.00 26.90 ? 216 HOH D O   1 
HETATM 1519 O  O   . HOH L 3 .  ? 5.883   -8.655  -0.408  1.00 16.93 ? 217 HOH D O   1 
HETATM 1520 O  O   . HOH L 3 .  ? 6.067   -4.926  3.060   1.00 27.90 ? 218 HOH D O   1 
HETATM 1521 O  O   . HOH L 3 .  ? 17.953  -25.309 -4.009  1.00 25.97 ? 219 HOH D O   1 
HETATM 1522 O  O   . HOH L 3 .  ? 10.000  -13.093 1.949   1.00 32.41 ? 220 HOH D O   1 
HETATM 1523 O  O   . HOH L 3 .  ? 1.349   -9.728  -13.409 1.00 27.37 ? 221 HOH D O   1 
HETATM 1524 O  O   . HOH L 3 .  ? 11.582  -9.143  -15.021 1.00 20.66 ? 222 HOH D O   1 
HETATM 1525 O  O   . HOH L 3 .  ? 8.101   -3.549  -8.630  1.00 26.57 ? 223 HOH D O   1 
HETATM 1526 O  O   . HOH L 3 .  ? 13.180  -4.810  -4.865  1.00 25.45 ? 224 HOH D O   1 
HETATM 1527 O  O   . HOH L 3 .  ? -2.334  -15.802 -10.497 1.00 21.12 ? 225 HOH D O   1 
HETATM 1528 O  O   . HOH L 3 .  ? 4.170   -21.399 -13.195 1.00 18.96 ? 226 HOH D O   1 
HETATM 1529 O  O   . HOH L 3 .  ? 5.262   -6.092  -1.217  1.00 18.48 ? 227 HOH D O   1 
HETATM 1530 O  O   . HOH L 3 .  ? 5.096   -7.669  -11.829 1.00 31.24 ? 228 HOH D O   1 
HETATM 1531 O  O   . HOH L 3 .  ? 10.590  -27.373 -0.229  1.00 17.68 ? 229 HOH D O   1 
HETATM 1532 O  O   . HOH L 3 .  ? 12.007  -19.178 5.577   1.00 26.52 ? 230 HOH D O   1 
HETATM 1533 O  O   . HOH L 3 .  ? -2.713  -12.337 -3.874  1.00 22.74 ? 231 HOH D O   1 
HETATM 1534 O  O   . HOH L 3 .  ? 3.337   -15.237 5.091   1.00 20.99 ? 232 HOH D O   1 
HETATM 1535 O  O   . HOH L 3 .  ? 13.453  -8.472  -0.894  1.00 21.86 ? 233 HOH D O   1 
HETATM 1536 O  O   . HOH L 3 .  ? -1.519  -6.929  -8.317  1.00 31.28 ? 234 HOH D O   1 
HETATM 1537 O  O   . HOH L 3 .  ? -1.080  -15.546 -7.250  1.00 24.29 ? 235 HOH D O   1 
HETATM 1538 O  O   . HOH L 3 .  ? 16.561  -18.539 -9.361  1.00 31.84 ? 236 HOH D O   1 
HETATM 1539 O  O   . HOH L 3 .  ? 7.349   -4.492  -0.756  1.00 27.69 ? 237 HOH D O   1 
HETATM 1540 O  O   . HOH L 3 .  ? 8.353   -11.521 3.487   1.00 25.03 ? 238 HOH D O   1 
HETATM 1541 O  O   . HOH L 3 .  ? 5.540   -5.524  -13.829 1.00 31.66 ? 239 HOH D O   1 
HETATM 1542 O  O   . HOH L 3 .  ? 20.536  -19.116 -0.128  1.00 29.18 ? 240 HOH D O   1 
HETATM 1543 O  O   . HOH L 3 .  ? 5.995   -9.704  -9.817  1.00 30.35 ? 241 HOH D O   1 
HETATM 1544 O  O   . HOH L 3 .  ? 10.752  -2.068  -4.881  1.00 27.63 ? 242 HOH D O   1 
HETATM 1545 O  O   . HOH L 3 .  ? -1.898  -15.212 -3.567  1.00 33.74 ? 243 HOH D O   1 
HETATM 1546 O  O   . HOH L 3 .  ? 1.406   -20.851 -13.473 1.00 18.50 ? 244 HOH D O   1 
HETATM 1547 O  O   . HOH L 3 .  ? 5.514   -19.755 -15.055 1.00 20.42 ? 245 HOH D O   1 
HETATM 1548 O  O   . HOH L 3 .  ? 8.211   -28.875 -0.287  1.00 26.13 ? 246 HOH D O   1 
HETATM 1549 O  O   . HOH L 3 .  ? 4.045   -28.246 -0.610  1.00 34.11 ? 247 HOH D O   1 
HETATM 1550 O  O   . HOH L 3 .  ? 5.216   -18.086 8.622   1.00 26.99 ? 248 HOH D O   1 
# 
